data_6VMZ
#
_entry.id   6VMZ
#
_cell.length_a   72.710
_cell.length_b   126.083
_cell.length_c   249.639
_cell.angle_alpha   90.000
_cell.angle_beta   90.000
_cell.angle_gamma   90.000
#
_symmetry.space_group_name_H-M   'P 21 21 21'
#
loop_
_entity.id
_entity.type
_entity.pdbx_description
1 polymer Hemagglutinin
2 polymer Hemagglutinin
3 non-polymer 2-acetamido-2-deoxy-beta-D-glucopyranose
4 non-polymer 2,6-dichloro-N-[1-(propan-2-yl)piperidin-4-yl]benzamide
5 water water
#
loop_
_entity_poly.entity_id
_entity_poly.type
_entity_poly.pdbx_seq_one_letter_code
_entity_poly.pdbx_strand_id
1 'polypeptide(L)'
;ADPGDQICIGYHANNSTEQVDTIMEKNVTVTHAQDILEKKHNGKLCDLDGVKPLILRDCSVAGWLLGNPMCDEFINVPEW
SYIVEKANPVNDLCYPGDFNDYEELKHLLSRINHFEKIQIIPKSSWSSHEASLGVSSACPYQGKSSFFRNVVWLIKKNST
YPTIKRSYNNTNQEDLLVLWGIHHPNDAAEQTKLYQNPTTYISVGTSTLNQRLVPRIATRSKVNGQSGRMEFFWTILKPN
DAINFESNGNFIAPEYAYKIVKKGDSTIMKSELEYGNCNTKCQTPMGAINSSMPFHNIHPLTIGECPKYVKSNRLVLATG
LRNSPQRERRRKKR
;
A,C,E
2 'polypeptide(L)'
;GLFGAIAGFIEGGWQGMVDGWYGYHHSNEQGSGYAADKESTQKAIDGVTNKVNSIIDKMNTQFEAVGREFNNLERRIENL
NKKMEDGFLDVWTYNAELLVLMENERTLDFHDSNVKNLYDKVRLQLRDNAKELGNGCFEFYHKCDNECMESVRNGTYDYP
QYSEEARLKREEISGSRLVPR
;
B,D,F
#
# COMPACT_ATOMS: atom_id res chain seq x y z
N GLY A 4 17.92 -46.09 47.46
CA GLY A 4 18.18 -44.60 47.66
C GLY A 4 16.96 -43.74 47.37
N ASP A 5 16.83 -42.60 48.06
CA ASP A 5 15.76 -41.58 47.85
C ASP A 5 15.97 -40.87 46.49
N GLN A 6 14.90 -40.56 45.77
CA GLN A 6 14.94 -39.98 44.39
C GLN A 6 14.09 -38.70 44.31
N ILE A 7 14.60 -37.68 43.61
CA ILE A 7 13.78 -36.54 43.06
C ILE A 7 14.03 -36.49 41.56
N CYS A 8 12.95 -36.41 40.76
CA CYS A 8 12.98 -36.29 39.27
C CYS A 8 12.42 -34.94 38.82
N ILE A 9 12.99 -34.33 37.77
CA ILE A 9 12.44 -33.11 37.11
C ILE A 9 11.62 -33.55 35.90
N GLY A 10 10.43 -32.98 35.74
CA GLY A 10 9.55 -33.32 34.60
C GLY A 10 8.65 -32.17 34.16
N TYR A 11 7.75 -32.46 33.22
CA TYR A 11 6.88 -31.47 32.58
C TYR A 11 5.50 -32.09 32.28
N HIS A 12 4.51 -31.21 32.09
CA HIS A 12 3.08 -31.54 31.88
C HIS A 12 2.92 -32.31 30.56
N ALA A 13 2.00 -33.28 30.53
CA ALA A 13 1.41 -33.90 29.32
C ALA A 13 -0.09 -34.11 29.56
N ASN A 14 -0.89 -34.33 28.50
CA ASN A 14 -2.38 -34.44 28.65
C ASN A 14 -3.01 -35.12 27.42
N ASN A 15 -4.34 -35.11 27.37
CA ASN A 15 -5.19 -35.75 26.32
C ASN A 15 -5.42 -34.79 25.13
N SER A 16 -4.82 -33.59 25.12
CA SER A 16 -5.01 -32.54 24.07
C SER A 16 -4.60 -33.07 22.69
N THR A 17 -5.43 -32.77 21.68
CA THR A 17 -5.20 -33.12 20.26
C THR A 17 -4.91 -31.84 19.46
N GLU A 18 -4.91 -30.67 20.14
CA GLU A 18 -4.73 -29.32 19.51
C GLU A 18 -3.38 -29.28 18.80
N GLN A 19 -3.38 -28.87 17.53
CA GLN A 19 -2.21 -28.87 16.63
C GLN A 19 -1.82 -27.42 16.31
N VAL A 20 -0.53 -27.17 16.10
CA VAL A 20 0.01 -25.85 15.67
C VAL A 20 1.11 -26.10 14.63
N ASP A 21 1.49 -25.03 13.93
CA ASP A 21 2.52 -25.06 12.88
C ASP A 21 3.70 -24.19 13.34
N THR A 22 4.88 -24.54 12.84
CA THR A 22 6.16 -23.80 12.94
C THR A 22 6.78 -23.81 11.55
N ILE A 23 7.83 -23.02 11.31
CA ILE A 23 8.60 -23.00 10.03
C ILE A 23 9.01 -24.44 9.67
N MET A 24 9.62 -25.15 10.64
CA MET A 24 10.34 -26.43 10.40
C MET A 24 9.42 -27.64 10.56
N GLU A 25 8.23 -27.51 11.15
CA GLU A 25 7.35 -28.67 11.42
C GLU A 25 5.87 -28.27 11.39
N LYS A 26 5.06 -29.03 10.65
CA LYS A 26 3.58 -28.85 10.61
C LYS A 26 2.93 -29.83 11.58
N ASN A 27 1.71 -29.52 12.04
CA ASN A 27 0.80 -30.47 12.75
C ASN A 27 1.51 -31.01 14.01
N VAL A 28 2.05 -30.11 14.83
CA VAL A 28 2.69 -30.40 16.15
C VAL A 28 1.60 -30.37 17.22
N THR A 29 1.39 -31.50 17.90
CA THR A 29 0.40 -31.63 18.99
C THR A 29 1.00 -30.90 20.18
N VAL A 30 0.20 -30.12 20.91
CA VAL A 30 0.63 -29.35 22.09
C VAL A 30 -0.39 -29.57 23.21
N THR A 31 -0.06 -29.15 24.43
CA THR A 31 -0.88 -29.42 25.64
C THR A 31 -1.97 -28.35 25.75
N HIS A 32 -1.64 -27.13 25.31
CA HIS A 32 -2.54 -25.94 25.32
C HIS A 32 -2.24 -25.08 24.08
N ALA A 33 -3.26 -24.39 23.57
CA ALA A 33 -3.18 -23.51 22.38
C ALA A 33 -4.28 -22.44 22.48
N GLN A 34 -4.10 -21.32 21.77
CA GLN A 34 -5.15 -20.27 21.61
C GLN A 34 -5.44 -20.08 20.12
N ASP A 35 -6.62 -20.49 19.67
CA ASP A 35 -7.19 -20.12 18.34
C ASP A 35 -7.43 -18.60 18.37
N ILE A 36 -6.96 -17.85 17.35
CA ILE A 36 -7.11 -16.36 17.36
C ILE A 36 -7.93 -15.89 16.15
N LEU A 37 -8.54 -16.81 15.41
CA LEU A 37 -9.28 -16.56 14.15
C LEU A 37 -10.78 -16.86 14.33
N GLU A 38 -11.64 -15.84 14.29
CA GLU A 38 -13.12 -16.02 14.23
C GLU A 38 -13.52 -16.48 12.83
N LYS A 39 -14.28 -17.57 12.74
CA LYS A 39 -14.70 -18.15 11.42
C LYS A 39 -16.23 -18.16 11.30
N LYS A 40 -16.96 -17.77 12.34
CA LYS A 40 -18.44 -17.93 12.43
C LYS A 40 -19.12 -16.56 12.40
N HIS A 41 -20.29 -16.50 11.74
CA HIS A 41 -21.22 -15.34 11.71
C HIS A 41 -22.66 -15.87 11.75
N ASN A 42 -23.63 -14.99 12.01
CA ASN A 42 -25.05 -15.35 12.29
C ASN A 42 -25.90 -15.30 11.02
N GLY A 43 -25.31 -14.97 9.86
CA GLY A 43 -25.97 -15.02 8.54
C GLY A 43 -27.08 -13.98 8.36
N LYS A 44 -27.08 -12.89 9.14
CA LYS A 44 -28.18 -11.88 9.16
C LYS A 44 -27.65 -10.44 9.15
N LEU A 45 -28.49 -9.48 8.75
CA LEU A 45 -28.24 -8.03 8.89
C LEU A 45 -28.86 -7.52 10.18
N CYS A 46 -28.06 -6.89 11.03
CA CYS A 46 -28.45 -6.53 12.40
C CYS A 46 -28.35 -5.01 12.60
N ASP A 47 -29.06 -4.52 13.61
CA ASP A 47 -28.84 -3.19 14.22
C ASP A 47 -27.36 -3.13 14.62
N LEU A 48 -26.77 -1.94 14.59
CA LEU A 48 -25.38 -1.70 15.02
C LEU A 48 -25.43 -0.83 16.29
N ASP A 49 -25.05 -1.41 17.43
CA ASP A 49 -25.14 -0.77 18.78
C ASP A 49 -26.51 -0.10 18.95
N GLY A 50 -27.59 -0.82 18.61
CA GLY A 50 -28.99 -0.39 18.85
C GLY A 50 -29.62 0.44 17.72
N VAL A 51 -28.89 0.79 16.67
CA VAL A 51 -29.42 1.63 15.55
C VAL A 51 -29.64 0.75 14.30
N LYS A 52 -30.87 0.72 13.78
CA LYS A 52 -31.24 -0.12 12.61
C LYS A 52 -30.57 0.44 11.35
N PRO A 53 -30.15 -0.42 10.41
CA PRO A 53 -29.69 0.04 9.11
C PRO A 53 -30.87 0.46 8.21
N LEU A 54 -30.57 1.22 7.18
CA LEU A 54 -31.53 1.50 6.09
C LEU A 54 -31.34 0.39 5.04
N ILE A 55 -32.33 -0.48 4.88
CA ILE A 55 -32.29 -1.64 3.95
C ILE A 55 -33.15 -1.31 2.74
N LEU A 56 -32.52 -1.04 1.59
CA LEU A 56 -33.19 -0.43 0.42
C LEU A 56 -34.02 -1.47 -0.35
N ARG A 57 -33.99 -2.75 0.04
CA ARG A 57 -34.70 -3.86 -0.64
C ARG A 57 -34.37 -3.80 -2.14
N ASP A 58 -35.37 -3.51 -2.98
CA ASP A 58 -35.27 -3.59 -4.45
C ASP A 58 -34.97 -2.21 -5.03
N CYS A 59 -34.68 -1.21 -4.19
CA CYS A 59 -34.46 0.19 -4.63
C CYS A 59 -32.95 0.53 -4.64
N SER A 60 -32.50 1.28 -5.63
CA SER A 60 -31.14 1.85 -5.68
C SER A 60 -31.12 3.15 -4.88
N VAL A 61 -29.92 3.67 -4.57
CA VAL A 61 -29.79 4.98 -3.91
C VAL A 61 -30.50 6.05 -4.77
N ALA A 62 -30.34 5.98 -6.07
CA ALA A 62 -30.96 6.94 -7.03
C ALA A 62 -32.49 6.81 -6.92
N GLY A 63 -33.00 5.59 -6.98
CA GLY A 63 -34.45 5.30 -6.83
C GLY A 63 -34.99 5.96 -5.57
N TRP A 64 -34.27 5.81 -4.47
CA TRP A 64 -34.65 6.39 -3.16
C TRP A 64 -34.63 7.91 -3.26
N LEU A 65 -33.51 8.53 -3.69
CA LEU A 65 -33.33 9.98 -3.51
C LEU A 65 -34.19 10.75 -4.53
N LEU A 66 -34.36 10.23 -5.75
CA LEU A 66 -35.26 10.90 -6.76
C LEU A 66 -36.75 10.56 -6.45
N GLY A 67 -37.01 9.49 -5.69
CA GLY A 67 -38.38 9.05 -5.33
C GLY A 67 -39.06 8.30 -6.46
N ASN A 68 -38.42 7.27 -7.00
CA ASN A 68 -39.03 6.32 -7.94
C ASN A 68 -40.33 5.86 -7.25
N PRO A 69 -41.51 5.90 -7.91
CA PRO A 69 -42.77 5.58 -7.23
C PRO A 69 -42.84 4.18 -6.60
N MET A 70 -42.00 3.23 -7.05
CA MET A 70 -41.86 1.89 -6.43
C MET A 70 -41.05 1.97 -5.13
N CYS A 71 -40.56 3.14 -4.74
CA CYS A 71 -39.66 3.28 -3.58
C CYS A 71 -40.36 4.08 -2.47
N ASP A 72 -41.70 4.09 -2.44
CA ASP A 72 -42.52 4.84 -1.43
C ASP A 72 -42.23 4.35 -0.01
N GLU A 73 -41.76 3.12 0.18
CA GLU A 73 -41.35 2.66 1.54
C GLU A 73 -40.31 3.62 2.12
N PHE A 74 -39.49 4.29 1.30
CA PHE A 74 -38.35 5.15 1.74
C PHE A 74 -38.66 6.64 1.59
N ILE A 75 -39.94 7.00 1.52
CA ILE A 75 -40.34 8.43 1.34
C ILE A 75 -39.88 9.27 2.54
N ASN A 76 -39.77 8.66 3.74
CA ASN A 76 -39.43 9.34 5.02
C ASN A 76 -38.62 8.37 5.90
N VAL A 77 -37.29 8.37 5.87
CA VAL A 77 -36.50 7.32 6.56
C VAL A 77 -35.91 7.89 7.84
N PRO A 78 -35.96 7.12 8.95
CA PRO A 78 -35.31 7.56 10.18
C PRO A 78 -33.78 7.40 10.13
N GLU A 79 -33.10 7.95 11.14
CA GLU A 79 -31.63 7.83 11.33
C GLU A 79 -31.22 6.35 11.15
N TRP A 80 -30.12 6.12 10.44
CA TRP A 80 -29.60 4.77 10.14
C TRP A 80 -28.16 4.66 10.65
N SER A 81 -27.71 3.42 10.85
CA SER A 81 -26.31 3.06 11.22
C SER A 81 -25.50 2.82 9.94
N TYR A 82 -26.04 2.08 8.98
CA TYR A 82 -25.39 1.81 7.67
C TYR A 82 -26.47 1.58 6.61
N ILE A 83 -26.10 1.60 5.34
CA ILE A 83 -27.06 1.40 4.23
C ILE A 83 -26.76 0.05 3.57
N VAL A 84 -27.80 -0.68 3.16
CA VAL A 84 -27.66 -1.96 2.43
C VAL A 84 -28.40 -1.82 1.10
N GLU A 85 -27.67 -2.07 0.00
CA GLU A 85 -28.17 -2.01 -1.40
C GLU A 85 -27.85 -3.36 -2.04
N LYS A 86 -28.78 -3.93 -2.80
CA LYS A 86 -28.52 -5.15 -3.63
C LYS A 86 -27.53 -4.80 -4.74
N ALA A 87 -26.84 -5.82 -5.26
CA ALA A 87 -25.88 -5.70 -6.40
C ALA A 87 -26.59 -5.04 -7.60
N ASN A 88 -27.83 -5.47 -7.93
CA ASN A 88 -28.57 -5.00 -9.14
C ASN A 88 -30.02 -4.70 -8.78
N PRO A 89 -30.29 -3.57 -8.10
CA PRO A 89 -31.65 -3.25 -7.66
C PRO A 89 -32.58 -3.01 -8.87
N VAL A 90 -33.81 -3.54 -8.93
CA VAL A 90 -34.66 -3.41 -10.14
C VAL A 90 -35.29 -2.02 -10.20
N ASN A 91 -35.50 -1.34 -9.07
CA ASN A 91 -36.12 0.01 -9.00
C ASN A 91 -35.03 1.09 -8.97
N ASP A 92 -34.64 1.62 -10.13
CA ASP A 92 -33.53 2.60 -10.27
C ASP A 92 -34.11 3.82 -10.99
N LEU A 93 -33.58 4.19 -12.17
CA LEU A 93 -34.14 5.26 -13.01
C LEU A 93 -35.22 4.62 -13.88
N CYS A 94 -36.48 4.65 -13.43
CA CYS A 94 -37.65 4.08 -14.14
C CYS A 94 -37.75 4.71 -15.54
N TYR A 95 -37.66 6.04 -15.67
CA TYR A 95 -37.44 6.71 -16.97
C TYR A 95 -35.93 6.66 -17.24
N PRO A 96 -35.45 6.12 -18.37
CA PRO A 96 -34.02 5.86 -18.52
C PRO A 96 -33.21 7.18 -18.58
N GLY A 97 -31.93 7.09 -18.25
CA GLY A 97 -30.98 8.20 -18.43
C GLY A 97 -29.78 8.03 -17.53
N ASP A 98 -29.34 9.11 -16.91
CA ASP A 98 -28.02 9.16 -16.22
C ASP A 98 -28.18 10.01 -14.97
N PHE A 99 -27.39 9.69 -13.98
CA PHE A 99 -27.22 10.45 -12.73
C PHE A 99 -25.77 10.95 -12.68
N ASN A 100 -25.59 12.22 -12.92
CA ASN A 100 -24.25 12.88 -12.97
C ASN A 100 -23.53 12.74 -11.62
N ASP A 101 -22.23 12.41 -11.64
CA ASP A 101 -21.38 12.20 -10.44
C ASP A 101 -22.12 11.33 -9.40
N TYR A 102 -22.75 10.26 -9.82
CA TYR A 102 -23.51 9.32 -8.95
C TYR A 102 -22.56 8.71 -7.91
N GLU A 103 -21.36 8.29 -8.33
CA GLU A 103 -20.46 7.54 -7.40
C GLU A 103 -19.92 8.53 -6.38
N GLU A 104 -19.72 9.79 -6.74
CA GLU A 104 -19.28 10.82 -5.76
C GLU A 104 -20.46 11.04 -4.77
N LEU A 105 -21.72 11.01 -5.22
CA LEU A 105 -22.90 11.19 -4.32
C LEU A 105 -22.94 10.04 -3.32
N LYS A 106 -22.79 8.79 -3.79
CA LYS A 106 -22.80 7.60 -2.90
C LYS A 106 -21.67 7.72 -1.90
N HIS A 107 -20.51 8.22 -2.33
CA HIS A 107 -19.35 8.41 -1.42
C HIS A 107 -19.73 9.38 -0.30
N LEU A 108 -20.36 10.52 -0.60
CA LEU A 108 -20.87 11.47 0.43
C LEU A 108 -21.85 10.77 1.37
N LEU A 109 -22.74 9.95 0.83
CA LEU A 109 -23.81 9.24 1.60
C LEU A 109 -23.15 8.38 2.68
N SER A 110 -21.95 7.86 2.40
CA SER A 110 -21.18 6.98 3.32
C SER A 110 -20.77 7.73 4.58
N ARG A 111 -20.87 9.06 4.61
CA ARG A 111 -20.49 9.89 5.79
C ARG A 111 -21.75 10.54 6.40
N ILE A 112 -22.93 10.00 6.12
CA ILE A 112 -24.24 10.61 6.51
C ILE A 112 -25.11 9.53 7.17
N ASN A 113 -25.70 9.87 8.30
CA ASN A 113 -26.58 8.97 9.10
C ASN A 113 -28.05 9.42 9.05
N HIS A 114 -28.35 10.68 8.68
CA HIS A 114 -29.74 11.16 8.64
C HIS A 114 -29.93 12.36 7.70
N PHE A 115 -30.94 12.23 6.85
CA PHE A 115 -31.51 13.28 5.98
C PHE A 115 -32.90 13.62 6.51
N GLU A 116 -33.30 14.90 6.42
CA GLU A 116 -34.70 15.30 6.60
C GLU A 116 -35.13 15.96 5.29
N LYS A 117 -36.17 15.43 4.67
CA LYS A 117 -36.82 16.04 3.47
C LYS A 117 -37.31 17.47 3.78
N ILE A 118 -37.10 18.40 2.84
CA ILE A 118 -37.57 19.81 2.93
C ILE A 118 -38.09 20.26 1.55
N GLN A 119 -39.24 20.94 1.53
CA GLN A 119 -39.88 21.45 0.29
C GLN A 119 -39.16 22.74 -0.10
N ILE A 120 -38.42 22.76 -1.23
CA ILE A 120 -37.73 24.01 -1.65
C ILE A 120 -38.55 24.72 -2.73
N ILE A 121 -39.34 24.01 -3.54
CA ILE A 121 -40.24 24.67 -4.54
C ILE A 121 -41.61 23.97 -4.56
N PRO A 122 -42.67 24.59 -4.01
CA PRO A 122 -43.96 23.88 -3.89
C PRO A 122 -44.52 23.53 -5.27
N LYS A 123 -44.94 22.29 -5.45
CA LYS A 123 -45.62 21.80 -6.67
C LYS A 123 -46.78 22.76 -7.07
N SER A 124 -47.44 23.38 -6.10
CA SER A 124 -48.64 24.22 -6.32
C SER A 124 -48.26 25.61 -6.86
N SER A 125 -46.99 25.99 -6.87
CA SER A 125 -46.54 27.37 -7.22
C SER A 125 -46.30 27.52 -8.73
N TRP A 126 -46.60 26.50 -9.54
CA TRP A 126 -46.37 26.51 -11.00
C TRP A 126 -47.66 26.93 -11.72
N SER A 127 -47.95 28.22 -11.81
CA SER A 127 -49.28 28.71 -12.26
C SER A 127 -49.25 29.02 -13.77
N SER A 128 -48.08 29.32 -14.35
CA SER A 128 -47.86 29.53 -15.81
C SER A 128 -47.44 28.23 -16.54
N HIS A 129 -47.34 27.07 -15.86
CA HIS A 129 -46.92 25.81 -16.50
C HIS A 129 -47.84 24.67 -16.05
N GLU A 130 -47.97 23.61 -16.84
CA GLU A 130 -48.65 22.37 -16.39
C GLU A 130 -47.67 21.57 -15.53
N ALA A 131 -48.04 21.31 -14.27
CA ALA A 131 -47.21 20.59 -13.30
C ALA A 131 -47.70 19.15 -13.12
N SER A 132 -48.81 18.77 -13.76
CA SER A 132 -49.52 17.49 -13.50
C SER A 132 -49.57 16.59 -14.73
N LEU A 133 -48.90 16.95 -15.83
CA LEU A 133 -48.90 16.13 -17.08
C LEU A 133 -47.59 15.36 -17.22
N GLY A 134 -46.65 15.52 -16.27
CA GLY A 134 -45.27 15.00 -16.36
C GLY A 134 -45.19 13.57 -15.86
N VAL A 135 -45.86 12.66 -16.55
CA VAL A 135 -45.98 11.24 -16.14
C VAL A 135 -45.63 10.35 -17.34
N SER A 136 -45.21 9.11 -17.09
CA SER A 136 -44.76 8.19 -18.15
C SER A 136 -45.21 6.78 -17.79
N SER A 137 -45.46 5.96 -18.81
CA SER A 137 -45.69 4.51 -18.66
C SER A 137 -44.37 3.82 -18.25
N ALA A 138 -43.22 4.47 -18.39
CA ALA A 138 -41.92 3.94 -17.89
C ALA A 138 -41.92 3.94 -16.35
N CYS A 139 -42.70 4.81 -15.68
CA CYS A 139 -42.67 4.97 -14.21
C CYS A 139 -44.05 4.66 -13.63
N PRO A 140 -44.53 3.41 -13.72
CA PRO A 140 -45.86 3.05 -13.22
C PRO A 140 -45.98 3.07 -11.70
N TYR A 141 -47.14 3.50 -11.21
CA TYR A 141 -47.61 3.34 -9.80
C TYR A 141 -49.05 2.82 -9.84
N GLN A 142 -49.27 1.60 -9.33
CA GLN A 142 -50.60 0.94 -9.26
C GLN A 142 -51.26 0.95 -10.64
N GLY A 143 -50.54 0.46 -11.67
CA GLY A 143 -51.02 0.34 -13.06
C GLY A 143 -51.29 1.66 -13.78
N LYS A 144 -51.01 2.82 -13.17
CA LYS A 144 -51.16 4.15 -13.82
C LYS A 144 -49.79 4.82 -14.03
N SER A 145 -49.62 5.50 -15.17
CA SER A 145 -48.43 6.33 -15.48
C SER A 145 -48.13 7.29 -14.33
N SER A 146 -46.87 7.35 -13.89
CA SER A 146 -46.42 8.23 -12.78
C SER A 146 -45.01 8.80 -13.09
N PHE A 147 -44.28 9.26 -12.06
CA PHE A 147 -42.95 9.89 -12.19
C PHE A 147 -42.26 9.97 -10.81
N PHE A 148 -40.94 10.20 -10.84
CA PHE A 148 -40.13 10.48 -9.64
C PHE A 148 -40.91 11.48 -8.76
N ARG A 149 -41.01 11.27 -7.46
CA ARG A 149 -41.86 12.09 -6.56
C ARG A 149 -41.15 13.35 -6.07
N ASN A 150 -39.83 13.44 -6.12
CA ASN A 150 -39.09 14.54 -5.43
C ASN A 150 -38.81 15.69 -6.41
N VAL A 151 -39.11 15.49 -7.68
CA VAL A 151 -38.91 16.47 -8.77
C VAL A 151 -40.18 16.51 -9.62
N VAL A 152 -40.34 17.56 -10.44
CA VAL A 152 -41.58 17.82 -11.22
C VAL A 152 -41.20 17.99 -12.69
N TRP A 153 -41.76 17.17 -13.56
CA TRP A 153 -41.59 17.30 -15.02
C TRP A 153 -42.57 18.36 -15.56
N LEU A 154 -42.13 19.59 -15.77
CA LEU A 154 -42.99 20.72 -16.18
C LEU A 154 -43.23 20.66 -17.69
N ILE A 155 -44.46 20.95 -18.08
CA ILE A 155 -44.94 20.93 -19.49
C ILE A 155 -45.53 22.30 -19.84
N LYS A 156 -45.53 22.66 -21.12
CA LYS A 156 -46.17 23.92 -21.63
C LYS A 156 -47.65 23.95 -21.22
N LYS A 157 -48.18 25.14 -21.00
CA LYS A 157 -49.60 25.41 -20.69
C LYS A 157 -50.18 26.26 -21.82
N ASN A 158 -51.25 25.81 -22.47
CA ASN A 158 -51.95 26.61 -23.49
C ASN A 158 -50.91 27.09 -24.53
N SER A 159 -50.14 26.15 -25.07
CA SER A 159 -49.13 26.34 -26.15
C SER A 159 -48.08 27.41 -25.80
N THR A 160 -47.79 27.65 -24.51
CA THR A 160 -46.73 28.59 -24.05
C THR A 160 -45.93 28.00 -22.88
N TYR A 161 -44.64 28.33 -22.83
CA TYR A 161 -43.68 27.96 -21.76
C TYR A 161 -42.90 29.23 -21.46
N PRO A 162 -43.43 30.10 -20.56
CA PRO A 162 -42.69 31.27 -20.12
C PRO A 162 -41.41 30.87 -19.38
N THR A 163 -40.45 31.79 -19.35
CA THR A 163 -39.15 31.63 -18.69
C THR A 163 -39.40 31.51 -17.18
N ILE A 164 -38.93 30.43 -16.59
CA ILE A 164 -38.98 30.15 -15.12
C ILE A 164 -37.83 30.88 -14.45
N LYS A 165 -38.10 31.60 -13.37
CA LYS A 165 -37.06 32.15 -12.44
C LYS A 165 -37.47 31.79 -11.01
N ARG A 166 -36.73 30.88 -10.37
CA ARG A 166 -36.99 30.41 -8.99
C ARG A 166 -35.70 30.36 -8.19
N SER A 167 -35.79 30.83 -6.95
CA SER A 167 -34.71 30.91 -5.96
C SER A 167 -35.13 30.21 -4.69
N TYR A 168 -34.17 29.65 -3.96
CA TYR A 168 -34.39 29.16 -2.59
C TYR A 168 -33.14 29.48 -1.78
N ASN A 169 -33.35 30.10 -0.60
CA ASN A 169 -32.28 30.52 0.32
C ASN A 169 -32.23 29.47 1.44
N ASN A 170 -31.07 28.86 1.67
CA ASN A 170 -30.90 27.86 2.76
C ASN A 170 -30.83 28.60 4.11
N THR A 171 -32.00 28.80 4.75
CA THR A 171 -32.13 29.49 6.07
C THR A 171 -31.91 28.49 7.21
N ASN A 172 -31.44 27.28 6.92
CA ASN A 172 -31.18 26.21 7.92
C ASN A 172 -29.70 26.24 8.34
N GLN A 173 -29.38 25.59 9.45
CA GLN A 173 -28.00 25.49 10.01
C GLN A 173 -27.22 24.39 9.28
N GLU A 174 -27.90 23.55 8.47
CA GLU A 174 -27.34 22.35 7.82
C GLU A 174 -27.17 22.54 6.30
N ASP A 175 -26.19 21.84 5.73
CA ASP A 175 -26.06 21.67 4.25
C ASP A 175 -27.34 21.02 3.71
N LEU A 176 -27.72 21.42 2.50
CA LEU A 176 -28.83 20.81 1.72
C LEU A 176 -28.28 20.07 0.49
N LEU A 177 -28.69 18.83 0.31
CA LEU A 177 -28.54 18.13 -0.99
C LEU A 177 -29.73 18.50 -1.88
N VAL A 178 -29.49 19.13 -3.02
CA VAL A 178 -30.55 19.55 -3.98
C VAL A 178 -30.37 18.77 -5.29
N LEU A 179 -31.47 18.25 -5.84
CA LEU A 179 -31.55 17.42 -7.07
C LEU A 179 -32.48 18.08 -8.09
N TRP A 180 -32.06 18.09 -9.36
CA TRP A 180 -32.82 18.54 -10.54
C TRP A 180 -32.40 17.74 -11.77
N GLY A 181 -33.02 18.01 -12.90
CA GLY A 181 -32.81 17.21 -14.11
C GLY A 181 -33.17 17.96 -15.37
N ILE A 182 -32.78 17.37 -16.50
CA ILE A 182 -33.09 17.86 -17.86
C ILE A 182 -33.63 16.68 -18.65
N HIS A 183 -34.57 16.96 -19.55
CA HIS A 183 -35.15 15.97 -20.49
C HIS A 183 -34.50 16.15 -21.86
N HIS A 184 -33.88 15.09 -22.36
CA HIS A 184 -33.32 15.00 -23.73
C HIS A 184 -34.37 14.29 -24.59
N PRO A 185 -35.14 15.02 -25.42
CA PRO A 185 -36.17 14.39 -26.25
C PRO A 185 -35.62 13.69 -27.50
N ASN A 186 -36.52 13.03 -28.22
CA ASN A 186 -36.23 12.21 -29.42
C ASN A 186 -36.05 13.09 -30.66
N ASP A 187 -36.79 14.20 -30.81
CA ASP A 187 -36.81 14.99 -32.08
C ASP A 187 -37.38 16.39 -31.85
N ALA A 188 -37.23 17.25 -32.86
CA ALA A 188 -37.67 18.67 -32.84
C ALA A 188 -39.19 18.75 -32.67
N ALA A 189 -39.93 17.77 -33.20
CA ALA A 189 -41.41 17.68 -33.08
C ALA A 189 -41.79 17.46 -31.62
N GLU A 190 -41.13 16.50 -30.95
CA GLU A 190 -41.37 16.22 -29.50
C GLU A 190 -41.02 17.48 -28.71
N GLN A 191 -39.92 18.16 -29.07
CA GLN A 191 -39.48 19.36 -28.33
C GLN A 191 -40.65 20.34 -28.34
N THR A 192 -41.17 20.64 -29.53
CA THR A 192 -42.29 21.61 -29.76
C THR A 192 -43.51 21.14 -28.97
N LYS A 193 -43.87 19.87 -29.09
CA LYS A 193 -45.10 19.32 -28.47
C LYS A 193 -45.06 19.54 -26.95
N LEU A 194 -43.91 19.30 -26.30
CA LEU A 194 -43.79 19.31 -24.82
C LEU A 194 -43.54 20.73 -24.32
N TYR A 195 -42.66 21.50 -24.99
CA TYR A 195 -42.07 22.74 -24.40
C TYR A 195 -42.29 23.97 -25.29
N GLN A 196 -42.82 23.83 -26.51
CA GLN A 196 -43.07 24.94 -27.47
C GLN A 196 -41.74 25.56 -27.95
N ASN A 197 -40.93 26.13 -27.05
CA ASN A 197 -39.66 26.79 -27.42
C ASN A 197 -38.72 25.77 -28.06
N PRO A 198 -38.14 26.05 -29.25
CA PRO A 198 -37.25 25.08 -29.90
C PRO A 198 -35.81 25.05 -29.33
N THR A 199 -35.31 26.19 -28.83
CA THR A 199 -33.92 26.34 -28.31
C THR A 199 -33.97 26.67 -26.82
N THR A 200 -33.59 25.74 -25.94
CA THR A 200 -33.87 25.81 -24.49
C THR A 200 -32.60 25.57 -23.69
N TYR A 201 -32.66 25.97 -22.43
CA TYR A 201 -31.57 25.87 -21.44
C TYR A 201 -32.15 25.75 -20.03
N ILE A 202 -31.28 25.30 -19.11
CA ILE A 202 -31.48 25.37 -17.65
C ILE A 202 -30.21 25.98 -17.07
N SER A 203 -30.29 27.14 -16.44
CA SER A 203 -29.16 27.76 -15.71
C SER A 203 -29.37 27.52 -14.22
N VAL A 204 -28.30 27.18 -13.51
CA VAL A 204 -28.31 26.93 -12.05
C VAL A 204 -27.05 27.55 -11.45
N GLY A 205 -27.23 28.45 -10.49
CA GLY A 205 -26.16 29.18 -9.79
C GLY A 205 -26.30 29.16 -8.29
N THR A 206 -25.16 29.01 -7.61
CA THR A 206 -25.03 29.23 -6.14
C THR A 206 -23.79 30.11 -5.96
N SER A 207 -23.18 30.09 -4.78
CA SER A 207 -21.92 30.83 -4.53
C SER A 207 -20.79 30.14 -5.29
N THR A 208 -20.89 28.83 -5.55
CA THR A 208 -19.85 28.02 -6.23
C THR A 208 -20.34 27.44 -7.57
N LEU A 209 -21.63 27.20 -7.74
CA LEU A 209 -22.12 26.48 -8.94
C LEU A 209 -22.42 27.49 -10.04
N ASN A 210 -22.05 27.14 -11.28
CA ASN A 210 -22.21 28.00 -12.47
C ASN A 210 -22.52 27.12 -13.68
N GLN A 211 -23.74 26.63 -13.76
CA GLN A 211 -24.14 25.59 -14.71
C GLN A 211 -25.15 26.14 -15.72
N ARG A 212 -24.96 25.80 -16.99
CA ARG A 212 -25.96 26.02 -18.06
CA ARG A 212 -25.97 26.03 -18.06
C ARG A 212 -26.10 24.72 -18.85
N LEU A 213 -27.24 24.05 -18.72
CA LEU A 213 -27.54 22.75 -19.38
C LEU A 213 -28.33 23.00 -20.65
N VAL A 214 -27.99 22.27 -21.71
CA VAL A 214 -28.71 22.32 -23.01
C VAL A 214 -29.15 20.91 -23.33
N PRO A 215 -30.41 20.69 -23.77
CA PRO A 215 -30.83 19.38 -24.21
C PRO A 215 -30.09 18.97 -25.50
N ARG A 216 -29.92 17.67 -25.70
CA ARG A 216 -29.27 17.03 -26.86
C ARG A 216 -30.30 16.12 -27.54
N ILE A 217 -30.60 16.37 -28.81
CA ILE A 217 -31.42 15.44 -29.63
C ILE A 217 -30.45 14.44 -30.27
N ALA A 218 -30.76 13.16 -30.11
CA ALA A 218 -30.06 12.03 -30.72
C ALA A 218 -31.08 10.90 -30.88
N THR A 219 -30.83 9.98 -31.80
CA THR A 219 -31.76 8.86 -32.12
C THR A 219 -31.32 7.70 -31.24
N ARG A 220 -32.13 7.23 -30.31
CA ARG A 220 -31.68 6.26 -29.27
C ARG A 220 -32.55 5.01 -29.27
N SER A 221 -31.98 3.89 -28.85
CA SER A 221 -32.74 2.63 -28.59
C SER A 221 -33.74 2.89 -27.45
N LYS A 222 -34.90 2.23 -27.52
CA LYS A 222 -35.92 2.27 -26.44
C LYS A 222 -35.35 1.54 -25.22
N VAL A 223 -35.46 2.16 -24.04
CA VAL A 223 -35.24 1.50 -22.73
C VAL A 223 -36.50 1.74 -21.88
N ASN A 224 -37.07 0.69 -21.29
CA ASN A 224 -38.39 0.75 -20.60
C ASN A 224 -39.38 1.48 -21.52
N GLY A 225 -39.31 1.24 -22.84
CA GLY A 225 -40.26 1.77 -23.83
C GLY A 225 -39.97 3.20 -24.24
N GLN A 226 -38.88 3.83 -23.77
CA GLN A 226 -38.59 5.26 -24.05
C GLN A 226 -37.28 5.42 -24.84
N SER A 227 -37.29 6.33 -25.80
CA SER A 227 -36.08 6.78 -26.54
C SER A 227 -35.55 8.10 -25.98
N GLY A 228 -36.37 8.86 -25.26
CA GLY A 228 -35.93 10.05 -24.49
C GLY A 228 -35.04 9.62 -23.34
N ARG A 229 -34.32 10.56 -22.73
CA ARG A 229 -33.47 10.31 -21.54
C ARG A 229 -33.65 11.49 -20.56
N MET A 230 -33.66 11.19 -19.26
CA MET A 230 -33.59 12.16 -18.14
C MET A 230 -32.15 12.16 -17.60
N GLU A 231 -31.56 13.32 -17.40
CA GLU A 231 -30.18 13.43 -16.85
C GLU A 231 -30.27 14.27 -15.57
N PHE A 232 -29.88 13.69 -14.43
CA PHE A 232 -30.03 14.31 -13.10
C PHE A 232 -28.68 14.83 -12.60
N PHE A 233 -28.76 15.92 -11.85
CA PHE A 233 -27.62 16.70 -11.32
C PHE A 233 -27.92 17.00 -9.87
N TRP A 234 -26.87 17.25 -9.10
CA TRP A 234 -27.00 17.57 -7.68
C TRP A 234 -25.94 18.59 -7.25
N THR A 235 -26.16 19.24 -6.13
CA THR A 235 -25.18 20.11 -5.47
C THR A 235 -25.44 20.11 -3.97
N ILE A 236 -24.44 20.54 -3.21
CA ILE A 236 -24.60 20.82 -1.75
C ILE A 236 -24.77 22.32 -1.61
N LEU A 237 -25.91 22.77 -1.07
CA LEU A 237 -26.20 24.19 -0.83
C LEU A 237 -25.86 24.50 0.64
N LYS A 238 -24.81 25.26 0.88
CA LYS A 238 -24.32 25.60 2.25
C LYS A 238 -25.30 26.51 2.96
N PRO A 239 -25.28 26.54 4.32
CA PRO A 239 -26.09 27.49 5.09
C PRO A 239 -25.91 28.92 4.61
N ASN A 240 -27.02 29.64 4.46
CA ASN A 240 -27.03 31.07 4.10
C ASN A 240 -26.72 31.30 2.62
N ASP A 241 -26.36 30.28 1.83
CA ASP A 241 -26.24 30.47 0.36
C ASP A 241 -27.62 30.26 -0.27
N ALA A 242 -27.81 30.68 -1.51
CA ALA A 242 -29.06 30.57 -2.27
C ALA A 242 -28.77 29.82 -3.56
N ILE A 243 -29.73 29.04 -4.05
CA ILE A 243 -29.70 28.44 -5.41
C ILE A 243 -30.74 29.17 -6.28
N ASN A 244 -30.35 29.53 -7.50
CA ASN A 244 -31.22 30.21 -8.48
C ASN A 244 -31.32 29.35 -9.75
N PHE A 245 -32.54 29.03 -10.18
CA PHE A 245 -32.85 28.26 -11.41
C PHE A 245 -33.54 29.19 -12.41
N GLU A 246 -33.16 29.07 -13.67
CA GLU A 246 -33.83 29.74 -14.81
C GLU A 246 -33.95 28.71 -15.93
N SER A 247 -35.13 28.59 -16.55
CA SER A 247 -35.32 27.68 -17.72
C SER A 247 -36.47 28.12 -18.63
N ASN A 248 -36.32 27.90 -19.93
CA ASN A 248 -37.42 28.04 -20.92
C ASN A 248 -37.79 26.65 -21.48
N GLY A 249 -37.47 25.55 -20.78
CA GLY A 249 -37.92 24.21 -21.19
C GLY A 249 -37.06 23.04 -20.71
N ASN A 250 -37.59 21.82 -20.79
CA ASN A 250 -36.86 20.55 -20.59
C ASN A 250 -36.44 20.45 -19.11
N PHE A 251 -36.98 21.29 -18.23
CA PHE A 251 -36.62 21.37 -16.78
C PHE A 251 -37.40 20.35 -15.96
N ILE A 252 -36.66 19.46 -15.27
CA ILE A 252 -37.17 18.55 -14.22
C ILE A 252 -36.84 19.23 -12.89
N ALA A 253 -37.79 19.97 -12.35
CA ALA A 253 -37.55 20.98 -11.31
C ALA A 253 -37.58 20.30 -9.96
N PRO A 254 -36.79 20.77 -8.97
CA PRO A 254 -36.90 20.23 -7.63
C PRO A 254 -38.30 20.55 -7.11
N GLU A 255 -38.86 19.68 -6.26
CA GLU A 255 -39.83 20.10 -5.22
C GLU A 255 -39.19 19.87 -3.84
N TYR A 256 -38.74 18.64 -3.55
CA TYR A 256 -38.09 18.30 -2.27
C TYR A 256 -36.57 18.16 -2.45
N ALA A 257 -35.83 18.64 -1.45
CA ALA A 257 -34.37 18.47 -1.23
C ALA A 257 -34.16 17.81 0.15
N TYR A 258 -32.90 17.51 0.50
CA TYR A 258 -32.56 16.81 1.76
C TYR A 258 -31.64 17.66 2.64
N LYS A 259 -32.08 17.97 3.86
CA LYS A 259 -31.21 18.55 4.93
C LYS A 259 -30.29 17.43 5.44
N ILE A 260 -29.01 17.73 5.57
CA ILE A 260 -28.04 16.77 6.15
C ILE A 260 -27.93 17.06 7.65
N VAL A 261 -28.64 16.27 8.46
CA VAL A 261 -28.88 16.60 9.89
C VAL A 261 -27.92 15.80 10.79
N LYS A 262 -27.34 14.69 10.31
CA LYS A 262 -26.38 13.89 11.11
C LYS A 262 -25.30 13.28 10.19
N LYS A 263 -24.04 13.66 10.41
CA LYS A 263 -22.86 13.04 9.73
C LYS A 263 -22.15 12.12 10.73
N GLY A 264 -21.46 11.09 10.22
CA GLY A 264 -20.75 10.13 11.08
C GLY A 264 -20.26 8.95 10.27
N ASP A 265 -19.83 7.89 10.98
CA ASP A 265 -19.39 6.63 10.37
C ASP A 265 -20.65 5.93 9.82
N SER A 266 -20.60 5.59 8.55
CA SER A 266 -21.64 4.82 7.84
C SER A 266 -20.94 4.13 6.68
N THR A 267 -21.66 3.37 5.89
CA THR A 267 -21.12 2.70 4.71
C THR A 267 -22.33 2.33 3.86
N ILE A 268 -22.09 2.13 2.56
CA ILE A 268 -23.08 1.44 1.69
C ILE A 268 -22.57 0.03 1.47
N MET A 269 -23.25 -0.93 2.05
CA MET A 269 -22.88 -2.36 2.06
C MET A 269 -23.70 -3.07 0.97
N LYS A 270 -23.04 -3.77 0.06
CA LYS A 270 -23.66 -4.63 -0.98
C LYS A 270 -23.96 -6.01 -0.36
N SER A 271 -25.24 -6.36 -0.20
CA SER A 271 -25.70 -7.65 0.33
C SER A 271 -27.10 -7.96 -0.21
N GLU A 272 -27.38 -9.25 -0.45
CA GLU A 272 -28.71 -9.73 -0.88
C GLU A 272 -29.57 -10.08 0.34
N LEU A 273 -29.03 -10.00 1.54
CA LEU A 273 -29.74 -10.43 2.77
C LEU A 273 -30.77 -9.37 3.13
N GLU A 274 -31.74 -9.75 3.98
CA GLU A 274 -32.77 -8.83 4.53
C GLU A 274 -32.52 -8.73 6.04
N TYR A 275 -33.28 -7.87 6.71
CA TYR A 275 -33.20 -7.57 8.16
C TYR A 275 -33.43 -8.83 9.00
N GLY A 276 -32.77 -8.96 10.15
CA GLY A 276 -32.83 -10.16 11.00
C GLY A 276 -33.21 -9.88 12.45
N ASN A 277 -33.66 -8.67 12.76
CA ASN A 277 -34.24 -8.34 14.10
C ASN A 277 -33.24 -8.74 15.20
N CYS A 278 -31.98 -8.36 15.03
CA CYS A 278 -30.85 -8.67 15.93
C CYS A 278 -30.08 -7.38 16.20
N ASN A 279 -29.20 -7.41 17.20
CA ASN A 279 -28.24 -6.33 17.53
C ASN A 279 -26.84 -6.94 17.47
N THR A 280 -25.83 -6.16 17.08
CA THR A 280 -24.40 -6.56 16.98
C THR A 280 -23.53 -5.34 17.22
N LYS A 281 -22.25 -5.54 17.50
CA LYS A 281 -21.22 -4.45 17.52
C LYS A 281 -20.43 -4.50 16.20
N CYS A 282 -20.61 -5.52 15.37
CA CYS A 282 -19.79 -5.76 14.14
C CYS A 282 -20.64 -6.48 13.09
N GLN A 283 -20.82 -5.84 11.93
CA GLN A 283 -21.62 -6.36 10.80
C GLN A 283 -20.73 -6.54 9.56
N THR A 284 -20.93 -7.64 8.83
CA THR A 284 -20.35 -7.89 7.49
C THR A 284 -21.51 -8.10 6.54
N PRO A 285 -21.27 -7.98 5.23
CA PRO A 285 -22.29 -8.26 4.21
C PRO A 285 -22.85 -9.69 4.22
N MET A 286 -22.11 -10.64 4.82
CA MET A 286 -22.54 -12.07 4.88
C MET A 286 -23.19 -12.39 6.23
N GLY A 287 -23.04 -11.53 7.23
CA GLY A 287 -23.59 -11.78 8.57
C GLY A 287 -22.84 -11.00 9.65
N ALA A 288 -23.41 -10.94 10.86
CA ALA A 288 -22.83 -10.23 12.03
C ALA A 288 -21.87 -11.16 12.79
N ILE A 289 -20.96 -10.57 13.56
CA ILE A 289 -19.87 -11.25 14.31
C ILE A 289 -20.03 -10.86 15.77
N ASN A 290 -20.00 -11.85 16.66
CA ASN A 290 -19.95 -11.67 18.14
C ASN A 290 -18.77 -12.50 18.64
N SER A 291 -17.66 -11.84 18.97
CA SER A 291 -16.35 -12.51 19.19
C SER A 291 -15.40 -11.61 19.98
N SER A 292 -14.51 -12.20 20.77
CA SER A 292 -13.34 -11.51 21.39
C SER A 292 -12.06 -11.87 20.62
N MET A 293 -12.15 -12.73 19.63
CA MET A 293 -11.00 -13.13 18.77
C MET A 293 -10.42 -11.88 18.11
N PRO A 294 -9.09 -11.73 18.03
CA PRO A 294 -8.51 -10.56 17.37
C PRO A 294 -8.55 -10.56 15.83
N PHE A 295 -8.73 -11.71 15.17
CA PHE A 295 -8.83 -11.84 13.70
C PHE A 295 -10.13 -12.54 13.30
N HIS A 296 -10.54 -12.37 12.03
CA HIS A 296 -11.64 -13.11 11.38
C HIS A 296 -11.32 -13.25 9.90
N ASN A 297 -11.96 -14.21 9.22
CA ASN A 297 -11.80 -14.44 7.77
C ASN A 297 -13.17 -14.39 7.07
N ILE A 298 -14.16 -13.69 7.61
CA ILE A 298 -15.56 -13.71 7.05
C ILE A 298 -15.60 -12.94 5.74
N HIS A 299 -15.24 -11.65 5.77
CA HIS A 299 -15.30 -10.71 4.61
C HIS A 299 -14.48 -9.47 4.95
N PRO A 300 -13.75 -8.89 3.98
CA PRO A 300 -12.96 -7.69 4.24
C PRO A 300 -13.76 -6.41 4.58
N LEU A 301 -15.00 -6.26 4.10
CA LEU A 301 -15.74 -4.97 4.21
C LEU A 301 -16.71 -5.05 5.39
N THR A 302 -16.28 -4.62 6.55
CA THR A 302 -17.05 -4.72 7.82
C THR A 302 -17.31 -3.31 8.31
N ILE A 303 -18.20 -3.16 9.30
CA ILE A 303 -18.41 -1.89 10.04
C ILE A 303 -18.69 -2.25 11.49
N GLY A 304 -18.22 -1.42 12.41
CA GLY A 304 -18.40 -1.55 13.87
C GLY A 304 -17.08 -1.89 14.54
N GLU A 305 -17.11 -2.34 15.79
CA GLU A 305 -15.91 -2.79 16.56
C GLU A 305 -15.63 -4.24 16.16
N CYS A 306 -14.74 -4.45 15.18
CA CYS A 306 -14.55 -5.74 14.50
C CYS A 306 -13.15 -6.28 14.76
N PRO A 307 -12.97 -7.61 14.74
CA PRO A 307 -11.65 -8.20 14.61
C PRO A 307 -11.05 -7.74 13.27
N LYS A 308 -9.73 -7.87 13.13
CA LYS A 308 -8.99 -7.53 11.89
C LYS A 308 -9.12 -8.69 10.90
N TYR A 309 -9.43 -8.40 9.64
CA TYR A 309 -9.64 -9.41 8.58
C TYR A 309 -8.29 -9.98 8.09
N VAL A 310 -8.23 -11.30 7.88
CA VAL A 310 -7.10 -11.96 7.17
C VAL A 310 -7.67 -13.04 6.26
N LYS A 311 -6.91 -13.46 5.25
CA LYS A 311 -7.36 -14.47 4.26
C LYS A 311 -7.14 -15.91 4.76
N SER A 312 -6.59 -16.10 5.97
CA SER A 312 -6.21 -17.43 6.53
C SER A 312 -7.43 -18.31 6.78
N ASN A 313 -7.29 -19.62 6.57
CA ASN A 313 -8.25 -20.66 7.02
C ASN A 313 -7.98 -21.07 8.48
N ARG A 314 -6.78 -20.83 9.01
CA ARG A 314 -6.31 -21.36 10.33
C ARG A 314 -5.28 -20.41 10.96
N LEU A 315 -5.48 -19.98 12.22
CA LEU A 315 -4.46 -19.23 13.00
C LEU A 315 -4.51 -19.67 14.48
N VAL A 316 -3.54 -20.48 14.92
CA VAL A 316 -3.47 -21.04 16.29
C VAL A 316 -2.07 -20.77 16.88
N LEU A 317 -2.04 -20.07 18.01
CA LEU A 317 -0.83 -19.79 18.81
C LEU A 317 -0.60 -20.95 19.80
N ALA A 318 0.61 -21.51 19.82
CA ALA A 318 1.09 -22.39 20.91
C ALA A 318 1.17 -21.58 22.22
N THR A 319 0.54 -22.06 23.28
CA THR A 319 0.73 -21.55 24.66
C THR A 319 1.51 -22.58 25.50
N GLY A 320 1.13 -23.86 25.46
CA GLY A 320 1.73 -24.95 26.24
C GLY A 320 2.86 -25.66 25.50
N LEU A 321 3.12 -26.92 25.88
CA LEU A 321 4.35 -27.69 25.53
C LEU A 321 4.03 -28.66 24.39
N ARG A 322 5.05 -29.17 23.72
CA ARG A 322 4.93 -30.36 22.84
C ARG A 322 4.33 -31.52 23.65
N ASN A 323 3.40 -32.33 23.10
CA ASN A 323 2.73 -33.46 23.84
C ASN A 323 3.45 -34.79 23.58
N GLY B 4 40.28 -21.76 50.52
CA GLY B 4 40.80 -22.06 49.12
C GLY B 4 40.71 -20.86 48.20
N ASP B 5 41.58 -20.82 47.17
CA ASP B 5 41.60 -19.75 46.12
C ASP B 5 40.37 -19.92 45.21
N GLN B 6 39.80 -18.81 44.73
CA GLN B 6 38.56 -18.79 43.91
C GLN B 6 38.79 -18.02 42.59
N ILE B 7 38.26 -18.54 41.49
CA ILE B 7 37.97 -17.76 40.25
C ILE B 7 36.45 -17.83 40.00
N CYS B 8 35.82 -16.68 39.80
CA CYS B 8 34.37 -16.53 39.48
C CYS B 8 34.18 -15.96 38.08
N ILE B 9 33.19 -16.47 37.33
CA ILE B 9 32.71 -15.86 36.05
C ILE B 9 31.51 -14.96 36.38
N GLY B 10 31.50 -13.76 35.80
CA GLY B 10 30.40 -12.79 35.96
C GLY B 10 30.28 -11.86 34.76
N TYR B 11 29.43 -10.84 34.90
CA TYR B 11 29.07 -9.94 33.77
C TYR B 11 28.85 -8.53 34.31
N HIS B 12 28.91 -7.54 33.40
CA HIS B 12 28.83 -6.09 33.67
C HIS B 12 27.46 -5.74 34.28
N ALA B 13 27.46 -4.80 35.23
CA ALA B 13 26.27 -4.06 35.71
C ALA B 13 26.67 -2.59 35.92
N ASN B 14 25.69 -1.68 36.01
CA ASN B 14 25.95 -0.22 36.08
C ASN B 14 24.72 0.52 36.61
N ASN B 15 24.76 1.85 36.57
CA ASN B 15 23.69 2.76 37.10
C ASN B 15 22.70 3.12 35.98
N SER B 16 22.76 2.45 34.82
CA SER B 16 21.87 2.70 33.65
C SER B 16 20.41 2.42 34.05
N THR B 17 19.52 3.33 33.64
CA THR B 17 18.06 3.26 33.85
C THR B 17 17.36 3.02 32.50
N GLU B 18 18.14 2.94 31.40
CA GLU B 18 17.65 2.78 30.01
C GLU B 18 16.83 1.49 29.91
N GLN B 19 15.61 1.58 29.38
CA GLN B 19 14.62 0.49 29.31
C GLN B 19 14.40 0.10 27.84
N VAL B 20 14.10 -1.18 27.59
CA VAL B 20 13.75 -1.71 26.25
C VAL B 20 12.59 -2.70 26.41
N ASP B 21 11.97 -3.04 25.29
CA ASP B 21 10.81 -3.96 25.21
C ASP B 21 11.24 -5.17 24.37
N THR B 22 10.62 -6.31 24.67
CA THR B 22 10.73 -7.61 23.95
C THR B 22 9.29 -8.15 23.83
N ILE B 23 9.08 -9.20 23.02
CA ILE B 23 7.75 -9.86 22.88
C ILE B 23 7.20 -10.24 24.26
N MET B 24 8.03 -10.89 25.09
CA MET B 24 7.56 -11.55 26.35
C MET B 24 7.64 -10.60 27.55
N GLU B 25 8.38 -9.48 27.47
CA GLU B 25 8.60 -8.60 28.65
C GLU B 25 8.76 -7.13 28.25
N LYS B 26 8.05 -6.24 28.93
CA LYS B 26 8.14 -4.76 28.73
C LYS B 26 9.06 -4.18 29.81
N ASN B 27 9.67 -3.03 29.54
CA ASN B 27 10.35 -2.17 30.55
C ASN B 27 11.47 -2.96 31.22
N VAL B 28 12.34 -3.56 30.41
CA VAL B 28 13.56 -4.31 30.85
C VAL B 28 14.70 -3.31 30.92
N THR B 29 15.27 -3.11 32.12
CA THR B 29 16.45 -2.23 32.33
C THR B 29 17.64 -2.96 31.70
N VAL B 30 18.49 -2.25 30.96
CA VAL B 30 19.72 -2.83 30.32
C VAL B 30 20.89 -1.89 30.62
N THR B 31 22.11 -2.34 30.37
CA THR B 31 23.36 -1.63 30.76
C THR B 31 23.70 -0.58 29.71
N HIS B 32 23.38 -0.89 28.44
CA HIS B 32 23.59 -0.03 27.27
C HIS B 32 22.41 -0.22 26.29
N ALA B 33 22.06 0.85 25.57
CA ALA B 33 20.99 0.87 24.57
C ALA B 33 21.31 1.92 23.50
N GLN B 34 20.69 1.79 22.32
CA GLN B 34 20.72 2.83 21.26
C GLN B 34 19.29 3.25 20.94
N ASP B 35 18.91 4.48 21.30
CA ASP B 35 17.68 5.14 20.80
C ASP B 35 17.86 5.38 19.29
N ILE B 36 16.90 4.99 18.45
CA ILE B 36 17.03 5.14 16.96
C ILE B 36 15.92 6.04 16.40
N LEU B 37 15.15 6.69 17.27
CA LEU B 37 13.99 7.55 16.91
C LEU B 37 14.26 9.04 17.23
N GLU B 38 14.35 9.89 16.21
CA GLU B 38 14.39 11.38 16.38
C GLU B 38 12.99 11.88 16.72
N LYS B 39 12.86 12.65 17.81
CA LYS B 39 11.57 13.20 18.27
C LYS B 39 11.60 14.74 18.28
N LYS B 40 12.75 15.36 17.99
CA LYS B 40 12.97 16.82 18.20
C LYS B 40 13.15 17.52 16.84
N HIS B 41 12.59 18.72 16.76
CA HIS B 41 12.64 19.63 15.58
C HIS B 41 12.67 21.07 16.10
N ASN B 42 13.02 22.02 15.25
CA ASN B 42 13.30 23.44 15.63
C ASN B 42 12.04 24.30 15.47
N GLY B 43 10.91 23.73 15.09
CA GLY B 43 9.59 24.39 15.08
C GLY B 43 9.46 25.51 14.06
N LYS B 44 10.29 25.55 13.00
CA LYS B 44 10.17 26.62 11.98
C LYS B 44 10.59 26.16 10.57
N LEU B 45 10.46 27.07 9.59
CA LEU B 45 10.76 26.80 8.16
C LEU B 45 12.18 27.29 7.85
N CYS B 46 13.00 26.42 7.29
CA CYS B 46 14.43 26.73 6.99
C CYS B 46 14.71 26.66 5.49
N ASP B 47 15.78 27.31 5.06
CA ASP B 47 16.45 27.07 3.76
C ASP B 47 16.76 25.58 3.68
N LEU B 48 16.73 25.02 2.47
CA LEU B 48 17.08 23.61 2.21
C LEU B 48 18.38 23.58 1.42
N ASP B 49 19.44 23.06 2.04
CA ASP B 49 20.82 23.04 1.50
C ASP B 49 21.14 24.40 0.87
N GLY B 50 20.91 25.50 1.60
CA GLY B 50 21.34 26.86 1.21
C GLY B 50 20.29 27.65 0.40
N VAL B 51 19.19 27.04 -0.04
CA VAL B 51 18.19 27.70 -0.94
C VAL B 51 16.90 27.99 -0.15
N LYS B 52 16.46 29.25 -0.12
CA LYS B 52 15.26 29.69 0.64
C LYS B 52 14.00 29.09 0.01
N PRO B 53 12.97 28.71 0.79
CA PRO B 53 11.68 28.36 0.22
C PRO B 53 10.93 29.63 -0.24
N LEU B 54 9.93 29.42 -1.12
CA LEU B 54 8.96 30.46 -1.47
C LEU B 54 7.80 30.33 -0.47
N ILE B 55 7.63 31.33 0.40
CA ILE B 55 6.63 31.30 1.50
C ILE B 55 5.48 32.23 1.13
N LEU B 56 4.32 31.67 0.78
CA LEU B 56 3.28 32.46 0.10
C LEU B 56 2.47 33.29 1.10
N ARG B 57 2.72 33.11 2.40
CA ARG B 57 2.04 33.87 3.49
C ARG B 57 0.54 33.77 3.29
N ASP B 58 -0.17 34.86 2.96
CA ASP B 58 -1.65 34.88 2.91
C ASP B 58 -2.15 34.63 1.48
N CYS B 59 -1.25 34.30 0.55
CA CYS B 59 -1.56 34.13 -0.88
C CYS B 59 -1.63 32.62 -1.25
N SER B 60 -2.59 32.25 -2.08
CA SER B 60 -2.67 30.91 -2.70
C SER B 60 -1.78 30.89 -3.95
N VAL B 61 -1.46 29.71 -4.46
CA VAL B 61 -0.73 29.56 -5.75
C VAL B 61 -1.47 30.34 -6.83
N ALA B 62 -2.80 30.24 -6.87
CA ALA B 62 -3.63 30.97 -7.86
C ALA B 62 -3.43 32.48 -7.71
N GLY B 63 -3.55 32.99 -6.48
CA GLY B 63 -3.30 34.40 -6.13
C GLY B 63 -1.96 34.86 -6.69
N TRP B 64 -0.92 34.08 -6.45
CA TRP B 64 0.45 34.37 -6.94
C TRP B 64 0.45 34.38 -8.47
N LEU B 65 -0.01 33.31 -9.15
CA LEU B 65 0.29 33.16 -10.61
C LEU B 65 -0.61 34.11 -11.40
N LEU B 66 -1.88 34.35 -10.98
CA LEU B 66 -2.74 35.34 -11.69
C LEU B 66 -2.37 36.80 -11.30
N GLY B 67 -1.69 36.99 -10.16
CA GLY B 67 -1.28 38.31 -9.65
C GLY B 67 -2.42 39.08 -9.00
N ASN B 68 -3.09 38.45 -8.05
CA ASN B 68 -4.06 39.11 -7.14
C ASN B 68 -3.33 40.34 -6.60
N PRO B 69 -3.90 41.56 -6.65
CA PRO B 69 -3.15 42.75 -6.25
C PRO B 69 -2.66 42.75 -4.79
N MET B 70 -3.24 41.94 -3.91
CA MET B 70 -2.74 41.70 -2.52
C MET B 70 -1.48 40.81 -2.52
N CYS B 71 -1.05 40.29 -3.67
CA CYS B 71 0.08 39.33 -3.76
C CYS B 71 1.28 39.97 -4.48
N ASP B 72 1.40 41.31 -4.45
CA ASP B 72 2.48 42.08 -5.14
C ASP B 72 3.86 41.69 -4.60
N GLU B 73 3.98 41.23 -3.36
CA GLU B 73 5.32 40.77 -2.91
C GLU B 73 5.84 39.62 -3.78
N PHE B 74 4.98 38.89 -4.50
CA PHE B 74 5.37 37.72 -5.34
C PHE B 74 5.39 38.07 -6.84
N ILE B 75 5.46 39.35 -7.18
CA ILE B 75 5.45 39.82 -8.60
C ILE B 75 6.63 39.21 -9.37
N ASN B 76 7.78 39.01 -8.74
CA ASN B 76 9.01 38.44 -9.37
C ASN B 76 9.80 37.68 -8.29
N VAL B 77 9.60 36.38 -8.17
CA VAL B 77 10.18 35.57 -7.06
C VAL B 77 11.48 34.91 -7.52
N PRO B 78 12.51 34.90 -6.68
CA PRO B 78 13.74 34.19 -7.01
C PRO B 78 13.58 32.66 -6.88
N GLU B 79 14.59 31.94 -7.34
CA GLU B 79 14.68 30.46 -7.26
C GLU B 79 14.35 30.00 -5.83
N TRP B 80 13.56 28.94 -5.71
CA TRP B 80 13.12 28.37 -4.43
C TRP B 80 13.51 26.89 -4.36
N SER B 81 13.60 26.36 -3.13
CA SER B 81 13.85 24.94 -2.82
C SER B 81 12.49 24.20 -2.69
N TYR B 82 11.53 24.78 -2.00
CA TYR B 82 10.16 24.22 -1.83
C TYR B 82 9.18 25.38 -1.63
N ILE B 83 7.88 25.10 -1.75
CA ILE B 83 6.83 26.14 -1.61
C ILE B 83 6.06 25.85 -0.34
N VAL B 84 5.64 26.90 0.38
CA VAL B 84 4.83 26.81 1.62
C VAL B 84 3.58 27.63 1.40
N GLU B 85 2.43 27.00 1.58
CA GLU B 85 1.07 27.57 1.42
C GLU B 85 0.34 27.30 2.72
N LYS B 86 -0.41 28.27 3.24
CA LYS B 86 -1.31 28.03 4.42
C LYS B 86 -2.46 27.13 3.98
N ALA B 87 -3.09 26.44 4.93
CA ALA B 87 -4.27 25.58 4.69
C ALA B 87 -5.37 26.39 3.98
N ASN B 88 -5.63 27.63 4.41
CA ASN B 88 -6.75 28.46 3.88
C ASN B 88 -6.28 29.89 3.63
N PRO B 89 -5.54 30.13 2.54
CA PRO B 89 -5.03 31.48 2.25
C PRO B 89 -6.19 32.44 1.93
N VAL B 90 -6.22 33.68 2.46
CA VAL B 90 -7.40 34.57 2.21
C VAL B 90 -7.27 35.22 0.83
N ASN B 91 -6.05 35.39 0.31
CA ASN B 91 -5.81 36.06 -1.00
C ASN B 91 -5.72 35.01 -2.11
N ASP B 92 -6.83 34.76 -2.79
CA ASP B 92 -6.99 33.69 -3.79
C ASP B 92 -7.57 34.37 -5.03
N LEU B 93 -8.77 33.99 -5.46
CA LEU B 93 -9.46 34.64 -6.59
C LEU B 93 -10.27 35.80 -6.04
N CYS B 94 -9.69 37.00 -6.02
CA CYS B 94 -10.33 38.24 -5.50
C CYS B 94 -11.67 38.47 -6.23
N TYR B 95 -11.69 38.40 -7.56
CA TYR B 95 -12.96 38.30 -8.33
C TYR B 95 -13.35 36.82 -8.33
N PRO B 96 -14.55 36.43 -7.86
CA PRO B 96 -14.84 35.03 -7.62
C PRO B 96 -14.89 34.24 -8.93
N GLY B 97 -14.63 32.94 -8.84
CA GLY B 97 -14.82 32.01 -9.96
C GLY B 97 -14.06 30.72 -9.74
N ASP B 98 -13.43 30.22 -10.79
CA ASP B 98 -12.82 28.87 -10.81
C ASP B 98 -11.49 28.92 -11.54
N PHE B 99 -10.60 28.00 -11.16
CA PHE B 99 -9.31 27.74 -11.79
C PHE B 99 -9.33 26.30 -12.30
N ASN B 100 -9.45 26.15 -13.62
CA ASN B 100 -9.53 24.84 -14.29
C ASN B 100 -8.24 24.01 -14.05
N ASP B 101 -8.39 22.72 -13.80
CA ASP B 101 -7.28 21.75 -13.55
C ASP B 101 -6.25 22.35 -12.57
N TYR B 102 -6.70 22.94 -11.48
CA TYR B 102 -5.82 23.66 -10.51
C TYR B 102 -4.86 22.65 -9.84
N GLU B 103 -5.38 21.51 -9.43
CA GLU B 103 -4.58 20.48 -8.70
C GLU B 103 -3.53 19.89 -9.66
N GLU B 104 -3.82 19.76 -10.96
CA GLU B 104 -2.81 19.25 -11.93
C GLU B 104 -1.72 20.34 -12.06
N LEU B 105 -2.09 21.63 -12.01
CA LEU B 105 -1.09 22.74 -12.11
C LEU B 105 -0.18 22.66 -10.89
N LYS B 106 -0.75 22.54 -9.68
CA LYS B 106 0.05 22.49 -8.43
C LYS B 106 1.00 21.28 -8.51
N HIS B 107 0.52 20.15 -9.08
CA HIS B 107 1.35 18.94 -9.22
C HIS B 107 2.56 19.25 -10.11
N LEU B 108 2.40 19.94 -11.25
CA LEU B 108 3.53 20.39 -12.12
C LEU B 108 4.49 21.29 -11.32
N LEU B 109 3.94 22.19 -10.49
CA LEU B 109 4.72 23.17 -9.69
C LEU B 109 5.70 22.44 -8.80
N SER B 110 5.33 21.22 -8.38
CA SER B 110 6.14 20.35 -7.50
C SER B 110 7.43 19.91 -8.18
N ARG B 111 7.58 20.10 -9.49
CA ARG B 111 8.80 19.70 -10.24
C ARG B 111 9.54 20.96 -10.77
N ILE B 112 9.21 22.13 -10.24
CA ILE B 112 9.73 23.44 -10.75
C ILE B 112 10.35 24.22 -9.61
N ASN B 113 11.56 24.74 -9.83
CA ASN B 113 12.32 25.55 -8.84
C ASN B 113 12.38 27.04 -9.23
N HIS B 114 12.14 27.41 -10.50
CA HIS B 114 12.24 28.83 -10.92
C HIS B 114 11.44 29.13 -12.18
N PHE B 115 10.70 30.23 -12.14
CA PHE B 115 10.00 30.87 -13.29
C PHE B 115 10.70 32.19 -13.62
N GLU B 116 10.75 32.54 -14.90
CA GLU B 116 11.05 33.92 -15.35
C GLU B 116 9.77 34.47 -15.99
N LYS B 117 9.14 35.44 -15.34
CA LYS B 117 7.94 36.12 -15.89
C LYS B 117 8.34 36.89 -17.15
N ILE B 118 7.53 36.82 -18.19
CA ILE B 118 7.78 37.40 -19.53
C ILE B 118 6.48 38.05 -20.06
N GLN B 119 6.57 39.25 -20.61
CA GLN B 119 5.43 39.94 -21.28
C GLN B 119 5.21 39.29 -22.65
N ILE B 120 4.09 38.59 -22.86
CA ILE B 120 3.83 37.91 -24.16
C ILE B 120 2.85 38.75 -24.99
N ILE B 121 1.97 39.54 -24.38
CA ILE B 121 1.05 40.46 -25.12
C ILE B 121 0.96 41.78 -24.35
N PRO B 122 1.66 42.84 -24.83
CA PRO B 122 1.69 44.11 -24.09
C PRO B 122 0.27 44.67 -23.92
N LYS B 123 -0.05 45.11 -22.71
CA LYS B 123 -1.35 45.75 -22.40
C LYS B 123 -1.60 46.93 -23.36
N SER B 124 -0.53 47.60 -23.83
CA SER B 124 -0.61 48.84 -24.64
C SER B 124 -0.90 48.50 -26.11
N SER B 125 -0.88 47.24 -26.51
CA SER B 125 -1.04 46.84 -27.93
C SER B 125 -2.52 46.62 -28.30
N TRP B 126 -3.46 46.87 -27.40
CA TRP B 126 -4.92 46.69 -27.64
C TRP B 126 -5.54 48.00 -28.14
N SER B 127 -5.51 48.27 -29.44
CA SER B 127 -5.88 49.59 -30.01
C SER B 127 -7.38 49.66 -30.37
N SER B 128 -8.05 48.53 -30.67
CA SER B 128 -9.51 48.45 -30.99
C SER B 128 -10.37 48.12 -29.75
N HIS B 129 -9.82 48.04 -28.55
CA HIS B 129 -10.54 47.64 -27.32
C HIS B 129 -10.04 48.50 -26.17
N GLU B 130 -10.87 48.74 -25.14
CA GLU B 130 -10.41 49.41 -23.90
C GLU B 130 -9.69 48.36 -23.05
N ALA B 131 -8.43 48.61 -22.71
CA ALA B 131 -7.60 47.71 -21.89
C ALA B 131 -7.47 48.23 -20.46
N SER B 132 -8.05 49.39 -20.12
CA SER B 132 -7.82 50.07 -18.83
C SER B 132 -9.08 50.18 -17.95
N LEU B 133 -10.22 49.65 -18.36
CA LEU B 133 -11.49 49.77 -17.56
C LEU B 133 -11.83 48.45 -16.85
N GLY B 134 -10.99 47.42 -17.01
CA GLY B 134 -11.22 46.06 -16.49
C GLY B 134 -10.84 45.93 -15.03
N VAL B 135 -11.53 46.63 -14.15
CA VAL B 135 -11.18 46.72 -12.70
C VAL B 135 -12.46 46.50 -11.88
N SER B 136 -12.32 46.07 -10.64
CA SER B 136 -13.46 45.68 -9.78
C SER B 136 -13.16 46.09 -8.33
N SER B 137 -14.20 46.41 -7.59
CA SER B 137 -14.11 46.63 -6.12
C SER B 137 -13.84 45.29 -5.42
N ALA B 138 -14.02 44.16 -6.10
CA ALA B 138 -13.66 42.83 -5.53
C ALA B 138 -12.14 42.70 -5.38
N CYS B 139 -11.37 43.41 -6.20
CA CYS B 139 -9.89 43.29 -6.29
C CYS B 139 -9.26 44.64 -5.93
N PRO B 140 -9.40 45.11 -4.67
CA PRO B 140 -8.89 46.42 -4.29
C PRO B 140 -7.36 46.47 -4.22
N TYR B 141 -6.79 47.61 -4.62
CA TYR B 141 -5.37 47.98 -4.37
C TYR B 141 -5.33 49.42 -3.85
N GLN B 142 -4.94 49.59 -2.58
CA GLN B 142 -4.77 50.90 -1.91
C GLN B 142 -6.07 51.70 -2.08
N GLY B 143 -7.20 51.11 -1.67
CA GLY B 143 -8.54 51.75 -1.68
C GLY B 143 -9.11 52.04 -3.05
N LYS B 144 -8.43 51.66 -4.16
CA LYS B 144 -8.97 51.81 -5.54
C LYS B 144 -9.27 50.43 -6.17
N SER B 145 -10.37 50.33 -6.91
CA SER B 145 -10.72 49.15 -7.75
C SER B 145 -9.52 48.75 -8.62
N SER B 146 -9.16 47.45 -8.64
CA SER B 146 -8.04 46.91 -9.44
C SER B 146 -8.41 45.55 -10.05
N PHE B 147 -7.41 44.77 -10.47
CA PHE B 147 -7.63 43.44 -11.10
C PHE B 147 -6.34 42.61 -11.01
N PHE B 148 -6.45 41.32 -11.31
CA PHE B 148 -5.28 40.42 -11.48
C PHE B 148 -4.27 41.13 -12.40
N ARG B 149 -3.00 41.15 -12.03
CA ARG B 149 -1.96 41.92 -12.75
C ARG B 149 -1.41 41.21 -14.00
N ASN B 150 -1.58 39.90 -14.15
CA ASN B 150 -0.88 39.10 -15.18
C ASN B 150 -1.79 38.91 -16.40
N VAL B 151 -3.06 39.29 -16.27
CA VAL B 151 -4.06 39.14 -17.36
C VAL B 151 -4.83 40.47 -17.48
N VAL B 152 -5.51 40.69 -18.60
CA VAL B 152 -6.16 41.99 -18.94
C VAL B 152 -7.63 41.74 -19.26
N TRP B 153 -8.51 42.36 -18.52
CA TRP B 153 -9.97 42.29 -18.75
C TRP B 153 -10.36 43.31 -19.85
N LEU B 154 -10.50 42.87 -21.10
CA LEU B 154 -10.80 43.74 -22.26
C LEU B 154 -12.28 44.13 -22.29
N ILE B 155 -12.55 45.40 -22.60
CA ILE B 155 -13.90 46.02 -22.66
C ILE B 155 -14.13 46.62 -24.05
N LYS B 156 -15.39 46.74 -24.47
CA LYS B 156 -15.76 47.40 -25.76
C LYS B 156 -15.21 48.83 -25.79
N LYS B 157 -14.87 49.32 -26.98
CA LYS B 157 -14.44 50.72 -27.22
C LYS B 157 -15.42 51.40 -28.17
N ASN B 158 -15.96 52.58 -27.85
CA ASN B 158 -16.88 53.31 -28.76
C ASN B 158 -18.03 52.35 -29.16
N SER B 159 -18.65 51.67 -28.19
CA SER B 159 -19.85 50.78 -28.37
C SER B 159 -19.57 49.62 -29.35
N THR B 160 -18.30 49.24 -29.60
CA THR B 160 -17.92 48.14 -30.53
C THR B 160 -16.83 47.25 -29.92
N TYR B 161 -16.87 45.96 -30.22
CA TYR B 161 -15.90 44.92 -29.77
C TYR B 161 -15.60 44.10 -31.01
N PRO B 162 -14.61 44.52 -31.82
CA PRO B 162 -14.21 43.74 -32.97
C PRO B 162 -13.64 42.39 -32.52
N THR B 163 -13.62 41.45 -33.44
CA THR B 163 -13.09 40.10 -33.27
C THR B 163 -11.58 40.22 -33.09
N ILE B 164 -11.08 39.69 -31.97
CA ILE B 164 -9.63 39.62 -31.61
C ILE B 164 -9.04 38.41 -32.32
N LYS B 165 -7.92 38.59 -33.02
CA LYS B 165 -7.11 37.48 -33.59
C LYS B 165 -5.65 37.74 -33.21
N ARG B 166 -5.14 37.05 -32.19
CA ARG B 166 -3.80 37.29 -31.62
C ARG B 166 -3.08 35.97 -31.36
N SER B 167 -1.79 35.97 -31.67
CA SER B 167 -0.88 34.82 -31.59
C SER B 167 0.28 35.17 -30.67
N TYR B 168 0.91 34.16 -30.09
CA TYR B 168 2.26 34.27 -29.50
C TYR B 168 3.00 32.99 -29.80
N ASN B 169 4.19 33.12 -30.36
CA ASN B 169 5.09 32.01 -30.73
C ASN B 169 6.14 31.89 -29.62
N ASN B 170 6.27 30.71 -29.01
CA ASN B 170 7.29 30.48 -27.94
C ASN B 170 8.66 30.31 -28.62
N THR B 171 9.37 31.41 -28.83
CA THR B 171 10.75 31.49 -29.41
C THR B 171 11.79 31.30 -28.30
N ASN B 172 11.38 30.85 -27.12
CA ASN B 172 12.30 30.47 -26.00
C ASN B 172 12.62 28.99 -26.05
N GLN B 173 13.70 28.57 -25.38
CA GLN B 173 14.13 27.14 -25.35
C GLN B 173 13.48 26.43 -24.16
N GLU B 174 12.64 27.13 -23.38
CA GLU B 174 11.91 26.57 -22.22
C GLU B 174 10.41 26.50 -22.50
N ASP B 175 9.73 25.54 -21.86
CA ASP B 175 8.26 25.49 -21.75
C ASP B 175 7.76 26.79 -21.11
N LEU B 176 6.60 27.27 -21.57
CA LEU B 176 5.95 28.49 -21.06
C LEU B 176 4.59 28.11 -20.46
N LEU B 177 4.36 28.50 -19.20
CA LEU B 177 3.01 28.42 -18.60
C LEU B 177 2.24 29.68 -19.00
N VAL B 178 1.13 29.50 -19.71
CA VAL B 178 0.27 30.60 -20.25
C VAL B 178 -1.10 30.48 -19.59
N LEU B 179 -1.61 31.60 -19.10
CA LEU B 179 -2.88 31.75 -18.33
C LEU B 179 -3.80 32.76 -19.02
N TRP B 180 -5.08 32.42 -19.14
CA TRP B 180 -6.16 33.28 -19.68
C TRP B 180 -7.46 32.94 -18.98
N GLY B 181 -8.52 33.64 -19.33
CA GLY B 181 -9.80 33.48 -18.64
C GLY B 181 -10.96 33.95 -19.47
N ILE B 182 -12.16 33.66 -18.95
CA ILE B 182 -13.46 34.07 -19.54
C ILE B 182 -14.28 34.68 -18.41
N HIS B 183 -15.07 35.71 -18.73
CA HIS B 183 -16.02 36.36 -17.83
C HIS B 183 -17.43 35.82 -18.09
N HIS B 184 -18.03 35.27 -17.06
CA HIS B 184 -19.44 34.80 -17.03
C HIS B 184 -20.26 35.89 -16.38
N PRO B 185 -20.99 36.72 -17.15
CA PRO B 185 -21.75 37.82 -16.57
C PRO B 185 -23.07 37.40 -15.93
N ASN B 186 -23.74 38.37 -15.31
CA ASN B 186 -25.00 38.21 -14.53
C ASN B 186 -26.20 38.11 -15.47
N ASP B 187 -26.24 38.84 -16.60
CA ASP B 187 -27.45 38.97 -17.45
C ASP B 187 -27.11 39.51 -18.84
N ALA B 188 -28.07 39.43 -19.76
CA ALA B 188 -27.97 39.89 -21.16
C ALA B 188 -27.64 41.39 -21.21
N ALA B 189 -28.13 42.18 -20.25
CA ALA B 189 -27.90 43.64 -20.17
C ALA B 189 -26.41 43.88 -19.84
N GLU B 190 -25.86 43.15 -18.87
CA GLU B 190 -24.41 43.26 -18.53
C GLU B 190 -23.60 42.85 -19.77
N GLN B 191 -24.01 41.79 -20.47
CA GLN B 191 -23.28 41.30 -21.66
C GLN B 191 -23.14 42.48 -22.63
N THR B 192 -24.27 43.12 -22.95
CA THR B 192 -24.37 44.26 -23.89
C THR B 192 -23.48 45.40 -23.39
N LYS B 193 -23.62 45.77 -22.11
CA LYS B 193 -22.89 46.91 -21.52
C LYS B 193 -21.37 46.73 -21.71
N LEU B 194 -20.84 45.51 -21.47
CA LEU B 194 -19.38 45.27 -21.39
C LEU B 194 -18.83 44.99 -22.79
N TYR B 195 -19.55 44.21 -23.59
CA TYR B 195 -18.97 43.56 -24.80
C TYR B 195 -19.76 43.87 -26.07
N GLN B 196 -20.98 44.46 -25.96
CA GLN B 196 -21.87 44.76 -27.10
C GLN B 196 -22.42 43.47 -27.74
N ASN B 197 -21.56 42.60 -28.28
CA ASN B 197 -21.97 41.36 -28.99
C ASN B 197 -22.76 40.47 -28.02
N PRO B 198 -23.97 39.99 -28.37
CA PRO B 198 -24.77 39.16 -27.47
C PRO B 198 -24.34 37.69 -27.38
N THR B 199 -23.80 37.14 -28.47
CA THR B 199 -23.39 35.69 -28.56
C THR B 199 -21.88 35.64 -28.81
N THR B 200 -21.10 35.18 -27.82
CA THR B 200 -19.63 35.31 -27.82
C THR B 200 -18.96 33.96 -27.60
N TYR B 201 -17.67 33.93 -27.91
CA TYR B 201 -16.78 32.75 -27.73
C TYR B 201 -15.33 33.23 -27.55
N ILE B 202 -14.51 32.31 -27.04
CA ILE B 202 -13.03 32.38 -27.03
C ILE B 202 -12.52 31.06 -27.58
N SER B 203 -11.83 31.11 -28.71
CA SER B 203 -11.13 29.94 -29.28
C SER B 203 -9.66 30.04 -28.91
N VAL B 204 -9.06 28.91 -28.57
CA VAL B 204 -7.61 28.83 -28.22
C VAL B 204 -7.07 27.55 -28.82
N GLY B 205 -5.99 27.67 -29.63
CA GLY B 205 -5.29 26.57 -30.26
C GLY B 205 -3.80 26.58 -30.03
N THR B 206 -3.21 25.41 -29.82
CA THR B 206 -1.76 25.14 -29.94
C THR B 206 -1.62 23.90 -30.82
N SER B 207 -0.49 23.19 -30.72
CA SER B 207 -0.27 21.93 -31.45
C SER B 207 -1.21 20.87 -30.87
N THR B 208 -1.59 20.97 -29.60
CA THR B 208 -2.38 19.96 -28.85
C THR B 208 -3.72 20.54 -28.36
N LEU B 209 -3.80 21.85 -28.13
CA LEU B 209 -5.02 22.44 -27.54
C LEU B 209 -5.98 22.82 -28.67
N ASN B 210 -7.27 22.57 -28.46
CA ASN B 210 -8.35 22.88 -29.42
C ASN B 210 -9.62 23.24 -28.62
N GLN B 211 -9.66 24.46 -28.11
CA GLN B 211 -10.63 24.91 -27.10
C GLN B 211 -11.56 25.97 -27.73
N ARG B 212 -12.85 25.86 -27.47
CA ARG B 212 -13.84 26.94 -27.72
CA ARG B 212 -13.85 26.92 -27.73
C ARG B 212 -14.67 27.11 -26.45
N LEU B 213 -14.45 28.23 -25.74
CA LEU B 213 -15.17 28.56 -24.48
C LEU B 213 -16.36 29.47 -24.82
N VAL B 214 -17.49 29.21 -24.18
CA VAL B 214 -18.70 30.07 -24.30
C VAL B 214 -19.02 30.56 -22.90
N PRO B 215 -19.33 31.86 -22.73
CA PRO B 215 -19.78 32.37 -21.44
C PRO B 215 -21.15 31.77 -21.10
N ARG B 216 -21.41 31.63 -19.81
CA ARG B 216 -22.67 31.12 -19.25
C ARG B 216 -23.27 32.23 -18.40
N ILE B 217 -24.47 32.68 -18.76
CA ILE B 217 -25.30 33.54 -17.88
C ILE B 217 -26.10 32.62 -16.94
N ALA B 218 -26.00 32.92 -15.64
CA ALA B 218 -26.81 32.31 -14.57
C ALA B 218 -26.91 33.35 -13.45
N THR B 219 -27.92 33.21 -12.59
CA THR B 219 -28.19 34.11 -11.45
C THR B 219 -27.45 33.51 -10.27
N ARG B 220 -26.50 34.23 -9.70
CA ARG B 220 -25.61 33.65 -8.65
C ARG B 220 -25.61 34.53 -7.41
N SER B 221 -25.29 33.92 -6.27
CA SER B 221 -25.04 34.63 -5.00
C SER B 221 -23.84 35.54 -5.17
N LYS B 222 -23.85 36.70 -4.51
CA LYS B 222 -22.72 37.64 -4.48
C LYS B 222 -21.59 36.99 -3.67
N VAL B 223 -20.37 36.99 -4.21
CA VAL B 223 -19.13 36.61 -3.47
C VAL B 223 -18.15 37.77 -3.67
N ASN B 224 -17.56 38.28 -2.58
CA ASN B 224 -16.80 39.55 -2.57
C ASN B 224 -17.59 40.62 -3.34
N GLY B 225 -18.91 40.67 -3.14
CA GLY B 225 -19.80 41.69 -3.74
C GLY B 225 -20.11 41.45 -5.22
N GLN B 226 -19.69 40.33 -5.83
CA GLN B 226 -19.90 40.06 -7.28
C GLN B 226 -20.80 38.84 -7.51
N SER B 227 -21.70 38.94 -8.47
CA SER B 227 -22.52 37.83 -9.00
C SER B 227 -21.91 37.25 -10.28
N GLY B 228 -21.04 38.01 -10.97
CA GLY B 228 -20.27 37.50 -12.12
C GLY B 228 -19.25 36.47 -11.65
N ARG B 229 -18.68 35.69 -12.56
CA ARG B 229 -17.57 34.75 -12.28
C ARG B 229 -16.49 34.89 -13.36
N MET B 230 -15.22 34.79 -12.97
CA MET B 230 -14.08 34.61 -13.90
C MET B 230 -13.66 33.13 -13.84
N GLU B 231 -13.44 32.50 -14.98
CA GLU B 231 -12.97 31.10 -15.03
C GLU B 231 -11.64 31.09 -15.81
N PHE B 232 -10.58 30.60 -15.18
CA PHE B 232 -9.20 30.66 -15.67
C PHE B 232 -8.77 29.28 -16.14
N PHE B 233 -7.92 29.31 -17.16
CA PHE B 233 -7.44 28.14 -17.93
C PHE B 233 -5.95 28.33 -18.14
N TRP B 234 -5.24 27.23 -18.31
CA TRP B 234 -3.78 27.27 -18.53
C TRP B 234 -3.34 26.20 -19.52
N THR B 235 -2.15 26.37 -20.08
CA THR B 235 -1.51 25.34 -20.91
C THR B 235 0.01 25.53 -20.80
N ILE B 236 0.73 24.47 -21.11
CA ILE B 236 2.20 24.51 -21.27
C ILE B 236 2.44 24.62 -22.78
N LEU B 237 3.06 25.71 -23.18
CA LEU B 237 3.35 25.97 -24.61
C LEU B 237 4.81 25.56 -24.83
N LYS B 238 5.00 24.50 -25.58
CA LYS B 238 6.37 23.92 -25.80
C LYS B 238 7.21 24.87 -26.67
N PRO B 239 8.54 24.79 -26.63
CA PRO B 239 9.39 25.55 -27.54
C PRO B 239 8.97 25.39 -29.01
N ASN B 240 8.91 26.50 -29.73
CA ASN B 240 8.62 26.54 -31.18
C ASN B 240 7.13 26.28 -31.46
N ASP B 241 6.29 26.02 -30.46
CA ASP B 241 4.83 25.94 -30.69
C ASP B 241 4.29 27.37 -30.54
N ALA B 242 3.12 27.64 -31.12
CA ALA B 242 2.42 28.94 -31.01
C ALA B 242 1.06 28.70 -30.34
N ILE B 243 0.57 29.71 -29.62
CA ILE B 243 -0.83 29.76 -29.12
C ILE B 243 -1.58 30.83 -29.93
N ASN B 244 -2.78 30.52 -30.41
CA ASN B 244 -3.66 31.43 -31.19
C ASN B 244 -4.97 31.66 -30.44
N PHE B 245 -5.33 32.90 -30.15
CA PHE B 245 -6.59 33.31 -29.51
C PHE B 245 -7.48 34.03 -30.54
N GLU B 246 -8.79 33.73 -30.49
CA GLU B 246 -9.82 34.45 -31.26
C GLU B 246 -11.02 34.67 -30.33
N SER B 247 -11.59 35.87 -30.29
CA SER B 247 -12.73 36.17 -29.39
C SER B 247 -13.48 37.42 -29.85
N ASN B 248 -14.79 37.41 -29.67
CA ASN B 248 -15.66 38.59 -29.85
C ASN B 248 -16.26 39.01 -28.50
N GLY B 249 -15.65 38.63 -27.37
CA GLY B 249 -16.10 39.13 -26.05
C GLY B 249 -15.71 38.25 -24.88
N ASN B 250 -15.78 38.81 -23.68
CA ASN B 250 -15.71 38.06 -22.39
C ASN B 250 -14.30 37.48 -22.21
N PHE B 251 -13.32 37.94 -23.00
CA PHE B 251 -11.92 37.45 -23.01
C PHE B 251 -11.10 38.18 -21.92
N ILE B 252 -10.51 37.40 -20.99
CA ILE B 252 -9.49 37.85 -20.01
C ILE B 252 -8.14 37.43 -20.57
N ALA B 253 -7.46 38.33 -21.27
CA ALA B 253 -6.31 37.98 -22.14
C ALA B 253 -5.03 37.89 -21.32
N PRO B 254 -4.07 37.04 -21.74
CA PRO B 254 -2.77 37.03 -21.09
C PRO B 254 -2.09 38.38 -21.30
N GLU B 255 -1.30 38.87 -20.35
CA GLU B 255 -0.24 39.89 -20.63
C GLU B 255 1.11 39.25 -20.29
N TYR B 256 1.27 38.76 -19.07
CA TYR B 256 2.49 38.03 -18.60
C TYR B 256 2.24 36.52 -18.55
N ALA B 257 3.26 35.77 -18.95
CA ALA B 257 3.36 34.29 -18.87
C ALA B 257 4.64 33.93 -18.14
N TYR B 258 4.83 32.65 -17.78
CA TYR B 258 6.01 32.19 -16.99
C TYR B 258 6.86 31.14 -17.73
N LYS B 259 8.12 31.49 -17.99
CA LYS B 259 9.12 30.57 -18.58
C LYS B 259 9.59 29.64 -17.48
N ILE B 260 9.67 28.36 -17.77
CA ILE B 260 10.12 27.36 -16.74
C ILE B 260 11.63 27.19 -16.88
N VAL B 261 12.41 27.87 -16.03
CA VAL B 261 13.89 28.02 -16.25
C VAL B 261 14.67 27.04 -15.38
N LYS B 262 14.09 26.45 -14.34
CA LYS B 262 14.77 25.45 -13.48
C LYS B 262 13.77 24.39 -12.99
N LYS B 263 14.01 23.14 -13.37
CA LYS B 263 13.23 21.97 -12.89
C LYS B 263 14.06 21.22 -11.85
N GLY B 264 13.42 20.56 -10.90
CA GLY B 264 14.11 19.71 -9.91
C GLY B 264 13.15 19.22 -8.85
N ASP B 265 13.65 18.61 -7.78
CA ASP B 265 12.83 18.21 -6.61
C ASP B 265 12.32 19.47 -5.90
N SER B 266 11.02 19.51 -5.69
CA SER B 266 10.32 20.56 -4.93
C SER B 266 9.06 19.93 -4.36
N THR B 267 8.24 20.70 -3.69
CA THR B 267 6.98 20.25 -3.09
C THR B 267 6.19 21.49 -2.73
N ILE B 268 4.88 21.33 -2.60
CA ILE B 268 4.03 22.33 -1.93
C ILE B 268 3.69 21.80 -0.55
N MET B 269 4.24 22.42 0.47
CA MET B 269 4.10 22.05 1.90
C MET B 269 3.01 22.93 2.52
N LYS B 270 2.00 22.30 3.13
CA LYS B 270 0.93 22.96 3.92
C LYS B 270 1.44 23.21 5.35
N SER B 271 1.68 24.47 5.71
CA SER B 271 2.22 24.86 7.03
C SER B 271 1.80 26.29 7.39
N GLU B 272 1.48 26.51 8.66
CA GLU B 272 1.18 27.83 9.27
C GLU B 272 2.50 28.40 9.86
N LEU B 273 3.62 27.69 9.83
CA LEU B 273 4.85 28.09 10.56
C LEU B 273 5.52 29.33 9.94
N GLU B 274 6.48 29.90 10.68
CA GLU B 274 7.23 31.11 10.31
C GLU B 274 8.58 30.72 9.69
N TYR B 275 9.17 31.55 8.83
CA TYR B 275 10.59 31.43 8.41
C TYR B 275 11.49 31.67 9.63
N GLY B 276 12.61 30.95 9.69
CA GLY B 276 13.51 30.84 10.85
C GLY B 276 14.92 31.33 10.56
N ASN B 277 15.20 31.82 9.35
CA ASN B 277 16.54 32.35 8.98
C ASN B 277 17.62 31.31 9.32
N CYS B 278 17.37 30.06 8.95
CA CYS B 278 18.15 28.84 9.31
C CYS B 278 18.37 28.03 8.03
N ASN B 279 19.28 27.08 8.11
CA ASN B 279 19.60 26.10 7.05
C ASN B 279 19.37 24.72 7.64
N THR B 280 18.86 23.79 6.83
CA THR B 280 18.63 22.37 7.18
C THR B 280 18.90 21.50 5.95
N LYS B 281 19.05 20.19 6.15
CA LYS B 281 19.06 19.18 5.08
C LYS B 281 17.68 18.50 5.01
N CYS B 282 16.78 18.76 5.98
CA CYS B 282 15.51 18.00 6.14
C CYS B 282 14.46 18.90 6.79
N GLN B 283 13.39 19.19 6.05
CA GLN B 283 12.28 20.07 6.48
C GLN B 283 10.98 19.28 6.55
N THR B 284 10.22 19.49 7.64
CA THR B 284 8.82 19.01 7.77
C THR B 284 7.93 20.22 7.95
N PRO B 285 6.62 20.05 7.75
CA PRO B 285 5.64 21.12 7.97
C PRO B 285 5.53 21.57 9.44
N MET B 286 6.04 20.78 10.38
CA MET B 286 6.02 21.10 11.84
CA MET B 286 6.03 21.07 11.84
C MET B 286 7.37 21.70 12.28
N GLY B 287 8.41 21.59 11.44
CA GLY B 287 9.77 22.07 11.80
C GLY B 287 10.86 21.29 11.09
N ALA B 288 12.11 21.82 11.11
CA ALA B 288 13.29 21.20 10.49
C ALA B 288 13.93 20.18 11.45
N ILE B 289 14.63 19.19 10.89
CA ILE B 289 15.28 18.07 11.63
C ILE B 289 16.77 18.13 11.36
N ASN B 290 17.59 18.07 12.41
CA ASN B 290 19.08 17.89 12.34
C ASN B 290 19.42 16.66 13.17
N SER B 291 19.69 15.54 12.51
CA SER B 291 19.78 14.22 13.18
C SER B 291 20.54 13.24 12.29
N SER B 292 21.25 12.29 12.92
CA SER B 292 21.80 11.10 12.25
C SER B 292 20.95 9.86 12.62
N MET B 293 19.94 10.03 13.48
CA MET B 293 18.98 8.94 13.82
C MET B 293 18.36 8.41 12.53
N PRO B 294 18.20 7.07 12.36
CA PRO B 294 17.60 6.54 11.14
C PRO B 294 16.07 6.70 11.02
N PHE B 295 15.35 6.92 12.14
CA PHE B 295 13.88 7.11 12.15
C PHE B 295 13.51 8.43 12.83
N HIS B 296 12.31 8.93 12.54
CA HIS B 296 11.69 10.09 13.22
C HIS B 296 10.19 9.87 13.26
N ASN B 297 9.48 10.55 14.18
CA ASN B 297 8.00 10.51 14.28
C ASN B 297 7.39 11.92 14.15
N ILE B 298 8.07 12.85 13.50
CA ILE B 298 7.63 14.29 13.49
C ILE B 298 6.38 14.43 12.60
N HIS B 299 6.48 14.07 11.33
CA HIS B 299 5.41 14.21 10.30
C HIS B 299 5.79 13.38 9.07
N PRO B 300 4.84 12.71 8.41
CA PRO B 300 5.16 11.94 7.21
C PRO B 300 5.64 12.75 5.98
N LEU B 301 5.24 14.00 5.82
CA LEU B 301 5.47 14.75 4.55
C LEU B 301 6.71 15.62 4.69
N THR B 302 7.87 15.08 4.36
CA THR B 302 9.18 15.72 4.57
C THR B 302 9.80 15.95 3.20
N ILE B 303 10.87 16.76 3.14
CA ILE B 303 11.69 16.96 1.93
C ILE B 303 13.14 17.12 2.38
N GLY B 304 14.08 16.61 1.58
CA GLY B 304 15.53 16.63 1.81
C GLY B 304 16.02 15.27 2.23
N GLU B 305 17.23 15.17 2.79
CA GLU B 305 17.81 13.89 3.28
C GLU B 305 17.31 13.67 4.70
N CYS B 306 16.25 12.89 4.86
CA CYS B 306 15.49 12.74 6.11
C CYS B 306 15.62 11.31 6.67
N PRO B 307 15.49 11.16 7.99
CA PRO B 307 15.21 9.85 8.57
C PRO B 307 13.89 9.31 8.01
N LYS B 308 13.66 8.01 8.13
CA LYS B 308 12.41 7.34 7.70
C LYS B 308 11.34 7.54 8.78
N TYR B 309 10.13 7.93 8.37
CA TYR B 309 9.01 8.23 9.28
C TYR B 309 8.38 6.95 9.83
N VAL B 310 8.05 6.93 11.12
CA VAL B 310 7.21 5.87 11.74
C VAL B 310 6.28 6.54 12.73
N LYS B 311 5.17 5.88 13.07
CA LYS B 311 4.16 6.44 14.01
C LYS B 311 4.55 6.20 15.48
N SER B 312 5.66 5.50 15.75
CA SER B 312 6.09 5.09 17.12
C SER B 312 6.38 6.28 18.04
N ASN B 313 6.05 6.15 19.32
CA ASN B 313 6.43 7.08 20.41
C ASN B 313 7.84 6.75 20.94
N ARG B 314 8.35 5.52 20.72
CA ARG B 314 9.58 4.97 21.36
C ARG B 314 10.18 3.87 20.47
N LEU B 315 11.48 3.94 20.15
CA LEU B 315 12.21 2.85 19.46
C LEU B 315 13.64 2.79 20.00
N VAL B 316 13.93 1.81 20.88
CA VAL B 316 15.26 1.63 21.53
C VAL B 316 15.73 0.19 21.33
N LEU B 317 16.91 0.05 20.70
CA LEU B 317 17.63 -1.23 20.54
C LEU B 317 18.46 -1.52 21.80
N ALA B 318 18.29 -2.73 22.37
CA ALA B 318 19.22 -3.32 23.35
C ALA B 318 20.59 -3.53 22.67
N THR B 319 21.65 -2.98 23.26
CA THR B 319 23.05 -3.30 22.87
C THR B 319 23.73 -4.13 23.99
N GLY B 320 23.58 -3.72 25.24
CA GLY B 320 24.17 -4.38 26.43
C GLY B 320 23.25 -5.42 27.05
N LEU B 321 23.48 -5.71 28.34
CA LEU B 321 22.94 -6.87 29.07
C LEU B 321 21.76 -6.43 29.93
N ARG B 322 20.93 -7.38 30.34
CA ARG B 322 19.94 -7.17 31.43
C ARG B 322 20.70 -6.65 32.66
N ASN B 323 20.22 -5.56 33.26
CA ASN B 323 20.87 -4.84 34.39
C ASN B 323 20.27 -5.30 35.71
N SER B 324 21.14 -5.56 36.71
CA SER B 324 20.77 -5.93 38.11
C SER B 324 20.25 -4.69 38.84
N PRO B 325 18.95 -4.66 39.26
CA PRO B 325 18.40 -3.51 39.97
C PRO B 325 19.01 -3.38 41.38
N GLY C 4 43.82 -45.23 26.00
CA GLY C 4 42.81 -46.30 25.72
C GLY C 4 42.01 -46.04 24.44
N ASP C 5 40.87 -46.73 24.32
CA ASP C 5 39.91 -46.60 23.18
C ASP C 5 39.22 -45.23 23.24
N GLN C 6 38.94 -44.61 22.09
CA GLN C 6 38.30 -43.28 21.96
C GLN C 6 37.09 -43.35 21.03
N ILE C 7 35.99 -42.67 21.37
CA ILE C 7 34.92 -42.26 20.42
C ILE C 7 34.80 -40.74 20.47
N CYS C 8 34.79 -40.10 19.29
CA CYS C 8 34.72 -38.62 19.09
C CYS C 8 33.38 -38.23 18.44
N ILE C 9 32.73 -37.18 18.94
CA ILE C 9 31.52 -36.57 18.31
C ILE C 9 31.98 -35.39 17.46
N GLY C 10 31.49 -35.29 16.23
CA GLY C 10 31.88 -34.21 15.29
C GLY C 10 30.84 -33.96 14.21
N TYR C 11 31.18 -33.15 13.22
CA TYR C 11 30.23 -32.66 12.19
C TYR C 11 30.93 -32.52 10.85
N HIS C 12 30.15 -32.47 9.77
CA HIS C 12 30.59 -32.41 8.35
C HIS C 12 31.32 -31.07 8.11
N ALA C 13 32.35 -31.11 7.28
CA ALA C 13 32.99 -29.95 6.61
C ALA C 13 33.33 -30.38 5.17
N ASN C 14 33.62 -29.42 4.27
CA ASN C 14 33.83 -29.71 2.83
C ASN C 14 34.58 -28.56 2.14
N ASN C 15 34.67 -28.64 0.81
CA ASN C 15 35.39 -27.70 -0.10
C ASN C 15 34.50 -26.49 -0.46
N SER C 16 33.26 -26.41 0.05
CA SER C 16 32.25 -25.38 -0.33
C SER C 16 32.77 -23.98 0.00
N THR C 17 32.59 -23.05 -0.94
CA THR C 17 32.94 -21.61 -0.84
C THR C 17 31.65 -20.76 -0.74
N GLU C 18 30.48 -21.42 -0.76
CA GLU C 18 29.15 -20.78 -0.83
C GLU C 18 28.95 -19.95 0.45
N GLN C 19 28.57 -18.68 0.28
CA GLN C 19 28.47 -17.69 1.37
C GLN C 19 26.99 -17.31 1.59
N VAL C 20 26.63 -17.00 2.83
CA VAL C 20 25.27 -16.51 3.22
C VAL C 20 25.43 -15.39 4.26
N ASP C 21 24.36 -14.66 4.50
CA ASP C 21 24.30 -13.51 5.42
C ASP C 21 23.31 -13.86 6.55
N THR C 22 23.56 -13.27 7.72
CA THR C 22 22.70 -13.25 8.92
C THR C 22 22.68 -11.80 9.44
N ILE C 23 21.79 -11.48 10.39
CA ILE C 23 21.71 -10.15 11.06
C ILE C 23 23.10 -9.73 11.56
N MET C 24 23.78 -10.64 12.28
CA MET C 24 24.98 -10.33 13.09
C MET C 24 26.27 -10.52 12.27
N GLU C 25 26.23 -11.23 11.13
CA GLU C 25 27.46 -11.56 10.37
C GLU C 25 27.18 -11.69 8.87
N LYS C 26 28.01 -11.05 8.04
CA LYS C 26 27.96 -11.14 6.55
C LYS C 26 29.00 -12.16 6.10
N ASN C 27 28.81 -12.75 4.91
CA ASN C 27 29.84 -13.53 4.17
C ASN C 27 30.29 -14.70 5.05
N VAL C 28 29.34 -15.50 5.53
CA VAL C 28 29.57 -16.74 6.32
C VAL C 28 29.64 -17.90 5.34
N THR C 29 30.78 -18.59 5.27
CA THR C 29 30.96 -19.80 4.42
C THR C 29 30.16 -20.91 5.07
N VAL C 30 29.42 -21.70 4.28
CA VAL C 30 28.61 -22.85 4.78
C VAL C 30 28.91 -24.06 3.89
N THR C 31 28.44 -25.24 4.29
CA THR C 31 28.75 -26.53 3.62
C THR C 31 27.78 -26.73 2.46
N HIS C 32 26.55 -26.27 2.63
CA HIS C 32 25.45 -26.35 1.63
C HIS C 32 24.59 -25.07 1.70
N ALA C 33 24.04 -24.67 0.57
CA ALA C 33 23.14 -23.49 0.43
C ALA C 33 22.21 -23.68 -0.77
N GLN C 34 21.08 -22.99 -0.78
CA GLN C 34 20.14 -22.92 -1.94
C GLN C 34 20.00 -21.46 -2.38
N ASP C 35 20.55 -21.11 -3.56
CA ASP C 35 20.22 -19.86 -4.30
C ASP C 35 18.73 -19.93 -4.68
N ILE C 36 17.95 -18.89 -4.38
CA ILE C 36 16.49 -18.90 -4.68
C ILE C 36 16.11 -17.76 -5.64
N LEU C 37 17.10 -17.07 -6.22
CA LEU C 37 16.90 -15.85 -7.03
C LEU C 37 17.37 -16.11 -8.48
N GLU C 38 16.44 -16.11 -9.45
CA GLU C 38 16.77 -16.15 -10.90
C GLU C 38 17.27 -14.77 -11.33
N LYS C 39 18.43 -14.70 -11.97
CA LYS C 39 19.04 -13.42 -12.42
C LYS C 39 19.19 -13.36 -13.95
N LYS C 40 18.86 -14.44 -14.66
CA LYS C 40 19.18 -14.59 -16.12
C LYS C 40 17.89 -14.58 -16.94
N HIS C 41 17.94 -13.95 -18.12
CA HIS C 41 16.88 -13.98 -19.16
C HIS C 41 17.55 -14.08 -20.54
N ASN C 42 16.77 -14.42 -21.57
CA ASN C 42 17.25 -14.75 -22.94
C ASN C 42 17.24 -13.52 -23.85
N GLY C 43 16.84 -12.35 -23.35
CA GLY C 43 16.96 -11.07 -24.07
C GLY C 43 16.06 -10.94 -25.29
N LYS C 44 14.98 -11.75 -25.38
CA LYS C 44 14.08 -11.82 -26.56
C LYS C 44 12.60 -11.79 -26.17
N LEU C 45 11.72 -11.42 -27.13
CA LEU C 45 10.24 -11.56 -27.00
C LEU C 45 9.81 -12.88 -27.60
N CYS C 46 9.11 -13.70 -26.82
CA CYS C 46 8.79 -15.10 -27.17
C CYS C 46 7.28 -15.31 -27.18
N ASP C 47 6.85 -16.34 -27.89
CA ASP C 47 5.51 -16.96 -27.76
C ASP C 47 5.32 -17.32 -26.29
N LEU C 48 4.08 -17.26 -25.81
CA LEU C 48 3.71 -17.64 -24.42
C LEU C 48 2.86 -18.90 -24.48
N ASP C 49 3.40 -20.03 -24.01
CA ASP C 49 2.77 -21.37 -24.10
C ASP C 49 2.23 -21.59 -25.52
N GLY C 50 3.05 -21.31 -26.54
CA GLY C 50 2.73 -21.61 -27.95
C GLY C 50 1.99 -20.51 -28.71
N VAL C 51 1.57 -19.42 -28.06
CA VAL C 51 0.76 -18.34 -28.68
C VAL C 51 1.65 -17.09 -28.91
N LYS C 52 1.79 -16.65 -30.15
CA LYS C 52 2.65 -15.50 -30.52
C LYS C 52 2.03 -14.22 -29.98
N PRO C 53 2.86 -13.23 -29.54
CA PRO C 53 2.33 -11.92 -29.20
C PRO C 53 1.99 -11.12 -30.46
N LEU C 54 1.20 -10.08 -30.29
CA LEU C 54 1.01 -9.02 -31.31
C LEU C 54 2.10 -7.98 -31.08
N ILE C 55 3.05 -7.85 -31.99
CA ILE C 55 4.19 -6.90 -31.90
C ILE C 55 3.92 -5.75 -32.86
N LEU C 56 3.58 -4.56 -32.34
CA LEU C 56 3.05 -3.45 -33.17
C LEU C 56 4.19 -2.73 -33.90
N ARG C 57 5.45 -3.09 -33.64
CA ARG C 57 6.65 -2.44 -34.23
C ARG C 57 6.53 -0.92 -34.08
N ASP C 58 6.35 -0.17 -35.17
CA ASP C 58 6.38 1.31 -35.18
C ASP C 58 4.97 1.89 -35.07
N CYS C 59 3.97 1.04 -34.81
CA CYS C 59 2.54 1.45 -34.79
C CYS C 59 2.06 1.54 -33.33
N SER C 60 1.27 2.56 -33.01
CA SER C 60 0.54 2.69 -31.73
C SER C 60 -0.74 1.86 -31.80
N VAL C 61 -1.36 1.58 -30.66
CA VAL C 61 -2.69 0.93 -30.60
C VAL C 61 -3.67 1.74 -31.47
N ALA C 62 -3.65 3.07 -31.38
CA ALA C 62 -4.54 3.95 -32.16
C ALA C 62 -4.26 3.77 -33.66
N GLY C 63 -3.00 3.81 -34.06
CA GLY C 63 -2.58 3.60 -35.45
C GLY C 63 -3.12 2.27 -35.96
N TRP C 64 -3.01 1.21 -35.16
CA TRP C 64 -3.55 -0.12 -35.51
C TRP C 64 -5.08 -0.04 -35.65
N LEU C 65 -5.81 0.43 -34.63
CA LEU C 65 -7.29 0.26 -34.60
C LEU C 65 -7.96 1.23 -35.59
N LEU C 66 -7.44 2.44 -35.80
CA LEU C 66 -7.99 3.36 -36.85
C LEU C 66 -7.46 2.97 -38.26
N GLY C 67 -6.39 2.19 -38.35
CA GLY C 67 -5.78 1.74 -39.62
C GLY C 67 -5.00 2.84 -40.31
N ASN C 68 -4.05 3.44 -39.60
CA ASN C 68 -3.05 4.37 -40.18
C ASN C 68 -2.48 3.62 -41.39
N PRO C 69 -2.41 4.21 -42.60
CA PRO C 69 -1.97 3.46 -43.78
C PRO C 69 -0.55 2.88 -43.68
N MET C 70 0.30 3.38 -42.79
CA MET C 70 1.63 2.79 -42.47
C MET C 70 1.48 1.53 -41.58
N CYS C 71 0.27 1.14 -41.19
CA CYS C 71 0.05 0.02 -40.22
C CYS C 71 -0.67 -1.14 -40.93
N ASP C 72 -0.53 -1.25 -42.26
CA ASP C 72 -1.16 -2.32 -43.09
C ASP C 72 -0.70 -3.71 -42.65
N GLU C 73 0.47 -3.86 -42.03
CA GLU C 73 0.89 -5.19 -41.50
C GLU C 73 -0.17 -5.73 -40.52
N PHE C 74 -0.95 -4.86 -39.86
CA PHE C 74 -1.90 -5.21 -38.77
C PHE C 74 -3.35 -5.14 -39.26
N ILE C 75 -3.57 -5.18 -40.57
CA ILE C 75 -4.92 -5.06 -41.17
C ILE C 75 -5.81 -6.21 -40.67
N ASN C 76 -5.26 -7.39 -40.45
CA ASN C 76 -5.98 -8.57 -39.91
C ASN C 76 -5.00 -9.34 -39.01
N VAL C 77 -5.09 -9.18 -37.68
CA VAL C 77 -4.15 -9.85 -36.74
C VAL C 77 -4.81 -11.09 -36.15
N PRO C 78 -4.08 -12.20 -36.10
CA PRO C 78 -4.58 -13.40 -35.43
C PRO C 78 -4.57 -13.27 -33.90
N GLU C 79 -5.16 -14.25 -33.22
CA GLU C 79 -5.19 -14.35 -31.74
C GLU C 79 -3.77 -14.15 -31.19
N TRP C 80 -3.66 -13.37 -30.11
CA TRP C 80 -2.37 -13.02 -29.47
C TRP C 80 -2.38 -13.43 -27.99
N SER C 81 -1.19 -13.59 -27.41
CA SER C 81 -0.97 -13.88 -25.97
C SER C 81 -0.83 -12.56 -25.20
N TYR C 82 -0.04 -11.63 -25.72
CA TYR C 82 0.15 -10.28 -25.14
C TYR C 82 0.47 -9.30 -26.28
N ILE C 83 0.40 -8.01 -26.02
CA ILE C 83 0.69 -6.96 -27.02
C ILE C 83 1.99 -6.26 -26.63
N VAL C 84 2.82 -5.89 -27.61
CA VAL C 84 4.07 -5.12 -27.43
C VAL C 84 3.96 -3.83 -28.23
N GLU C 85 4.13 -2.70 -27.55
CA GLU C 85 4.12 -1.33 -28.09
C GLU C 85 5.45 -0.66 -27.70
N LYS C 86 6.09 0.06 -28.61
CA LYS C 86 7.27 0.90 -28.29
C LYS C 86 6.82 2.08 -27.42
N ALA C 87 7.77 2.68 -26.71
CA ALA C 87 7.55 3.85 -25.82
C ALA C 87 6.94 5.00 -26.64
N ASN C 88 7.47 5.27 -27.85
CA ASN C 88 7.07 6.42 -28.69
C ASN C 88 6.90 5.97 -30.13
N PRO C 89 5.80 5.26 -30.47
CA PRO C 89 5.65 4.71 -31.83
C PRO C 89 5.46 5.86 -32.83
N VAL C 90 6.13 5.85 -33.99
CA VAL C 90 6.07 7.02 -34.92
C VAL C 90 4.74 7.01 -35.70
N ASN C 91 4.12 5.85 -35.91
CA ASN C 91 2.86 5.73 -36.70
C ASN C 91 1.65 5.73 -35.77
N ASP C 92 1.08 6.90 -35.56
CA ASP C 92 -0.01 7.12 -34.57
C ASP C 92 -1.13 7.83 -35.33
N LEU C 93 -1.51 9.04 -34.94
CA LEU C 93 -2.55 9.82 -35.65
C LEU C 93 -1.85 10.61 -36.74
N CYS C 94 -1.79 10.04 -37.95
CA CYS C 94 -1.14 10.66 -39.14
C CYS C 94 -1.79 12.02 -39.40
N TYR C 95 -3.12 12.11 -39.43
CA TYR C 95 -3.82 13.42 -39.40
C TYR C 95 -3.93 13.82 -37.93
N PRO C 96 -3.46 15.00 -37.50
CA PRO C 96 -3.30 15.25 -36.08
C PRO C 96 -4.67 15.40 -35.39
N GLY C 97 -4.69 15.12 -34.09
CA GLY C 97 -5.90 15.35 -33.27
C GLY C 97 -5.85 14.55 -32.00
N ASP C 98 -6.95 13.92 -31.63
CA ASP C 98 -7.13 13.33 -30.27
C ASP C 98 -7.96 12.07 -30.42
N PHE C 99 -7.69 11.11 -29.54
CA PHE C 99 -8.44 9.86 -29.37
C PHE C 99 -9.09 9.90 -27.97
N ASN C 100 -10.39 10.12 -27.95
CA ASN C 100 -11.18 10.24 -26.69
C ASN C 100 -11.10 8.96 -25.86
N ASP C 101 -10.89 9.09 -24.54
CA ASP C 101 -10.81 7.95 -23.58
C ASP C 101 -9.87 6.85 -24.10
N TYR C 102 -8.72 7.23 -24.65
CA TYR C 102 -7.71 6.32 -25.25
C TYR C 102 -7.20 5.35 -24.19
N GLU C 103 -6.83 5.86 -23.01
CA GLU C 103 -6.22 4.99 -21.96
C GLU C 103 -7.29 4.01 -21.46
N GLU C 104 -8.56 4.38 -21.42
CA GLU C 104 -9.62 3.42 -21.00
C GLU C 104 -9.74 2.33 -22.10
N LEU C 105 -9.59 2.71 -23.38
CA LEU C 105 -9.66 1.70 -24.49
C LEU C 105 -8.49 0.72 -24.33
N LYS C 106 -7.27 1.22 -24.12
CA LYS C 106 -6.07 0.35 -23.95
C LYS C 106 -6.29 -0.58 -22.75
N HIS C 107 -6.93 -0.08 -21.69
CA HIS C 107 -7.22 -0.90 -20.49
C HIS C 107 -8.13 -2.07 -20.90
N LEU C 108 -9.20 -1.84 -21.67
CA LEU C 108 -10.08 -2.92 -22.22
C LEU C 108 -9.25 -3.91 -23.04
N LEU C 109 -8.33 -3.40 -23.87
CA LEU C 109 -7.50 -4.23 -24.78
C LEU C 109 -6.71 -5.25 -23.96
N SER C 110 -6.35 -4.89 -22.72
CA SER C 110 -5.56 -5.74 -21.80
CA SER C 110 -5.56 -5.73 -21.78
C SER C 110 -6.33 -6.99 -21.40
N ARG C 111 -7.66 -7.03 -21.63
CA ARG C 111 -8.50 -8.20 -21.26
C ARG C 111 -9.01 -8.92 -22.53
N ILE C 112 -8.36 -8.71 -23.67
CA ILE C 112 -8.81 -9.20 -25.00
C ILE C 112 -7.64 -9.89 -25.69
N ASN C 113 -7.92 -11.06 -26.26
CA ASN C 113 -6.91 -11.89 -27.00
C ASN C 113 -7.20 -11.92 -28.49
N HIS C 114 -8.41 -11.60 -28.94
CA HIS C 114 -8.75 -11.63 -30.39
C HIS C 114 -9.91 -10.73 -30.76
N PHE C 115 -9.72 -9.96 -31.84
CA PHE C 115 -10.79 -9.21 -32.55
C PHE C 115 -11.00 -9.89 -33.92
N GLU C 116 -12.23 -9.92 -34.40
CA GLU C 116 -12.56 -10.23 -35.81
C GLU C 116 -13.06 -8.93 -36.46
N LYS C 117 -12.23 -8.33 -37.30
CA LYS C 117 -12.59 -7.08 -38.03
C LYS C 117 -13.75 -7.41 -38.99
N ILE C 118 -14.75 -6.54 -39.08
CA ILE C 118 -15.89 -6.68 -40.03
C ILE C 118 -16.25 -5.32 -40.61
N GLN C 119 -16.61 -5.35 -41.90
CA GLN C 119 -17.12 -4.15 -42.62
C GLN C 119 -18.57 -3.92 -42.20
N ILE C 120 -18.86 -2.86 -41.45
CA ILE C 120 -20.23 -2.63 -40.92
C ILE C 120 -20.93 -1.56 -41.79
N ILE C 121 -20.17 -0.65 -42.42
CA ILE C 121 -20.72 0.37 -43.36
C ILE C 121 -19.77 0.48 -44.55
N PRO C 122 -20.08 -0.20 -45.67
CA PRO C 122 -19.17 -0.21 -46.82
C PRO C 122 -18.95 1.22 -47.34
N LYS C 123 -17.69 1.55 -47.64
CA LYS C 123 -17.30 2.84 -48.25
C LYS C 123 -18.15 3.11 -49.49
N SER C 124 -18.54 2.06 -50.23
CA SER C 124 -19.27 2.15 -51.52
C SER C 124 -20.76 2.46 -51.32
N SER C 125 -21.28 2.46 -50.09
CA SER C 125 -22.74 2.58 -49.81
C SER C 125 -23.16 4.04 -49.63
N TRP C 126 -22.25 4.99 -49.86
CA TRP C 126 -22.51 6.44 -49.63
C TRP C 126 -22.90 7.09 -50.97
N SER C 127 -24.19 7.12 -51.30
CA SER C 127 -24.66 7.50 -52.67
C SER C 127 -24.94 9.02 -52.79
N SER C 128 -25.27 9.71 -51.70
CA SER C 128 -25.49 11.19 -51.65
C SER C 128 -24.22 11.97 -51.24
N HIS C 129 -23.07 11.31 -51.00
CA HIS C 129 -21.84 12.00 -50.50
C HIS C 129 -20.61 11.42 -51.23
N GLU C 130 -19.53 12.20 -51.38
CA GLU C 130 -18.24 11.66 -51.89
C GLU C 130 -17.54 10.89 -50.76
N ALA C 131 -17.25 9.62 -50.99
CA ALA C 131 -16.60 8.71 -50.02
C ALA C 131 -15.14 8.46 -50.41
N SER C 132 -14.65 9.02 -51.51
CA SER C 132 -13.30 8.71 -52.06
C SER C 132 -12.41 9.94 -52.13
N LEU C 133 -12.83 11.10 -51.63
CA LEU C 133 -12.03 12.35 -51.70
C LEU C 133 -11.41 12.68 -50.33
N GLY C 134 -11.63 11.82 -49.32
CA GLY C 134 -11.23 12.05 -47.92
C GLY C 134 -9.79 11.63 -47.68
N VAL C 135 -8.84 12.30 -48.33
CA VAL C 135 -7.39 11.90 -48.25
C VAL C 135 -6.55 13.13 -47.90
N SER C 136 -5.36 12.93 -47.37
CA SER C 136 -4.48 14.04 -46.91
C SER C 136 -3.02 13.67 -47.18
N SER C 137 -2.18 14.67 -47.39
CA SER C 137 -0.71 14.51 -47.45
C SER C 137 -0.17 14.21 -46.05
N ALA C 138 -0.95 14.42 -44.98
CA ALA C 138 -0.56 14.03 -43.60
C ALA C 138 -0.54 12.51 -43.48
N CYS C 139 -1.32 11.79 -44.29
CA CYS C 139 -1.48 10.31 -44.19
C CYS C 139 -1.01 9.64 -45.48
N PRO C 140 0.30 9.71 -45.82
CA PRO C 140 0.80 9.15 -47.08
C PRO C 140 0.77 7.62 -47.09
N TYR C 141 0.51 7.06 -48.26
CA TYR C 141 0.76 5.64 -48.64
C TYR C 141 1.46 5.60 -49.99
N GLN C 142 2.72 5.15 -49.99
CA GLN C 142 3.56 4.99 -51.21
C GLN C 142 3.58 6.31 -51.99
N GLY C 143 3.92 7.41 -51.32
CA GLY C 143 4.06 8.76 -51.90
C GLY C 143 2.74 9.38 -52.39
N LYS C 144 1.58 8.76 -52.17
CA LYS C 144 0.24 9.35 -52.51
C LYS C 144 -0.55 9.66 -51.24
N SER C 145 -1.26 10.78 -51.21
CA SER C 145 -2.24 11.16 -50.15
C SER C 145 -3.20 10.01 -49.86
N SER C 146 -3.39 9.66 -48.58
CA SER C 146 -4.31 8.57 -48.13
C SER C 146 -5.03 8.98 -46.84
N PHE C 147 -5.58 8.01 -46.09
CA PHE C 147 -6.31 8.24 -44.82
C PHE C 147 -6.40 6.95 -44.01
N PHE C 148 -6.77 7.07 -42.73
CA PHE C 148 -7.11 5.91 -41.87
C PHE C 148 -8.01 4.95 -42.68
N ARG C 149 -7.75 3.66 -42.65
CA ARG C 149 -8.48 2.67 -43.51
C ARG C 149 -9.80 2.23 -42.87
N ASN C 150 -10.00 2.39 -41.56
CA ASN C 150 -11.15 1.77 -40.84
C ASN C 150 -12.27 2.78 -40.68
N VAL C 151 -12.06 4.03 -41.07
CA VAL C 151 -13.11 5.08 -41.04
C VAL C 151 -13.05 5.84 -42.37
N VAL C 152 -14.11 6.57 -42.71
CA VAL C 152 -14.29 7.23 -44.04
C VAL C 152 -14.54 8.72 -43.82
N TRP C 153 -13.68 9.55 -44.38
CA TRP C 153 -13.87 11.01 -44.36
C TRP C 153 -14.85 11.44 -45.46
N LEU C 154 -16.12 11.66 -45.12
CA LEU C 154 -17.16 12.04 -46.11
C LEU C 154 -17.04 13.51 -46.51
N ILE C 155 -17.24 13.77 -47.80
CA ILE C 155 -17.14 15.12 -48.44
C ILE C 155 -18.46 15.40 -49.17
N LYS C 156 -18.80 16.68 -49.37
CA LYS C 156 -19.98 17.10 -50.16
C LYS C 156 -19.90 16.54 -51.57
N LYS C 157 -21.06 16.26 -52.19
CA LYS C 157 -21.17 15.82 -53.60
C LYS C 157 -21.95 16.88 -54.37
N ASN C 158 -21.38 17.41 -55.47
CA ASN C 158 -22.10 18.37 -56.36
C ASN C 158 -22.63 19.52 -55.48
N SER C 159 -21.75 20.12 -54.66
CA SER C 159 -22.01 21.33 -53.83
C SER C 159 -23.15 21.09 -52.83
N THR C 160 -23.46 19.85 -52.45
CA THR C 160 -24.53 19.54 -51.43
C THR C 160 -24.06 18.45 -50.46
N TYR C 161 -24.50 18.55 -49.20
CA TYR C 161 -24.24 17.58 -48.11
C TYR C 161 -25.57 17.36 -47.42
N PRO C 162 -26.41 16.44 -47.92
CA PRO C 162 -27.66 16.12 -47.25
C PRO C 162 -27.38 15.53 -45.87
N THR C 163 -28.41 15.58 -45.03
CA THR C 163 -28.42 15.04 -43.67
C THR C 163 -28.29 13.52 -43.78
N ILE C 164 -27.26 12.97 -43.14
CA ILE C 164 -26.99 11.52 -43.03
C ILE C 164 -27.87 10.96 -41.90
N LYS C 165 -28.60 9.88 -42.15
CA LYS C 165 -29.25 9.04 -41.12
C LYS C 165 -28.86 7.59 -41.42
N ARG C 166 -27.99 7.03 -40.58
CA ARG C 166 -27.50 5.63 -40.74
C ARG C 166 -27.50 4.94 -39.38
N SER C 167 -28.00 3.72 -39.39
CA SER C 167 -28.08 2.80 -38.25
C SER C 167 -27.29 1.54 -38.57
N TYR C 168 -26.74 0.92 -37.55
CA TYR C 168 -26.18 -0.44 -37.63
C TYR C 168 -26.61 -1.18 -36.36
N ASN C 169 -27.20 -2.35 -36.58
CA ASN C 169 -27.71 -3.23 -35.52
C ASN C 169 -26.69 -4.37 -35.34
N ASN C 170 -26.20 -4.57 -34.12
CA ASN C 170 -25.23 -5.64 -33.79
C ASN C 170 -25.97 -6.98 -33.72
N THR C 171 -26.08 -7.68 -34.86
CA THR C 171 -26.79 -9.00 -34.96
C THR C 171 -25.82 -10.15 -34.59
N ASN C 172 -24.65 -9.85 -34.01
CA ASN C 172 -23.66 -10.86 -33.54
C ASN C 172 -23.88 -11.16 -32.06
N GLN C 173 -23.34 -12.29 -31.59
CA GLN C 173 -23.43 -12.78 -30.18
C GLN C 173 -22.38 -12.08 -29.30
N GLU C 174 -21.45 -11.35 -29.92
CA GLU C 174 -20.30 -10.68 -29.25
C GLU C 174 -20.49 -9.15 -29.25
N ASP C 175 -19.88 -8.49 -28.27
CA ASP C 175 -19.71 -7.03 -28.20
C ASP C 175 -18.95 -6.56 -29.44
N LEU C 176 -19.30 -5.38 -29.95
CA LEU C 176 -18.65 -4.76 -31.11
C LEU C 176 -18.00 -3.43 -30.70
N LEU C 177 -16.71 -3.28 -30.96
CA LEU C 177 -16.02 -1.99 -30.78
C LEU C 177 -16.22 -1.19 -32.07
N VAL C 178 -16.84 -0.02 -31.94
CA VAL C 178 -17.20 0.89 -33.07
C VAL C 178 -16.45 2.21 -32.86
N LEU C 179 -15.82 2.72 -33.92
CA LEU C 179 -14.95 3.93 -33.96
C LEU C 179 -15.50 4.91 -35.01
N TRP C 180 -15.56 6.18 -34.68
CA TRP C 180 -15.97 7.30 -35.57
C TRP C 180 -15.23 8.57 -35.18
N GLY C 181 -15.49 9.66 -35.88
CA GLY C 181 -14.74 10.89 -35.67
C GLY C 181 -15.43 12.11 -36.19
N ILE C 182 -14.87 13.26 -35.85
CA ILE C 182 -15.35 14.61 -36.28
C ILE C 182 -14.11 15.38 -36.77
N HIS C 183 -14.30 16.18 -37.81
CA HIS C 183 -13.25 17.05 -38.37
C HIS C 183 -13.47 18.49 -37.87
N HIS C 184 -12.48 19.03 -37.19
CA HIS C 184 -12.43 20.45 -36.74
C HIS C 184 -11.59 21.19 -37.78
N PRO C 185 -12.18 21.97 -38.70
CA PRO C 185 -11.40 22.66 -39.73
C PRO C 185 -10.69 23.92 -39.22
N ASN C 186 -9.86 24.50 -40.09
CA ASN C 186 -9.05 25.72 -39.85
C ASN C 186 -9.91 26.98 -39.97
N ASP C 187 -10.93 27.03 -40.84
CA ASP C 187 -11.69 28.29 -41.09
C ASP C 187 -13.05 28.02 -41.75
N ALA C 188 -13.92 29.04 -41.77
CA ALA C 188 -15.29 29.01 -42.32
C ALA C 188 -15.25 28.69 -43.82
N ALA C 189 -14.19 29.11 -44.52
CA ALA C 189 -14.00 28.87 -45.96
C ALA C 189 -13.76 27.37 -46.18
N GLU C 190 -12.88 26.76 -45.39
CA GLU C 190 -12.62 25.30 -45.44
C GLU C 190 -13.94 24.57 -45.14
N GLN C 191 -14.70 25.04 -44.15
CA GLN C 191 -15.97 24.37 -43.76
C GLN C 191 -16.84 24.29 -45.02
N THR C 192 -17.05 25.43 -45.68
CA THR C 192 -17.89 25.55 -46.91
C THR C 192 -17.34 24.65 -48.00
N LYS C 193 -16.04 24.70 -48.26
CA LYS C 193 -15.38 23.95 -49.35
C LYS C 193 -15.63 22.44 -49.18
N LEU C 194 -15.54 21.92 -47.96
CA LEU C 194 -15.61 20.46 -47.66
C LEU C 194 -17.06 20.02 -47.51
N TYR C 195 -17.88 20.78 -46.81
CA TYR C 195 -19.19 20.30 -46.29
C TYR C 195 -20.38 21.17 -46.72
N GLN C 196 -20.15 22.34 -47.33
CA GLN C 196 -21.20 23.29 -47.77
C GLN C 196 -21.94 23.92 -46.58
N ASN C 197 -22.60 23.12 -45.75
CA ASN C 197 -23.38 23.61 -44.57
C ASN C 197 -22.44 24.35 -43.60
N PRO C 198 -22.75 25.59 -43.18
CA PRO C 198 -21.86 26.32 -42.26
C PRO C 198 -21.97 25.93 -40.79
N THR C 199 -23.15 25.48 -40.34
CA THR C 199 -23.44 25.08 -38.94
C THR C 199 -23.79 23.58 -38.91
N THR C 200 -22.93 22.74 -38.34
CA THR C 200 -23.03 21.26 -38.44
C THR C 200 -23.00 20.60 -37.07
N TYR C 201 -23.41 19.35 -37.05
CA TYR C 201 -23.42 18.46 -35.86
C TYR C 201 -23.26 17.00 -36.30
N ILE C 202 -22.89 16.15 -35.33
CA ILE C 202 -22.98 14.68 -35.39
C ILE C 202 -23.70 14.23 -34.12
N SER C 203 -24.89 13.63 -34.25
CA SER C 203 -25.59 12.98 -33.12
C SER C 203 -25.34 11.46 -33.20
N VAL C 204 -25.11 10.83 -32.07
CA VAL C 204 -24.83 9.37 -31.97
C VAL C 204 -25.58 8.84 -30.74
N GLY C 205 -26.46 7.84 -30.95
CA GLY C 205 -27.29 7.22 -29.90
C GLY C 205 -27.17 5.70 -29.91
N THR C 206 -27.11 5.10 -28.73
CA THR C 206 -27.31 3.65 -28.51
C THR C 206 -28.33 3.48 -27.38
N SER C 207 -28.31 2.35 -26.70
CA SER C 207 -29.20 2.15 -25.53
C SER C 207 -28.68 3.02 -24.37
N THR C 208 -27.38 3.36 -24.36
CA THR C 208 -26.72 4.13 -23.26
C THR C 208 -26.14 5.45 -23.79
N LEU C 209 -25.74 5.53 -25.05
CA LEU C 209 -24.97 6.71 -25.53
C LEU C 209 -25.96 7.79 -26.01
N ASN C 210 -25.63 9.04 -25.72
CA ASN C 210 -26.45 10.23 -26.03
C ASN C 210 -25.50 11.40 -26.37
N GLN C 211 -24.90 11.34 -27.54
CA GLN C 211 -23.81 12.25 -27.95
C GLN C 211 -24.29 13.21 -29.04
N ARG C 212 -23.96 14.49 -28.90
CA ARG C 212 -24.12 15.49 -29.98
C ARG C 212 -22.81 16.29 -30.05
N LEU C 213 -22.03 16.09 -31.11
CA LEU C 213 -20.70 16.72 -31.33
C LEU C 213 -20.88 17.92 -32.26
N VAL C 214 -20.20 19.02 -31.94
CA VAL C 214 -20.15 20.23 -32.80
C VAL C 214 -18.70 20.50 -33.15
N PRO C 215 -18.37 20.80 -34.42
CA PRO C 215 -17.01 21.17 -34.77
C PRO C 215 -16.64 22.51 -34.13
N ARG C 216 -15.36 22.68 -33.88
CA ARG C 216 -14.74 23.93 -33.35
C ARG C 216 -13.80 24.47 -34.42
N ILE C 217 -14.12 25.62 -35.02
CA ILE C 217 -13.26 26.27 -36.04
C ILE C 217 -12.35 27.24 -35.29
N ALA C 218 -11.04 27.09 -35.47
CA ALA C 218 -9.98 27.89 -34.80
C ALA C 218 -8.69 27.74 -35.58
N THR C 219 -7.82 28.74 -35.49
CA THR C 219 -6.48 28.80 -36.13
C THR C 219 -5.50 28.09 -35.20
N ARG C 220 -4.84 27.05 -35.67
CA ARG C 220 -3.92 26.21 -34.86
C ARG C 220 -2.55 26.12 -35.54
N SER C 221 -1.53 25.74 -34.79
CA SER C 221 -0.20 25.35 -35.30
C SER C 221 -0.35 24.17 -36.27
N LYS C 222 0.44 24.15 -37.34
CA LYS C 222 0.48 23.02 -38.28
C LYS C 222 1.16 21.85 -37.58
N VAL C 223 0.57 20.66 -37.64
CA VAL C 223 1.20 19.36 -37.24
C VAL C 223 1.07 18.41 -38.44
N ASN C 224 2.15 17.77 -38.88
CA ASN C 224 2.23 17.02 -40.16
C ASN C 224 1.57 17.87 -41.26
N GLY C 225 1.81 19.19 -41.27
CA GLY C 225 1.37 20.08 -42.35
C GLY C 225 -0.07 20.54 -42.19
N GLN C 226 -0.78 20.13 -41.12
CA GLN C 226 -2.23 20.40 -40.97
C GLN C 226 -2.53 21.27 -39.75
N SER C 227 -3.40 22.25 -39.94
CA SER C 227 -4.00 23.06 -38.86
C SER C 227 -5.37 22.52 -38.43
N GLY C 228 -6.02 21.71 -39.26
CA GLY C 228 -7.23 20.96 -38.89
C GLY C 228 -6.89 19.91 -37.86
N ARG C 229 -7.91 19.37 -37.19
CA ARG C 229 -7.78 18.28 -36.21
C ARG C 229 -8.93 17.29 -36.44
N MET C 230 -8.62 16.00 -36.31
CA MET C 230 -9.62 14.90 -36.23
C MET C 230 -9.75 14.49 -34.77
N GLU C 231 -10.98 14.32 -34.26
CA GLU C 231 -11.21 13.82 -32.88
C GLU C 231 -12.02 12.53 -33.01
N PHE C 232 -11.48 11.43 -32.50
CA PHE C 232 -12.07 10.07 -32.60
C PHE C 232 -12.71 9.68 -31.27
N PHE C 233 -13.76 8.90 -31.40
CA PHE C 233 -14.64 8.40 -30.33
C PHE C 233 -14.85 6.91 -30.54
N TRP C 234 -15.20 6.23 -29.48
CA TRP C 234 -15.50 4.78 -29.54
C TRP C 234 -16.64 4.43 -28.56
N THR C 235 -17.26 3.29 -28.80
CA THR C 235 -18.23 2.68 -27.87
C THR C 235 -18.21 1.16 -28.03
N ILE C 236 -18.73 0.46 -27.05
CA ILE C 236 -18.95 -1.00 -27.11
C ILE C 236 -20.45 -1.14 -27.36
N LEU C 237 -20.80 -1.73 -28.51
CA LEU C 237 -22.21 -1.95 -28.88
C LEU C 237 -22.55 -3.37 -28.51
N LYS C 238 -23.43 -3.55 -27.52
CA LYS C 238 -23.83 -4.87 -26.99
C LYS C 238 -24.61 -5.66 -28.04
N PRO C 239 -24.66 -7.00 -27.94
CA PRO C 239 -25.51 -7.79 -28.83
C PRO C 239 -26.96 -7.28 -28.85
N ASN C 240 -27.54 -7.16 -30.04
CA ASN C 240 -28.95 -6.75 -30.23
C ASN C 240 -29.16 -5.24 -29.99
N ASP C 241 -28.16 -4.47 -29.56
CA ASP C 241 -28.31 -2.99 -29.52
C ASP C 241 -27.96 -2.42 -30.90
N ALA C 242 -28.41 -1.20 -31.19
CA ALA C 242 -28.18 -0.50 -32.45
C ALA C 242 -27.49 0.82 -32.14
N ILE C 243 -26.60 1.26 -33.03
CA ILE C 243 -26.01 2.61 -33.04
C ILE C 243 -26.64 3.41 -34.20
N ASN C 244 -27.09 4.62 -33.91
CA ASN C 244 -27.74 5.54 -34.88
C ASN C 244 -26.91 6.83 -35.02
N PHE C 245 -26.47 7.14 -36.24
CA PHE C 245 -25.72 8.37 -36.57
C PHE C 245 -26.62 9.31 -37.38
N GLU C 246 -26.58 10.59 -37.04
CA GLU C 246 -27.15 11.68 -37.87
C GLU C 246 -26.13 12.82 -37.97
N SER C 247 -25.89 13.34 -39.17
CA SER C 247 -24.93 14.45 -39.38
C SER C 247 -25.23 15.24 -40.65
N ASN C 248 -25.00 16.55 -40.60
CA ASN C 248 -24.98 17.42 -41.81
C ASN C 248 -23.56 17.92 -42.10
N GLY C 249 -22.52 17.25 -41.63
CA GLY C 249 -21.13 17.58 -42.01
C GLY C 249 -20.07 17.13 -41.01
N ASN C 250 -18.80 17.15 -41.42
CA ASN C 250 -17.62 17.01 -40.53
C ASN C 250 -17.58 15.59 -39.97
N PHE C 251 -18.35 14.65 -40.53
CA PHE C 251 -18.51 13.25 -40.03
C PHE C 251 -17.43 12.35 -40.62
N ILE C 252 -16.63 11.72 -39.75
CA ILE C 252 -15.66 10.64 -40.11
C ILE C 252 -16.35 9.32 -39.74
N ALA C 253 -16.96 8.66 -40.72
CA ALA C 253 -17.91 7.57 -40.49
C ALA C 253 -17.18 6.24 -40.31
N PRO C 254 -17.73 5.30 -39.52
CA PRO C 254 -17.14 3.98 -39.43
C PRO C 254 -17.20 3.32 -40.82
N GLU C 255 -16.22 2.48 -41.16
CA GLU C 255 -16.36 1.47 -42.21
C GLU C 255 -16.17 0.10 -41.56
N TYR C 256 -15.02 -0.12 -40.91
CA TYR C 256 -14.69 -1.39 -40.20
C TYR C 256 -14.86 -1.21 -38.67
N ALA C 257 -15.45 -2.22 -38.03
CA ALA C 257 -15.60 -2.35 -36.57
C ALA C 257 -14.99 -3.71 -36.15
N TYR C 258 -14.80 -3.91 -34.85
CA TYR C 258 -14.10 -5.09 -34.28
C TYR C 258 -15.01 -5.90 -33.36
N LYS C 259 -15.29 -7.14 -33.74
CA LYS C 259 -16.02 -8.12 -32.89
C LYS C 259 -15.05 -8.59 -31.82
N ILE C 260 -15.49 -8.65 -30.57
CA ILE C 260 -14.61 -9.11 -29.46
C ILE C 260 -14.85 -10.60 -29.25
N VAL C 261 -13.95 -11.42 -29.80
CA VAL C 261 -14.26 -12.87 -29.98
C VAL C 261 -13.55 -13.72 -28.91
N LYS C 262 -12.50 -13.19 -28.26
CA LYS C 262 -11.77 -13.92 -27.19
C LYS C 262 -11.31 -12.93 -26.11
N LYS C 263 -11.78 -13.12 -24.89
CA LYS C 263 -11.32 -12.39 -23.68
C LYS C 263 -10.46 -13.32 -22.82
N GLY C 264 -9.51 -12.77 -22.08
CA GLY C 264 -8.58 -13.56 -21.25
C GLY C 264 -7.50 -12.68 -20.66
N ASP C 265 -6.51 -13.30 -20.03
CA ASP C 265 -5.34 -12.57 -19.52
C ASP C 265 -4.49 -12.13 -20.73
N SER C 266 -4.18 -10.85 -20.75
CA SER C 266 -3.28 -10.23 -21.74
C SER C 266 -2.64 -9.04 -21.04
N THR C 267 -1.79 -8.32 -21.75
CA THR C 267 -1.17 -7.08 -21.23
C THR C 267 -0.69 -6.30 -22.43
N ILE C 268 -0.54 -4.99 -22.26
CA ILE C 268 0.23 -4.17 -23.23
C ILE C 268 1.58 -3.88 -22.59
N MET C 269 2.61 -4.50 -23.15
CA MET C 269 4.00 -4.49 -22.60
C MET C 269 4.78 -3.47 -23.42
N LYS C 270 5.43 -2.52 -22.73
CA LYS C 270 6.34 -1.51 -23.35
C LYS C 270 7.72 -2.13 -23.47
N SER C 271 8.19 -2.38 -24.70
CA SER C 271 9.56 -2.87 -25.01
C SER C 271 9.99 -2.37 -26.40
N GLU C 272 11.29 -2.11 -26.58
CA GLU C 272 11.91 -1.72 -27.87
C GLU C 272 12.36 -2.97 -28.62
N LEU C 273 12.31 -4.14 -28.01
CA LEU C 273 12.77 -5.40 -28.64
C LEU C 273 11.80 -5.82 -29.75
N GLU C 274 12.25 -6.74 -30.61
CA GLU C 274 11.44 -7.39 -31.68
C GLU C 274 11.31 -8.88 -31.36
N TYR C 275 10.52 -9.60 -32.15
CA TYR C 275 10.23 -11.05 -32.02
C TYR C 275 11.52 -11.88 -32.10
N GLY C 276 11.59 -12.99 -31.35
CA GLY C 276 12.80 -13.83 -31.23
C GLY C 276 12.55 -15.29 -31.58
N ASN C 277 11.39 -15.64 -32.14
CA ASN C 277 11.13 -17.01 -32.68
C ASN C 277 11.44 -18.06 -31.61
N CYS C 278 10.95 -17.85 -30.38
CA CYS C 278 11.15 -18.72 -29.19
C CYS C 278 9.80 -18.97 -28.53
N ASN C 279 9.75 -19.93 -27.61
CA ASN C 279 8.59 -20.23 -26.73
C ASN C 279 9.07 -20.09 -25.28
N THR C 280 8.19 -19.68 -24.35
CA THR C 280 8.46 -19.49 -22.90
C THR C 280 7.16 -19.68 -22.13
N LYS C 281 7.23 -19.90 -20.82
CA LYS C 281 6.05 -19.86 -19.91
C LYS C 281 6.02 -18.52 -19.18
N CYS C 282 7.06 -17.69 -19.31
CA CYS C 282 7.21 -16.42 -18.53
C CYS C 282 7.99 -15.40 -19.35
N GLN C 283 7.36 -14.27 -19.65
CA GLN C 283 7.94 -13.18 -20.48
C GLN C 283 8.03 -11.89 -19.65
N THR C 284 9.15 -11.18 -19.78
CA THR C 284 9.33 -9.80 -19.27
C THR C 284 9.62 -8.91 -20.46
N PRO C 285 9.46 -7.58 -20.31
CA PRO C 285 9.80 -6.62 -21.36
C PRO C 285 11.29 -6.62 -21.76
N MET C 286 12.17 -7.16 -20.92
CA MET C 286 13.64 -7.22 -21.20
C MET C 286 14.02 -8.59 -21.76
N GLY C 287 13.17 -9.61 -21.60
CA GLY C 287 13.48 -10.98 -22.06
C GLY C 287 12.68 -12.03 -21.31
N ALA C 288 12.68 -13.26 -21.81
CA ALA C 288 11.94 -14.40 -21.25
C ALA C 288 12.77 -15.10 -20.15
N ILE C 289 12.08 -15.79 -19.24
CA ILE C 289 12.67 -16.50 -18.08
C ILE C 289 12.31 -17.98 -18.20
N ASN C 290 13.30 -18.86 -18.05
CA ASN C 290 13.15 -20.34 -17.93
C ASN C 290 13.84 -20.74 -16.63
N SER C 291 13.07 -21.05 -15.60
CA SER C 291 13.58 -21.21 -14.21
C SER C 291 12.59 -21.95 -13.33
N SER C 292 13.10 -22.72 -12.36
CA SER C 292 12.30 -23.27 -11.23
C SER C 292 12.58 -22.47 -9.95
N MET C 293 13.45 -21.48 -10.01
CA MET C 293 13.73 -20.57 -8.86
C MET C 293 12.42 -19.89 -8.45
N PRO C 294 12.12 -19.73 -7.14
CA PRO C 294 10.88 -19.07 -6.71
C PRO C 294 10.87 -17.53 -6.82
N PHE C 295 12.03 -16.88 -6.91
CA PHE C 295 12.17 -15.41 -7.07
C PHE C 295 13.00 -15.07 -8.32
N HIS C 296 12.85 -13.83 -8.81
CA HIS C 296 13.69 -13.26 -9.89
C HIS C 296 13.81 -11.76 -9.65
N ASN C 297 14.83 -11.11 -10.24
CA ASN C 297 15.04 -9.65 -10.14
C ASN C 297 15.09 -9.02 -11.55
N ILE C 298 14.49 -9.62 -12.57
CA ILE C 298 14.64 -9.12 -13.98
C ILE C 298 13.86 -7.82 -14.17
N HIS C 299 12.55 -7.86 -13.94
CA HIS C 299 11.61 -6.73 -14.17
C HIS C 299 10.29 -7.02 -13.45
N PRO C 300 9.64 -6.02 -12.83
CA PRO C 300 8.37 -6.26 -12.16
C PRO C 300 7.18 -6.64 -13.06
N LEU C 301 7.16 -6.22 -14.32
CA LEU C 301 5.95 -6.35 -15.19
C LEU C 301 6.13 -7.57 -16.08
N THR C 302 5.66 -8.72 -15.61
CA THR C 302 5.83 -10.03 -16.29
C THR C 302 4.45 -10.51 -16.71
N ILE C 303 4.40 -11.52 -17.56
CA ILE C 303 3.14 -12.29 -17.85
C ILE C 303 3.53 -13.77 -17.96
N GLY C 304 2.63 -14.65 -17.51
CA GLY C 304 2.79 -16.11 -17.60
C GLY C 304 3.03 -16.69 -16.21
N GLU C 305 3.47 -17.95 -16.13
CA GLU C 305 3.80 -18.65 -14.86
C GLU C 305 5.23 -18.24 -14.46
N CYS C 306 5.36 -17.24 -13.60
CA CYS C 306 6.64 -16.54 -13.31
C CYS C 306 7.04 -16.71 -11.86
N PRO C 307 8.35 -16.67 -11.55
CA PRO C 307 8.81 -16.47 -10.18
C PRO C 307 8.31 -15.11 -9.69
N LYS C 308 8.32 -14.90 -8.37
CA LYS C 308 7.89 -13.63 -7.73
C LYS C 308 9.05 -12.64 -7.79
N TYR C 309 8.77 -11.40 -8.19
CA TYR C 309 9.79 -10.34 -8.37
C TYR C 309 10.24 -9.76 -7.02
N VAL C 310 11.54 -9.52 -6.88
CA VAL C 310 12.12 -8.74 -5.73
C VAL C 310 13.24 -7.87 -6.29
N LYS C 311 13.59 -6.80 -5.59
CA LYS C 311 14.66 -5.85 -6.02
C LYS C 311 16.06 -6.35 -5.62
N SER C 312 16.18 -7.50 -4.95
CA SER C 312 17.47 -8.04 -4.42
C SER C 312 18.47 -8.34 -5.54
N ASN C 313 19.76 -8.12 -5.24
CA ASN C 313 20.92 -8.60 -6.06
C ASN C 313 21.27 -10.04 -5.70
N ARG C 314 20.89 -10.54 -4.51
CA ARG C 314 21.39 -11.84 -3.93
C ARG C 314 20.35 -12.38 -2.94
N LEU C 315 19.92 -13.64 -3.08
CA LEU C 315 19.07 -14.35 -2.08
C LEU C 315 19.51 -15.81 -1.98
N VAL C 316 20.24 -16.15 -0.91
CA VAL C 316 20.79 -17.53 -0.67
C VAL C 316 20.37 -17.99 0.74
N LEU C 317 19.62 -19.10 0.81
CA LEU C 317 19.21 -19.79 2.05
C LEU C 317 20.32 -20.74 2.50
N ALA C 318 20.76 -20.60 3.76
CA ALA C 318 21.59 -21.59 4.47
C ALA C 318 20.79 -22.89 4.60
N THR C 319 21.37 -23.99 4.14
CA THR C 319 20.84 -25.37 4.42
C THR C 319 21.79 -26.11 5.36
N GLY C 320 23.10 -26.09 5.09
CA GLY C 320 24.13 -26.81 5.87
C GLY C 320 24.73 -25.97 6.99
N LEU C 321 25.95 -26.33 7.40
CA LEU C 321 26.62 -25.90 8.65
C LEU C 321 27.62 -24.81 8.32
N ARG C 322 28.02 -24.03 9.33
CA ARG C 322 29.19 -23.12 9.23
C ARG C 322 30.40 -23.99 8.86
N ASN C 323 31.17 -23.58 7.84
CA ASN C 323 32.29 -24.36 7.24
C ASN C 323 33.64 -23.97 7.87
N SER C 324 34.45 -24.96 8.23
CA SER C 324 35.82 -24.82 8.80
C SER C 324 36.81 -24.54 7.67
N PRO C 325 37.69 -23.52 7.78
CA PRO C 325 38.75 -23.30 6.78
C PRO C 325 39.77 -24.45 6.70
N GLY D 1 14.15 -30.82 20.02
CA GLY D 1 14.08 -29.46 20.62
C GLY D 1 15.46 -28.87 20.82
N LEU D 2 15.58 -27.55 20.74
CA LEU D 2 16.87 -26.81 20.72
C LEU D 2 17.66 -27.07 22.02
N PHE D 3 17.00 -27.17 23.19
CA PHE D 3 17.64 -27.17 24.53
C PHE D 3 17.82 -28.60 25.09
N GLY D 4 17.35 -29.63 24.36
CA GLY D 4 17.71 -31.04 24.57
C GLY D 4 16.96 -31.71 25.71
N ALA D 5 16.09 -30.97 26.43
CA ALA D 5 15.40 -31.43 27.67
C ALA D 5 14.08 -32.14 27.33
N ILE D 6 13.09 -31.42 26.79
CA ILE D 6 11.77 -32.01 26.40
C ILE D 6 11.98 -33.00 25.26
N ALA D 7 11.38 -34.20 25.38
CA ALA D 7 11.54 -35.34 24.46
C ALA D 7 13.03 -35.55 24.10
N GLY D 8 13.92 -35.28 25.06
CA GLY D 8 15.38 -35.48 24.95
C GLY D 8 15.89 -36.36 26.08
N PHE D 9 16.69 -35.81 27.00
CA PHE D 9 17.25 -36.54 28.17
C PHE D 9 16.13 -36.82 29.19
N ILE D 10 15.04 -36.04 29.15
CA ILE D 10 13.76 -36.40 29.82
C ILE D 10 12.83 -36.97 28.74
N GLU D 11 12.60 -38.28 28.77
CA GLU D 11 12.08 -39.09 27.63
C GLU D 11 10.64 -38.67 27.28
N GLY D 12 9.83 -38.24 28.25
CA GLY D 12 8.42 -37.86 28.04
C GLY D 12 7.83 -37.09 29.21
N GLY D 13 6.58 -36.64 29.08
CA GLY D 13 5.86 -35.82 30.08
C GLY D 13 5.01 -36.65 31.04
N TRP D 14 4.51 -36.02 32.10
CA TRP D 14 3.75 -36.68 33.20
C TRP D 14 2.28 -36.26 33.15
N GLN D 15 1.41 -37.14 32.62
CA GLN D 15 -0.09 -37.08 32.79
C GLN D 15 -0.40 -36.77 34.27
N GLY D 16 0.43 -37.26 35.19
CA GLY D 16 0.23 -37.18 36.65
C GLY D 16 0.30 -35.77 37.17
N MET D 17 1.17 -34.92 36.61
CA MET D 17 1.29 -33.51 37.10
C MET D 17 0.25 -32.65 36.37
N VAL D 18 -0.75 -32.17 37.11
CA VAL D 18 -2.00 -31.58 36.57
C VAL D 18 -2.01 -30.06 36.84
N ASP D 19 -1.44 -29.61 37.96
CA ASP D 19 -1.57 -28.22 38.47
C ASP D 19 -0.30 -27.43 38.11
N GLY D 20 0.49 -27.90 37.15
CA GLY D 20 1.72 -27.20 36.73
C GLY D 20 2.22 -27.62 35.37
N TRP D 21 3.08 -26.78 34.77
CA TRP D 21 3.73 -27.01 33.45
C TRP D 21 5.04 -27.77 33.63
N TYR D 22 5.85 -27.34 34.60
CA TYR D 22 7.12 -28.02 34.99
C TYR D 22 7.08 -28.36 36.49
N GLY D 23 7.74 -29.46 36.88
CA GLY D 23 7.98 -29.76 38.31
C GLY D 23 8.70 -31.07 38.60
N TYR D 24 8.32 -31.70 39.72
CA TYR D 24 9.10 -32.77 40.40
C TYR D 24 8.23 -33.99 40.69
N HIS D 25 8.85 -35.18 40.64
CA HIS D 25 8.37 -36.45 41.24
C HIS D 25 9.39 -36.92 42.29
N HIS D 26 8.98 -36.97 43.56
CA HIS D 26 9.79 -37.47 44.70
C HIS D 26 9.34 -38.89 45.04
N SER D 27 10.26 -39.77 45.45
CA SER D 27 9.95 -41.13 45.99
C SER D 27 10.92 -41.47 47.11
N ASN D 28 10.51 -41.23 48.36
CA ASN D 28 11.28 -41.55 49.61
C ASN D 28 10.55 -42.69 50.33
N GLU D 29 10.84 -42.90 51.63
CA GLU D 29 10.23 -43.98 52.47
C GLU D 29 8.77 -43.62 52.81
N GLN D 30 8.49 -42.34 53.06
CA GLN D 30 7.13 -41.79 53.33
C GLN D 30 6.20 -42.07 52.12
N GLY D 31 6.75 -42.34 50.93
CA GLY D 31 5.98 -42.67 49.70
C GLY D 31 6.18 -41.65 48.59
N SER D 32 5.65 -41.92 47.40
CA SER D 32 5.91 -41.16 46.13
C SER D 32 4.98 -39.93 46.03
N GLY D 33 4.88 -39.30 44.86
CA GLY D 33 4.00 -38.13 44.60
C GLY D 33 4.61 -37.11 43.65
N TYR D 34 3.75 -36.34 42.97
CA TYR D 34 4.11 -35.22 42.06
C TYR D 34 3.89 -33.88 42.76
N ALA D 35 4.75 -32.89 42.49
CA ALA D 35 4.58 -31.49 42.91
C ALA D 35 5.11 -30.56 41.80
N ALA D 36 4.34 -29.52 41.46
CA ALA D 36 4.65 -28.53 40.42
C ALA D 36 5.56 -27.44 40.99
N ASP D 37 6.53 -26.95 40.21
CA ASP D 37 7.34 -25.76 40.58
C ASP D 37 6.51 -24.51 40.27
N LYS D 38 6.00 -23.84 41.32
CA LYS D 38 5.11 -22.66 41.22
C LYS D 38 5.86 -21.52 40.52
N GLU D 39 7.09 -21.25 40.95
CA GLU D 39 7.91 -20.07 40.54
C GLU D 39 8.15 -20.07 39.03
N SER D 40 8.65 -21.18 38.46
CA SER D 40 9.03 -21.28 37.03
C SER D 40 7.77 -21.42 36.15
N THR D 41 6.72 -22.08 36.65
CA THR D 41 5.41 -22.21 35.95
C THR D 41 4.78 -20.81 35.82
N GLN D 42 4.78 -20.01 36.88
CA GLN D 42 4.18 -18.65 36.88
C GLN D 42 4.99 -17.75 35.93
N LYS D 43 6.32 -17.83 35.96
CA LYS D 43 7.22 -17.01 35.10
C LYS D 43 6.90 -17.33 33.63
N ALA D 44 6.67 -18.60 33.29
CA ALA D 44 6.34 -19.08 31.93
C ALA D 44 4.96 -18.57 31.51
N ILE D 45 4.00 -18.56 32.43
CA ILE D 45 2.62 -18.07 32.18
C ILE D 45 2.71 -16.56 31.87
N ASP D 46 3.39 -15.78 32.71
CA ASP D 46 3.57 -14.31 32.52
C ASP D 46 4.14 -14.05 31.12
N GLY D 47 5.16 -14.82 30.72
CA GLY D 47 5.87 -14.65 29.44
C GLY D 47 4.96 -14.92 28.25
N VAL D 48 4.19 -16.01 28.29
CA VAL D 48 3.35 -16.48 27.14
C VAL D 48 2.15 -15.53 27.02
N THR D 49 1.55 -15.14 28.15
CA THR D 49 0.40 -14.20 28.22
C THR D 49 0.82 -12.86 27.61
N ASN D 50 1.99 -12.34 28.00
CA ASN D 50 2.60 -11.12 27.40
C ASN D 50 2.80 -11.33 25.89
N LYS D 51 3.27 -12.50 25.45
CA LYS D 51 3.52 -12.75 24.01
C LYS D 51 2.19 -12.66 23.23
N VAL D 52 1.14 -13.31 23.72
CA VAL D 52 -0.20 -13.33 23.05
C VAL D 52 -0.70 -11.89 22.96
N ASN D 53 -0.66 -11.14 24.06
CA ASN D 53 -1.10 -9.72 24.13
C ASN D 53 -0.24 -8.86 23.19
N SER D 54 1.05 -9.15 23.05
CA SER D 54 1.98 -8.37 22.18
C SER D 54 1.64 -8.60 20.71
N ILE D 55 1.28 -9.83 20.35
CA ILE D 55 0.94 -10.22 18.95
C ILE D 55 -0.39 -9.55 18.56
N ILE D 56 -1.40 -9.64 19.42
CA ILE D 56 -2.73 -8.99 19.23
C ILE D 56 -2.53 -7.48 19.03
N ASP D 57 -1.90 -6.78 19.98
CA ASP D 57 -1.71 -5.30 19.99
C ASP D 57 -0.93 -4.83 18.75
N LYS D 58 0.06 -5.61 18.28
CA LYS D 58 0.85 -5.24 17.06
C LYS D 58 -0.06 -5.23 15.82
N MET D 59 -1.25 -5.86 15.89
CA MET D 59 -2.20 -5.98 14.76
C MET D 59 -3.41 -5.06 14.98
N ASN D 60 -3.33 -4.12 15.93
CA ASN D 60 -4.40 -3.13 16.21
C ASN D 60 -4.47 -2.15 15.03
N THR D 61 -3.33 -1.85 14.40
CA THR D 61 -3.21 -0.79 13.36
C THR D 61 -3.10 -1.44 11.98
N GLN D 62 -3.74 -2.58 11.81
CA GLN D 62 -3.81 -3.33 10.51
C GLN D 62 -4.77 -2.57 9.55
N PHE D 63 -4.57 -2.74 8.25
CA PHE D 63 -5.35 -2.13 7.13
C PHE D 63 -6.83 -2.51 7.20
N GLU D 64 -7.71 -1.51 7.03
CA GLU D 64 -9.19 -1.66 6.96
C GLU D 64 -9.65 -1.29 5.54
N ALA D 65 -10.26 -2.25 4.84
CA ALA D 65 -10.81 -2.08 3.47
C ALA D 65 -12.04 -1.16 3.50
N VAL D 66 -12.20 -0.32 2.47
CA VAL D 66 -13.32 0.63 2.31
C VAL D 66 -13.98 0.38 0.95
N GLY D 67 -15.32 0.42 0.90
CA GLY D 67 -16.09 0.42 -0.35
C GLY D 67 -15.92 1.74 -1.11
N ARG D 68 -15.38 1.67 -2.33
CA ARG D 68 -15.43 2.76 -3.34
C ARG D 68 -16.07 2.18 -4.60
N GLU D 69 -16.85 2.98 -5.34
CA GLU D 69 -17.54 2.54 -6.57
C GLU D 69 -17.07 3.41 -7.74
N PHE D 70 -17.08 2.82 -8.93
CA PHE D 70 -16.54 3.43 -10.17
C PHE D 70 -17.49 3.12 -11.31
N ASN D 71 -17.64 4.07 -12.22
CA ASN D 71 -18.51 3.92 -13.43
C ASN D 71 -17.69 3.19 -14.51
N ASN D 72 -18.29 2.95 -15.66
CA ASN D 72 -17.80 2.08 -16.76
C ASN D 72 -16.66 2.79 -17.51
N LEU D 73 -16.43 4.09 -17.32
CA LEU D 73 -15.27 4.77 -17.92
C LEU D 73 -14.24 5.14 -16.85
N GLU D 74 -14.23 4.39 -15.73
CA GLU D 74 -13.24 4.57 -14.65
C GLU D 74 -12.60 3.22 -14.35
N ARG D 75 -12.40 2.39 -15.38
CA ARG D 75 -11.90 1.00 -15.20
C ARG D 75 -10.48 1.03 -14.64
N ARG D 76 -9.65 2.00 -15.04
CA ARG D 76 -8.23 2.01 -14.63
C ARG D 76 -8.18 2.24 -13.11
N ILE D 77 -8.88 3.25 -12.60
CA ILE D 77 -8.85 3.55 -11.14
C ILE D 77 -9.64 2.47 -10.39
N GLU D 78 -10.71 1.91 -10.96
CA GLU D 78 -11.41 0.74 -10.33
C GLU D 78 -10.38 -0.38 -10.09
N ASN D 79 -9.55 -0.67 -11.08
CA ASN D 79 -8.53 -1.73 -11.00
C ASN D 79 -7.42 -1.32 -10.03
N LEU D 80 -6.99 -0.06 -10.04
CA LEU D 80 -5.99 0.50 -9.07
C LEU D 80 -6.51 0.27 -7.65
N ASN D 81 -7.76 0.66 -7.43
CA ASN D 81 -8.44 0.47 -6.13
C ASN D 81 -8.41 -1.01 -5.71
N LYS D 82 -8.81 -1.92 -6.59
CA LYS D 82 -8.97 -3.35 -6.25
C LYS D 82 -7.58 -3.92 -5.91
N LYS D 83 -6.56 -3.58 -6.68
CA LYS D 83 -5.19 -4.11 -6.45
C LYS D 83 -4.60 -3.49 -5.17
N MET D 84 -4.86 -2.22 -4.91
CA MET D 84 -4.36 -1.59 -3.68
C MET D 84 -4.96 -2.33 -2.48
N GLU D 85 -6.28 -2.55 -2.46
CA GLU D 85 -6.95 -3.19 -1.29
C GLU D 85 -6.48 -4.64 -1.14
N ASP D 86 -6.46 -5.44 -2.21
CA ASP D 86 -5.97 -6.83 -2.18
C ASP D 86 -4.52 -6.85 -1.71
N GLY D 87 -3.71 -5.91 -2.21
CA GLY D 87 -2.28 -5.78 -1.87
C GLY D 87 -2.07 -5.73 -0.36
N PHE D 88 -2.78 -4.83 0.33
CA PHE D 88 -2.65 -4.66 1.80
C PHE D 88 -3.22 -5.89 2.54
N LEU D 89 -4.32 -6.49 2.05
CA LEU D 89 -4.91 -7.71 2.64
C LEU D 89 -3.85 -8.83 2.62
N ASP D 90 -3.11 -8.99 1.52
CA ASP D 90 -2.07 -10.03 1.34
C ASP D 90 -0.89 -9.72 2.26
N VAL D 91 -0.53 -8.44 2.39
CA VAL D 91 0.60 -8.03 3.27
C VAL D 91 0.25 -8.41 4.72
N TRP D 92 -0.94 -8.04 5.20
CA TRP D 92 -1.32 -8.26 6.62
C TRP D 92 -1.59 -9.76 6.89
N THR D 93 -2.08 -10.52 5.91
CA THR D 93 -2.25 -11.98 6.04
C THR D 93 -0.87 -12.65 6.22
N TYR D 94 0.10 -12.35 5.34
CA TYR D 94 1.51 -12.80 5.47
C TYR D 94 2.03 -12.40 6.86
N ASN D 95 1.87 -11.14 7.29
CA ASN D 95 2.41 -10.70 8.60
C ASN D 95 1.82 -11.59 9.70
N ALA D 96 0.51 -11.80 9.73
CA ALA D 96 -0.16 -12.57 10.82
C ALA D 96 0.34 -14.02 10.80
N GLU D 97 0.35 -14.66 9.63
CA GLU D 97 0.71 -16.09 9.49
C GLU D 97 2.18 -16.28 9.87
N LEU D 98 3.07 -15.39 9.43
CA LEU D 98 4.52 -15.56 9.67
C LEU D 98 4.79 -15.33 11.15
N LEU D 99 4.23 -14.28 11.74
CA LEU D 99 4.48 -13.96 13.16
C LEU D 99 4.06 -15.16 14.00
N VAL D 100 2.92 -15.77 13.69
CA VAL D 100 2.40 -16.96 14.43
C VAL D 100 3.35 -18.15 14.25
N LEU D 101 3.79 -18.46 13.03
CA LEU D 101 4.74 -19.57 12.78
C LEU D 101 6.02 -19.35 13.59
N MET D 102 6.60 -18.16 13.51
CA MET D 102 7.90 -17.84 14.13
C MET D 102 7.78 -17.87 15.66
N GLU D 103 6.69 -17.34 16.22
CA GLU D 103 6.52 -17.24 17.70
C GLU D 103 6.12 -18.62 18.27
N ASN D 104 5.45 -19.46 17.48
CA ASN D 104 5.13 -20.85 17.88
C ASN D 104 6.45 -21.61 18.12
N GLU D 105 7.41 -21.52 17.20
CA GLU D 105 8.75 -22.14 17.32
C GLU D 105 9.44 -21.63 18.59
N ARG D 106 9.40 -20.33 18.84
CA ARG D 106 10.07 -19.74 20.03
C ARG D 106 9.36 -20.23 21.31
N THR D 107 8.03 -20.39 21.30
CA THR D 107 7.26 -20.83 22.48
C THR D 107 7.67 -22.25 22.90
N LEU D 108 7.74 -23.19 21.96
CA LEU D 108 8.08 -24.61 22.24
C LEU D 108 9.52 -24.69 22.78
N ASP D 109 10.46 -23.94 22.17
CA ASP D 109 11.87 -23.86 22.62
C ASP D 109 11.95 -23.15 23.99
N PHE D 110 11.09 -22.17 24.27
CA PHE D 110 11.01 -21.49 25.60
C PHE D 110 10.76 -22.53 26.69
N HIS D 111 9.79 -23.42 26.48
CA HIS D 111 9.41 -24.51 27.41
C HIS D 111 10.62 -25.45 27.60
N ASP D 112 11.21 -25.91 26.50
CA ASP D 112 12.43 -26.75 26.48
C ASP D 112 13.51 -26.12 27.37
N SER D 113 13.76 -24.81 27.23
CA SER D 113 14.77 -24.08 28.02
C SER D 113 14.36 -23.99 29.50
N ASN D 114 13.08 -23.82 29.82
CA ASN D 114 12.62 -23.67 31.22
C ASN D 114 12.86 -24.98 31.99
N VAL D 115 12.61 -26.11 31.34
CA VAL D 115 12.81 -27.49 31.89
C VAL D 115 14.31 -27.71 32.13
N LYS D 116 15.16 -27.54 31.11
CA LYS D 116 16.64 -27.62 31.23
C LYS D 116 17.13 -26.80 32.43
N ASN D 117 16.63 -25.57 32.61
CA ASN D 117 17.10 -24.64 33.67
C ASN D 117 16.59 -25.13 35.05
N LEU D 118 15.40 -25.74 35.10
CA LEU D 118 14.86 -26.30 36.37
C LEU D 118 15.76 -27.47 36.82
N TYR D 119 16.10 -28.36 35.90
CA TYR D 119 17.01 -29.51 36.13
C TYR D 119 18.37 -29.01 36.65
N ASP D 120 18.92 -27.97 36.03
CA ASP D 120 20.26 -27.42 36.39
C ASP D 120 20.19 -26.73 37.77
N LYS D 121 19.07 -26.06 38.09
CA LYS D 121 18.83 -25.41 39.41
C LYS D 121 19.05 -26.45 40.52
N VAL D 122 18.49 -27.65 40.35
CA VAL D 122 18.49 -28.77 41.32
C VAL D 122 19.88 -29.42 41.36
N ARG D 123 20.50 -29.69 40.20
CA ARG D 123 21.83 -30.30 40.08
C ARG D 123 22.84 -29.46 40.88
N LEU D 124 22.84 -28.14 40.69
CA LEU D 124 23.80 -27.20 41.32
C LEU D 124 23.51 -27.05 42.83
N GLN D 125 22.31 -27.43 43.28
CA GLN D 125 21.96 -27.48 44.73
C GLN D 125 22.55 -28.76 45.35
N LEU D 126 22.33 -29.91 44.71
CA LEU D 126 22.61 -31.27 45.25
C LEU D 126 24.11 -31.59 45.14
N ARG D 127 24.82 -31.07 44.14
CA ARG D 127 26.29 -31.27 43.93
C ARG D 127 26.60 -32.77 44.10
N ASP D 128 27.60 -33.16 44.88
CA ASP D 128 28.00 -34.60 45.06
C ASP D 128 27.11 -35.29 46.11
N ASN D 129 26.23 -34.56 46.80
CA ASN D 129 25.26 -35.15 47.78
C ASN D 129 24.24 -36.05 47.08
N ALA D 130 24.22 -36.12 45.75
CA ALA D 130 23.34 -37.04 44.98
C ALA D 130 23.98 -37.43 43.65
N LYS D 131 23.43 -38.50 43.05
CA LYS D 131 23.90 -39.14 41.79
C LYS D 131 22.94 -38.76 40.64
N GLU D 132 23.51 -38.30 39.52
CA GLU D 132 22.80 -37.94 38.27
C GLU D 132 22.55 -39.22 37.45
N LEU D 133 21.31 -39.72 37.40
CA LEU D 133 20.94 -40.96 36.66
C LEU D 133 20.96 -40.72 35.14
N GLY D 134 20.75 -39.48 34.68
CA GLY D 134 20.81 -39.11 33.25
C GLY D 134 19.45 -39.20 32.55
N ASN D 135 18.37 -39.37 33.31
CA ASN D 135 16.97 -39.49 32.78
C ASN D 135 16.10 -38.38 33.39
N GLY D 136 16.72 -37.38 34.02
CA GLY D 136 16.01 -36.32 34.75
C GLY D 136 15.98 -36.55 36.25
N CYS D 137 16.42 -37.72 36.73
CA CYS D 137 16.29 -38.15 38.16
C CYS D 137 17.64 -38.09 38.89
N PHE D 138 17.61 -37.68 40.15
CA PHE D 138 18.75 -37.62 41.11
C PHE D 138 18.54 -38.64 42.24
N GLU D 139 19.39 -39.66 42.33
CA GLU D 139 19.41 -40.62 43.49
C GLU D 139 20.24 -39.97 44.61
N PHE D 140 19.61 -39.69 45.75
CA PHE D 140 20.27 -39.10 46.94
C PHE D 140 21.22 -40.13 47.57
N TYR D 141 22.37 -39.64 48.07
CA TYR D 141 23.36 -40.44 48.82
C TYR D 141 22.98 -40.45 50.30
N HIS D 142 21.99 -39.65 50.70
CA HIS D 142 21.47 -39.60 52.09
C HIS D 142 19.96 -39.85 52.09
N LYS D 143 19.37 -39.83 53.29
CA LYS D 143 17.91 -39.88 53.52
C LYS D 143 17.39 -38.47 53.28
N CYS D 144 16.29 -38.37 52.53
CA CYS D 144 15.62 -37.11 52.14
C CYS D 144 14.11 -37.30 52.31
N ASP D 145 13.63 -36.99 53.53
CA ASP D 145 12.20 -37.08 53.96
C ASP D 145 11.44 -35.93 53.28
N ASN D 146 10.11 -35.92 53.40
CA ASN D 146 9.20 -34.98 52.69
C ASN D 146 9.61 -33.52 52.98
N GLU D 147 10.29 -33.26 54.09
CA GLU D 147 10.71 -31.88 54.49
C GLU D 147 12.08 -31.52 53.87
N CYS D 148 12.91 -32.53 53.55
CA CYS D 148 14.18 -32.36 52.77
C CYS D 148 13.84 -32.04 51.30
N MET D 149 12.95 -32.84 50.71
CA MET D 149 12.43 -32.70 49.32
C MET D 149 11.93 -31.27 49.08
N GLU D 150 11.09 -30.73 49.97
CA GLU D 150 10.52 -29.36 49.88
C GLU D 150 11.64 -28.32 49.87
N SER D 151 12.73 -28.55 50.61
CA SER D 151 13.91 -27.64 50.69
C SER D 151 14.55 -27.52 49.29
N VAL D 152 14.49 -28.60 48.49
CA VAL D 152 15.01 -28.68 47.09
C VAL D 152 14.06 -27.89 46.16
N ARG D 153 12.74 -28.13 46.31
CA ARG D 153 11.63 -27.49 45.55
C ARG D 153 11.69 -25.97 45.73
N ASN D 154 11.74 -25.49 47.00
CA ASN D 154 11.68 -24.03 47.32
C ASN D 154 13.07 -23.39 47.16
N GLY D 155 14.10 -24.19 46.85
CA GLY D 155 15.44 -23.71 46.44
C GLY D 155 16.30 -23.26 47.61
N THR D 156 16.11 -23.88 48.79
CA THR D 156 16.90 -23.68 50.04
C THR D 156 17.32 -25.05 50.62
N TYR D 157 18.13 -25.79 49.87
CA TYR D 157 18.70 -27.10 50.29
C TYR D 157 20.01 -26.79 51.03
N ASP D 158 20.14 -27.30 52.25
CA ASP D 158 21.34 -27.14 53.12
C ASP D 158 22.33 -28.24 52.71
N TYR D 159 23.31 -27.89 51.86
CA TYR D 159 24.32 -28.84 51.33
C TYR D 159 25.23 -29.32 52.47
N PRO D 160 25.81 -28.41 53.31
CA PRO D 160 26.63 -28.83 54.45
C PRO D 160 25.96 -29.81 55.43
N GLN D 161 24.68 -29.64 55.77
CA GLN D 161 23.97 -30.51 56.76
C GLN D 161 24.10 -31.99 56.38
N TYR D 162 24.09 -32.33 55.08
CA TYR D 162 23.99 -33.73 54.60
C TYR D 162 25.30 -34.21 53.94
N SER D 163 26.31 -33.33 53.75
CA SER D 163 27.56 -33.63 52.97
C SER D 163 28.39 -34.74 53.63
N GLU D 164 28.54 -34.72 54.96
CA GLU D 164 29.31 -35.76 55.71
C GLU D 164 28.61 -37.11 55.54
N GLU D 165 27.30 -37.19 55.79
CA GLU D 165 26.54 -38.46 55.65
C GLU D 165 26.67 -38.94 54.20
N ALA D 166 26.50 -38.03 53.22
CA ALA D 166 26.56 -38.32 51.77
C ALA D 166 27.92 -38.94 51.40
N ARG D 167 29.03 -38.34 51.87
CA ARG D 167 30.41 -38.83 51.61
C ARG D 167 30.58 -40.28 52.12
N LEU D 168 30.08 -40.59 53.32
CA LEU D 168 30.20 -41.93 53.96
C LEU D 168 29.46 -42.99 53.12
N LYS D 169 28.32 -42.64 52.52
CA LYS D 169 27.54 -43.60 51.67
C LYS D 169 28.20 -43.68 50.29
N ARG D 170 28.73 -42.57 49.79
CA ARG D 170 29.26 -42.45 48.39
C ARG D 170 30.56 -43.24 48.30
N GLU D 171 31.53 -42.89 49.13
CA GLU D 171 32.95 -43.36 49.06
C GLU D 171 33.09 -44.66 49.87
N GLU D 172 34.18 -45.41 49.68
CA GLU D 172 34.71 -46.36 50.70
C GLU D 172 34.90 -45.56 52.01
N ILE D 173 34.69 -46.22 53.14
CA ILE D 173 34.52 -45.59 54.49
C ILE D 173 35.91 -45.17 55.00
N SER D 174 36.94 -45.98 54.72
CA SER D 174 38.36 -45.76 55.14
C SER D 174 39.31 -46.07 53.97
N GLY E 1 17.01 -16.01 31.64
CA GLY E 1 16.73 -16.14 30.19
C GLY E 1 16.94 -17.54 29.68
N LEU E 2 17.06 -17.68 28.36
CA LEU E 2 17.04 -18.98 27.63
C LEU E 2 18.23 -19.85 28.06
N PHE E 3 19.41 -19.25 28.32
CA PHE E 3 20.69 -20.01 28.53
C PHE E 3 21.02 -20.19 30.01
N GLY E 4 20.22 -19.63 30.91
CA GLY E 4 20.22 -19.96 32.35
C GLY E 4 21.31 -19.26 33.15
N ALA E 5 22.20 -18.49 32.51
CA ALA E 5 23.41 -17.89 33.13
C ALA E 5 23.09 -16.52 33.74
N ILE E 6 22.76 -15.51 32.94
CA ILE E 6 22.45 -14.12 33.44
C ILE E 6 21.16 -14.17 34.26
N ALA E 7 21.17 -13.55 35.44
CA ALA E 7 20.08 -13.58 36.44
C ALA E 7 19.55 -15.02 36.61
N GLY E 8 20.45 -16.02 36.50
CA GLY E 8 20.15 -17.45 36.71
C GLY E 8 21.10 -18.03 37.75
N PHE E 9 22.00 -18.94 37.34
CA PHE E 9 22.99 -19.60 38.23
C PHE E 9 24.06 -18.56 38.64
N ILE E 10 24.24 -17.50 37.86
CA ILE E 10 24.97 -16.28 38.32
C ILE E 10 23.94 -15.22 38.70
N GLU E 11 23.78 -14.99 40.01
CA GLU E 11 22.59 -14.32 40.61
C GLU E 11 22.52 -12.85 40.18
N GLY E 12 23.67 -12.19 39.96
CA GLY E 12 23.72 -10.75 39.64
C GLY E 12 24.97 -10.34 38.86
N GLY E 13 25.01 -9.09 38.40
CA GLY E 13 26.18 -8.47 37.73
C GLY E 13 27.11 -7.76 38.71
N TRP E 14 28.29 -7.40 38.24
CA TRP E 14 29.36 -6.75 39.07
C TRP E 14 29.51 -5.28 38.67
N GLN E 15 28.99 -4.36 39.49
CA GLN E 15 29.29 -2.89 39.39
C GLN E 15 30.82 -2.73 39.27
N GLY E 16 31.59 -3.62 39.90
CA GLY E 16 33.06 -3.57 40.00
C GLY E 16 33.74 -3.74 38.66
N MET E 17 33.20 -4.57 37.76
CA MET E 17 33.84 -4.78 36.42
C MET E 17 33.32 -3.69 35.47
N VAL E 18 34.20 -2.78 35.10
CA VAL E 18 33.87 -1.48 34.42
C VAL E 18 34.32 -1.54 32.95
N ASP E 19 35.42 -2.24 32.66
CA ASP E 19 36.12 -2.17 31.34
C ASP E 19 35.75 -3.39 30.48
N GLY E 20 34.66 -4.09 30.83
CA GLY E 20 34.22 -5.29 30.08
C GLY E 20 32.75 -5.60 30.30
N TRP E 21 32.20 -6.44 29.41
CA TRP E 21 30.79 -6.94 29.46
C TRP E 21 30.75 -8.24 30.26
N TYR E 22 31.67 -9.16 29.94
CA TYR E 22 31.87 -10.44 30.66
C TYR E 22 33.31 -10.52 31.20
N GLY E 23 33.52 -11.23 32.32
CA GLY E 23 34.87 -11.59 32.81
C GLY E 23 34.91 -12.28 34.16
N TYR E 24 35.97 -12.02 34.93
CA TYR E 24 36.43 -12.82 36.08
C TYR E 24 36.65 -11.96 37.33
N HIS E 25 36.40 -12.56 38.50
CA HIS E 25 36.87 -12.13 39.85
C HIS E 25 37.75 -13.22 40.45
N HIS E 26 39.02 -12.93 40.69
CA HIS E 26 40.01 -13.84 41.35
C HIS E 26 40.18 -13.40 42.81
N SER E 27 40.39 -14.36 43.73
CA SER E 27 40.67 -14.12 45.17
C SER E 27 41.63 -15.21 45.68
N ASN E 28 42.94 -14.92 45.66
CA ASN E 28 44.03 -15.79 46.17
C ASN E 28 44.67 -15.11 47.40
N GLU E 29 45.89 -15.49 47.77
CA GLU E 29 46.65 -14.94 48.94
C GLU E 29 47.09 -13.50 48.65
N GLN E 30 47.56 -13.22 47.42
CA GLN E 30 47.97 -11.87 46.97
C GLN E 30 46.80 -10.86 47.08
N GLY E 31 45.55 -11.36 47.14
CA GLY E 31 44.34 -10.53 47.29
C GLY E 31 43.40 -10.65 46.10
N SER E 32 42.25 -9.97 46.18
CA SER E 32 41.12 -10.07 45.22
C SER E 32 41.34 -9.15 44.00
N GLY E 33 40.30 -8.94 43.17
CA GLY E 33 40.32 -8.06 41.99
C GLY E 33 39.49 -8.59 40.84
N TYR E 34 39.04 -7.70 39.94
CA TYR E 34 38.24 -8.00 38.72
C TYR E 34 39.11 -7.86 37.47
N ALA E 35 38.88 -8.69 36.46
CA ALA E 35 39.52 -8.61 35.12
C ALA E 35 38.52 -9.07 34.04
N ALA E 36 38.39 -8.29 32.96
CA ALA E 36 37.44 -8.52 31.85
C ALA E 36 38.04 -9.51 30.85
N ASP E 37 37.22 -10.39 30.26
CA ASP E 37 37.63 -11.24 29.11
C ASP E 37 37.55 -10.38 27.84
N LYS E 38 38.71 -9.97 27.30
CA LYS E 38 38.81 -9.09 26.11
C LYS E 38 38.21 -9.79 24.90
N GLU E 39 38.57 -11.06 24.68
CA GLU E 39 38.25 -11.84 23.44
C GLU E 39 36.73 -11.97 23.25
N SER E 40 35.99 -12.40 24.29
CA SER E 40 34.52 -12.65 24.21
C SER E 40 33.75 -11.33 24.24
N THR E 41 34.25 -10.32 24.96
CA THR E 41 33.66 -8.94 24.99
C THR E 41 33.75 -8.33 23.58
N GLN E 42 34.91 -8.42 22.92
CA GLN E 42 35.12 -7.86 21.55
C GLN E 42 34.21 -8.60 20.55
N LYS E 43 34.11 -9.93 20.65
CA LYS E 43 33.27 -10.76 19.74
C LYS E 43 31.81 -10.29 19.85
N ALA E 44 31.34 -10.02 21.08
CA ALA E 44 29.97 -9.55 21.38
C ALA E 44 29.75 -8.14 20.81
N ILE E 45 30.75 -7.26 20.92
CA ILE E 45 30.69 -5.87 20.38
C ILE E 45 30.54 -5.95 18.85
N ASP E 46 31.39 -6.72 18.18
CA ASP E 46 31.35 -6.93 16.70
C ASP E 46 29.93 -7.34 16.28
N GLY E 47 29.35 -8.31 16.99
CA GLY E 47 28.03 -8.91 16.69
C GLY E 47 26.91 -7.89 16.81
N VAL E 48 26.90 -7.13 17.91
CA VAL E 48 25.80 -6.17 18.23
C VAL E 48 25.89 -4.98 17.26
N THR E 49 27.10 -4.47 17.01
CA THR E 49 27.38 -3.35 16.08
C THR E 49 26.90 -3.72 14.68
N ASN E 50 27.24 -4.92 14.20
CA ASN E 50 26.74 -5.47 12.92
C ASN E 50 25.21 -5.53 12.94
N LYS E 51 24.58 -5.95 14.05
CA LYS E 51 23.11 -6.10 14.12
C LYS E 51 22.47 -4.72 13.94
N VAL E 52 22.93 -3.71 14.68
CA VAL E 52 22.38 -2.33 14.64
C VAL E 52 22.47 -1.81 13.19
N ASN E 53 23.64 -1.93 12.57
CA ASN E 53 23.90 -1.48 11.18
C ASN E 53 23.01 -2.25 10.20
N SER E 54 22.76 -3.55 10.45
CA SER E 54 21.94 -4.41 9.56
C SER E 54 20.47 -3.97 9.63
N ILE E 55 19.99 -3.60 10.81
CA ILE E 55 18.57 -3.18 11.05
C ILE E 55 18.34 -1.84 10.35
N ILE E 56 19.24 -0.88 10.55
CA ILE E 56 19.20 0.46 9.90
C ILE E 56 19.15 0.28 8.37
N ASP E 57 20.13 -0.40 7.78
CA ASP E 57 20.27 -0.58 6.30
C ASP E 57 19.04 -1.30 5.70
N LYS E 58 18.44 -2.26 6.42
CA LYS E 58 17.23 -2.99 5.93
C LYS E 58 16.05 -2.01 5.80
N MET E 59 16.12 -0.82 6.41
CA MET E 59 15.04 0.21 6.39
C MET E 59 15.39 1.37 5.45
N ASN E 60 16.40 1.19 4.60
CA ASN E 60 16.81 2.17 3.55
C ASN E 60 15.69 2.33 2.51
N THR E 61 14.92 1.27 2.23
CA THR E 61 13.96 1.22 1.09
C THR E 61 12.52 1.48 1.58
N GLN E 62 12.36 2.13 2.73
CA GLN E 62 11.04 2.35 3.38
C GLN E 62 10.25 3.44 2.61
N PHE E 63 8.90 3.36 2.66
CA PHE E 63 7.94 4.20 1.89
C PHE E 63 8.06 5.67 2.28
N GLU E 64 8.08 6.57 1.29
CA GLU E 64 8.11 8.05 1.45
C GLU E 64 6.80 8.64 0.92
N ALA E 65 6.05 9.30 1.81
CA ALA E 65 4.74 9.93 1.52
C ALA E 65 4.95 11.17 0.63
N VAL E 66 4.01 11.43 -0.28
CA VAL E 66 4.00 12.63 -1.18
C VAL E 66 2.66 13.36 -1.00
N GLY E 67 2.70 14.68 -0.95
CA GLY E 67 1.49 15.54 -1.02
C GLY E 67 0.85 15.51 -2.40
N ARG E 68 -0.40 15.07 -2.46
CA ARG E 68 -1.28 15.20 -3.65
C ARG E 68 -2.55 15.91 -3.20
N GLU E 69 -3.13 16.76 -4.06
CA GLU E 69 -4.35 17.52 -3.74
C GLU E 69 -5.47 17.14 -4.71
N PHE E 70 -6.70 17.21 -4.22
CA PHE E 70 -7.91 16.78 -4.94
C PHE E 70 -9.00 17.81 -4.69
N ASN E 71 -9.83 18.05 -5.70
CA ASN E 71 -10.95 19.02 -5.60
C ASN E 71 -12.14 18.29 -4.97
N ASN E 72 -13.25 19.00 -4.77
CA ASN E 72 -14.41 18.58 -3.96
C ASN E 72 -15.25 17.53 -4.72
N LEU E 73 -15.00 17.30 -6.02
CA LEU E 73 -15.68 16.21 -6.77
C LEU E 73 -14.67 15.10 -7.08
N GLU E 74 -13.60 14.99 -6.30
CA GLU E 74 -12.60 13.91 -6.43
C GLU E 74 -12.41 13.26 -5.05
N ARG E 75 -13.50 13.15 -4.29
CA ARG E 75 -13.48 12.63 -2.91
C ARG E 75 -13.07 11.17 -2.92
N ARG E 76 -13.47 10.38 -3.92
CA ARG E 76 -13.17 8.94 -3.94
C ARG E 76 -11.65 8.77 -4.04
N ILE E 77 -11.01 9.43 -5.01
CA ILE E 77 -9.53 9.27 -5.19
C ILE E 77 -8.82 9.97 -4.02
N GLU E 78 -9.32 11.08 -3.50
CA GLU E 78 -8.73 11.71 -2.27
C GLU E 78 -8.68 10.65 -1.16
N ASN E 79 -9.78 9.92 -0.93
CA ASN E 79 -9.87 8.87 0.11
C ASN E 79 -8.94 7.69 -0.24
N LEU E 80 -8.88 7.28 -1.51
CA LEU E 80 -7.98 6.21 -1.99
C LEU E 80 -6.53 6.61 -1.67
N ASN E 81 -6.16 7.82 -2.05
CA ASN E 81 -4.84 8.41 -1.75
C ASN E 81 -4.52 8.35 -0.25
N LYS E 82 -5.44 8.79 0.60
CA LYS E 82 -5.20 8.88 2.07
C LYS E 82 -5.01 7.46 2.61
N LYS E 83 -5.82 6.51 2.18
CA LYS E 83 -5.75 5.11 2.67
C LYS E 83 -4.45 4.45 2.15
N MET E 84 -4.07 4.71 0.91
CA MET E 84 -2.83 4.12 0.37
C MET E 84 -1.65 4.61 1.23
N GLU E 85 -1.55 5.90 1.48
CA GLU E 85 -0.39 6.48 2.21
C GLU E 85 -0.39 6.01 3.66
N ASP E 86 -1.53 6.08 4.38
CA ASP E 86 -1.65 5.56 5.77
C ASP E 86 -1.32 4.08 5.78
N GLY E 87 -1.78 3.32 4.79
CA GLY E 87 -1.56 1.87 4.69
C GLY E 87 -0.09 1.54 4.77
N PHE E 88 0.74 2.19 3.93
CA PHE E 88 2.20 1.94 3.87
C PHE E 88 2.87 2.41 5.17
N LEU E 89 2.45 3.56 5.72
CA LEU E 89 3.01 4.09 6.99
C LEU E 89 2.76 3.07 8.11
N ASP E 90 1.58 2.45 8.17
CA ASP E 90 1.23 1.43 9.20
C ASP E 90 2.05 0.15 8.96
N VAL E 91 2.26 -0.25 7.71
CA VAL E 91 3.07 -1.45 7.38
C VAL E 91 4.51 -1.22 7.87
N TRP E 92 5.12 -0.07 7.55
CA TRP E 92 6.56 0.19 7.88
C TRP E 92 6.72 0.44 9.40
N THR E 93 5.71 1.00 10.07
CA THR E 93 5.70 1.15 11.55
C THR E 93 5.72 -0.25 12.19
N TYR E 94 4.80 -1.12 11.81
CA TYR E 94 4.76 -2.54 12.26
C TYR E 94 6.14 -3.18 12.01
N ASN E 95 6.71 -3.05 10.80
CA ASN E 95 8.00 -3.69 10.49
C ASN E 95 9.07 -3.19 11.46
N ALA E 96 9.19 -1.89 11.69
CA ALA E 96 10.26 -1.31 12.55
C ALA E 96 10.06 -1.79 13.99
N GLU E 97 8.83 -1.70 14.52
CA GLU E 97 8.53 -2.03 15.93
C GLU E 97 8.81 -3.52 16.14
N LEU E 98 8.38 -4.37 15.21
CA LEU E 98 8.47 -5.83 15.41
C LEU E 98 9.94 -6.26 15.31
N LEU E 99 10.67 -5.75 14.32
CA LEU E 99 12.09 -6.11 14.13
C LEU E 99 12.85 -5.76 15.42
N VAL E 100 12.59 -4.60 16.00
CA VAL E 100 13.25 -4.15 17.25
C VAL E 100 12.86 -5.08 18.42
N LEU E 101 11.58 -5.40 18.60
CA LEU E 101 11.12 -6.31 19.68
C LEU E 101 11.85 -7.65 19.55
N MET E 102 11.83 -8.24 18.35
CA MET E 102 12.35 -9.61 18.12
C MET E 102 13.88 -9.61 18.29
N GLU E 103 14.58 -8.59 17.81
CA GLU E 103 16.07 -8.55 17.88
C GLU E 103 16.54 -8.16 19.30
N ASN E 104 15.72 -7.42 20.05
CA ASN E 104 16.00 -7.13 21.48
C ASN E 104 16.04 -8.44 22.25
N GLU E 105 15.05 -9.32 22.06
CA GLU E 105 14.98 -10.66 22.70
C GLU E 105 16.21 -11.47 22.33
N ARG E 106 16.61 -11.46 21.06
CA ARG E 106 17.79 -12.24 20.61
C ARG E 106 19.06 -11.66 21.23
N THR E 107 19.15 -10.35 21.40
CA THR E 107 20.36 -9.67 21.92
C THR E 107 20.58 -10.09 23.40
N LEU E 108 19.52 -10.06 24.22
CA LEU E 108 19.61 -10.40 25.66
C LEU E 108 20.02 -11.87 25.81
N ASP E 109 19.42 -12.76 25.01
CA ASP E 109 19.75 -14.20 24.97
C ASP E 109 21.18 -14.40 24.41
N PHE E 110 21.65 -13.59 23.48
CA PHE E 110 23.04 -13.64 22.96
C PHE E 110 24.02 -13.46 24.13
N HIS E 111 23.80 -12.45 24.97
CA HIS E 111 24.63 -12.13 26.15
C HIS E 111 24.60 -13.32 27.13
N ASP E 112 23.39 -13.81 27.46
CA ASP E 112 23.14 -14.98 28.32
C ASP E 112 24.01 -16.16 27.83
N SER E 113 24.00 -16.44 26.52
CA SER E 113 24.78 -17.53 25.89
C SER E 113 26.30 -17.26 25.99
N ASN E 114 26.74 -16.01 25.82
CA ASN E 114 28.21 -15.69 25.84
C ASN E 114 28.78 -15.97 27.26
N VAL E 115 28.02 -15.63 28.31
CA VAL E 115 28.36 -15.86 29.74
C VAL E 115 28.42 -17.37 30.00
N LYS E 116 27.35 -18.11 29.72
CA LYS E 116 27.33 -19.60 29.83
C LYS E 116 28.56 -20.20 29.15
N ASN E 117 28.95 -19.76 27.96
CA ASN E 117 30.07 -20.34 27.17
C ASN E 117 31.42 -19.97 27.81
N LEU E 118 31.52 -18.78 28.41
CA LEU E 118 32.75 -18.36 29.15
C LEU E 118 32.95 -19.27 30.36
N TYR E 119 31.89 -19.49 31.14
CA TYR E 119 31.86 -20.38 32.33
C TYR E 119 32.28 -21.79 31.93
N ASP E 120 31.77 -22.32 30.82
CA ASP E 120 32.08 -23.70 30.34
C ASP E 120 33.53 -23.78 29.85
N LYS E 121 34.05 -22.73 29.23
CA LYS E 121 35.46 -22.66 28.76
C LYS E 121 36.40 -22.93 29.96
N VAL E 122 36.10 -22.29 31.10
CA VAL E 122 36.87 -22.35 32.37
C VAL E 122 36.69 -23.72 33.04
N ARG E 123 35.45 -24.21 33.15
CA ARG E 123 35.13 -25.52 33.78
C ARG E 123 35.93 -26.62 33.09
N LEU E 124 35.95 -26.65 31.74
CA LEU E 124 36.62 -27.69 30.93
C LEU E 124 38.16 -27.57 31.04
N GLN E 125 38.66 -26.41 31.46
CA GLN E 125 40.11 -26.21 31.75
C GLN E 125 40.45 -26.78 33.13
N LEU E 126 39.66 -26.45 34.15
CA LEU E 126 39.96 -26.73 35.59
C LEU E 126 39.64 -28.19 35.93
N ARG E 127 38.66 -28.82 35.28
CA ARG E 127 38.26 -30.25 35.50
C ARG E 127 38.17 -30.49 37.02
N ASP E 128 38.77 -31.57 37.54
CA ASP E 128 38.70 -31.94 38.98
C ASP E 128 39.73 -31.16 39.82
N ASN E 129 40.62 -30.36 39.20
CA ASN E 129 41.57 -29.47 39.92
C ASN E 129 40.85 -28.35 40.68
N ALA E 130 39.53 -28.21 40.56
CA ALA E 130 38.74 -27.24 41.35
C ALA E 130 37.31 -27.74 41.56
N LYS E 131 36.62 -27.13 42.53
CA LYS E 131 35.24 -27.45 42.98
C LYS E 131 34.27 -26.40 42.41
N GLU E 132 33.17 -26.87 41.81
CA GLU E 132 32.08 -26.04 41.23
C GLU E 132 31.10 -25.65 42.34
N LEU E 133 31.11 -24.38 42.78
CA LEU E 133 30.27 -23.90 43.90
C LEU E 133 28.81 -23.74 43.47
N GLY E 134 28.56 -23.54 42.17
CA GLY E 134 27.20 -23.45 41.57
C GLY E 134 26.65 -22.03 41.58
N ASN E 135 27.51 -21.04 41.80
CA ASN E 135 27.14 -19.60 41.82
C ASN E 135 27.99 -18.85 40.78
N GLY E 136 28.68 -19.58 39.91
CA GLY E 136 29.62 -19.00 38.92
C GLY E 136 31.07 -19.10 39.37
N CYS E 137 31.32 -19.51 40.62
CA CYS E 137 32.67 -19.53 41.26
C CYS E 137 33.22 -20.96 41.32
N PHE E 138 34.53 -21.09 41.07
CA PHE E 138 35.33 -22.34 41.20
C PHE E 138 36.33 -22.20 42.37
N GLU E 139 36.15 -22.96 43.45
CA GLU E 139 37.13 -23.06 44.57
C GLU E 139 38.25 -24.02 44.15
N PHE E 140 39.47 -23.51 44.04
CA PHE E 140 40.67 -24.30 43.65
C PHE E 140 41.03 -25.28 44.77
N TYR E 141 41.46 -26.48 44.37
CA TYR E 141 41.96 -27.52 45.31
C TYR E 141 43.45 -27.30 45.56
N HIS E 142 44.08 -26.38 44.83
CA HIS E 142 45.52 -26.02 45.00
C HIS E 142 45.64 -24.52 45.23
N LYS E 143 46.89 -24.06 45.39
CA LYS E 143 47.24 -22.61 45.42
C LYS E 143 47.33 -22.16 43.96
N CYS E 144 46.71 -21.02 43.65
CA CYS E 144 46.65 -20.40 42.29
C CYS E 144 46.97 -18.92 42.46
N ASP E 145 48.27 -18.58 42.32
CA ASP E 145 48.82 -17.20 42.43
C ASP E 145 48.41 -16.42 41.18
N ASN E 146 48.65 -15.11 41.17
CA ASN E 146 48.20 -14.15 40.12
C ASN E 146 48.66 -14.64 38.73
N GLU E 147 49.71 -15.45 38.64
CA GLU E 147 50.26 -15.94 37.35
C GLU E 147 49.55 -17.24 36.92
N CYS E 148 49.01 -18.00 37.88
CA CYS E 148 48.11 -19.18 37.63
C CYS E 148 46.75 -18.69 37.12
N MET E 149 46.15 -17.71 37.81
CA MET E 149 44.86 -17.04 37.45
C MET E 149 44.89 -16.55 35.99
N GLU E 150 45.95 -15.84 35.58
CA GLU E 150 46.09 -15.30 34.19
C GLU E 150 46.12 -16.45 33.17
N SER E 151 46.71 -17.60 33.52
CA SER E 151 46.77 -18.82 32.66
C SER E 151 45.34 -19.31 32.36
N VAL E 152 44.41 -19.13 33.31
CA VAL E 152 42.97 -19.51 33.21
C VAL E 152 42.26 -18.51 32.29
N ARG E 153 42.50 -17.20 32.52
CA ARG E 153 41.95 -16.04 31.75
C ARG E 153 42.35 -16.17 30.28
N ASN E 154 43.64 -16.38 29.97
CA ASN E 154 44.17 -16.39 28.57
C ASN E 154 43.94 -17.78 27.94
N GLY E 155 43.44 -18.76 28.71
CA GLY E 155 42.97 -20.06 28.19
C GLY E 155 44.09 -21.05 27.94
N THR E 156 45.19 -20.97 28.71
CA THR E 156 46.36 -21.90 28.72
C THR E 156 46.69 -22.30 30.16
N TYR E 157 45.77 -23.01 30.83
CA TYR E 157 45.94 -23.56 32.19
C TYR E 157 46.59 -24.94 32.06
N ASP E 158 47.71 -25.15 32.76
CA ASP E 158 48.49 -26.42 32.75
C ASP E 158 47.86 -27.33 33.82
N TYR E 159 46.98 -28.24 33.39
CA TYR E 159 46.21 -29.14 34.29
C TYR E 159 47.16 -30.12 34.98
N PRO E 160 48.04 -30.84 34.24
CA PRO E 160 49.01 -31.76 34.87
C PRO E 160 49.89 -31.15 35.98
N GLN E 161 50.37 -29.91 35.82
CA GLN E 161 51.27 -29.23 36.80
C GLN E 161 50.67 -29.25 38.20
N TYR E 162 49.34 -29.13 38.35
CA TYR E 162 48.65 -28.93 39.65
C TYR E 162 47.83 -30.17 40.07
N SER E 163 47.68 -31.19 39.21
CA SER E 163 46.73 -32.33 39.38
C SER E 163 47.07 -33.18 40.60
N GLU E 164 48.36 -33.49 40.81
CA GLU E 164 48.81 -34.30 41.97
C GLU E 164 48.49 -33.55 43.28
N GLU E 165 48.87 -32.27 43.39
CA GLU E 165 48.59 -31.46 44.61
C GLU E 165 47.06 -31.43 44.82
N ALA E 166 46.31 -31.18 43.74
CA ALA E 166 44.83 -31.07 43.74
C ALA E 166 44.19 -32.36 44.28
N ARG E 167 44.64 -33.52 43.80
CA ARG E 167 44.12 -34.86 44.21
C ARG E 167 44.29 -35.03 45.73
N LEU E 168 45.46 -34.69 46.29
CA LEU E 168 45.80 -34.83 47.73
C LEU E 168 44.82 -33.99 48.59
N LYS E 169 44.46 -32.79 48.14
CA LYS E 169 43.55 -31.88 48.90
C LYS E 169 42.11 -32.36 48.69
N ARG E 170 41.78 -32.84 47.48
CA ARG E 170 40.40 -33.23 47.10
C ARG E 170 39.98 -34.46 47.90
N GLU E 171 40.76 -35.54 47.80
CA GLU E 171 40.50 -36.82 48.51
C GLU E 171 40.50 -36.58 50.03
N GLU E 172 41.27 -35.61 50.51
CA GLU E 172 41.23 -35.13 51.93
C GLU E 172 39.82 -34.59 52.27
N ILE E 173 39.35 -33.57 51.56
CA ILE E 173 38.11 -32.80 51.91
C ILE E 173 36.88 -33.64 51.54
N SER E 174 36.93 -34.33 50.39
CA SER E 174 35.84 -35.19 49.84
C SER E 174 36.43 -36.49 49.26
N GLY F 1 28.92 -19.79 18.10
CA GLY F 1 27.45 -19.89 17.99
C GLY F 1 26.78 -19.98 19.35
N LEU F 2 25.45 -19.95 19.37
CA LEU F 2 24.61 -19.84 20.58
C LEU F 2 24.84 -21.04 21.52
N PHE F 3 25.03 -22.25 20.99
CA PHE F 3 25.01 -23.53 21.76
C PHE F 3 26.43 -24.00 22.12
N GLY F 4 27.47 -23.31 21.63
CA GLY F 4 28.87 -23.46 22.12
C GLY F 4 29.58 -24.70 21.57
N ALA F 5 28.92 -25.52 20.74
CA ALA F 5 29.47 -26.79 20.18
C ALA F 5 30.27 -26.54 18.90
N ILE F 6 29.63 -26.09 17.80
CA ILE F 6 30.32 -25.84 16.50
C ILE F 6 31.29 -24.66 16.65
N ALA F 7 32.53 -24.83 16.18
CA ALA F 7 33.67 -23.89 16.36
C ALA F 7 33.72 -23.39 17.82
N GLY F 8 33.37 -24.26 18.78
CA GLY F 8 33.46 -24.02 20.23
C GLY F 8 34.31 -25.11 20.89
N PHE F 9 33.69 -25.95 21.73
CA PHE F 9 34.37 -27.06 22.46
C PHE F 9 34.74 -28.16 21.47
N ILE F 10 34.06 -28.24 20.32
CA ILE F 10 34.53 -29.04 19.14
C ILE F 10 35.16 -28.06 18.16
N GLU F 11 36.50 -28.11 18.04
CA GLU F 11 37.32 -27.01 17.45
C GLU F 11 37.03 -26.85 15.95
N GLY F 12 36.69 -27.93 15.24
CA GLY F 12 36.58 -27.93 13.76
C GLY F 12 35.70 -29.06 13.23
N GLY F 13 35.38 -28.98 11.93
CA GLY F 13 34.61 -30.01 11.20
C GLY F 13 35.51 -31.04 10.54
N TRP F 14 34.94 -32.17 10.10
CA TRP F 14 35.69 -33.31 9.51
C TRP F 14 35.41 -33.40 8.00
N GLN F 15 36.34 -32.92 7.16
CA GLN F 15 36.42 -33.23 5.71
C GLN F 15 36.19 -34.73 5.49
N GLY F 16 36.65 -35.55 6.45
CA GLY F 16 36.63 -37.02 6.38
C GLY F 16 35.22 -37.59 6.35
N MET F 17 34.27 -36.98 7.09
CA MET F 17 32.87 -37.48 7.11
C MET F 17 32.12 -36.88 5.92
N VAL F 18 31.76 -37.73 4.96
CA VAL F 18 31.27 -37.33 3.61
C VAL F 18 29.78 -37.65 3.50
N ASP F 19 29.30 -38.71 4.15
CA ASP F 19 27.94 -39.27 3.97
C ASP F 19 27.01 -38.79 5.09
N GLY F 20 27.36 -37.72 5.81
CA GLY F 20 26.52 -37.21 6.93
C GLY F 20 26.89 -35.82 7.40
N TRP F 21 25.98 -35.18 8.14
CA TRP F 21 26.14 -33.79 8.67
C TRP F 21 26.80 -33.83 10.06
N TYR F 22 26.29 -34.71 10.93
CA TYR F 22 26.86 -34.99 12.27
C TYR F 22 27.21 -36.47 12.39
N GLY F 23 28.24 -36.80 13.20
CA GLY F 23 28.54 -38.20 13.54
C GLY F 23 29.80 -38.40 14.39
N TYR F 24 30.47 -39.53 14.16
CA TYR F 24 31.47 -40.13 15.08
C TYR F 24 32.78 -40.46 14.35
N HIS F 25 33.90 -40.34 15.07
CA HIS F 25 35.23 -40.94 14.75
C HIS F 25 35.60 -41.92 15.87
N HIS F 26 35.72 -43.21 15.54
CA HIS F 26 36.15 -44.29 16.47
C HIS F 26 37.61 -44.64 16.18
N SER F 27 38.40 -44.99 17.21
CA SER F 27 39.79 -45.50 17.08
C SER F 27 40.08 -46.55 18.17
N ASN F 28 39.88 -47.83 17.84
CA ASN F 28 40.12 -49.01 18.72
C ASN F 28 41.29 -49.81 18.12
N GLU F 29 41.44 -51.10 18.49
CA GLU F 29 42.52 -52.00 18.00
C GLU F 29 42.30 -52.36 16.54
N GLN F 30 41.05 -52.62 16.13
CA GLN F 30 40.66 -52.91 14.72
C GLN F 30 41.07 -51.75 13.80
N GLY F 31 41.28 -50.54 14.32
CA GLY F 31 41.71 -49.35 13.56
C GLY F 31 40.68 -48.23 13.62
N SER F 32 41.02 -47.07 13.03
CA SER F 32 40.23 -45.81 13.08
C SER F 32 39.11 -45.81 12.02
N GLY F 33 38.46 -44.66 11.77
CA GLY F 33 37.41 -44.48 10.76
C GLY F 33 36.29 -43.54 11.22
N TYR F 34 35.57 -42.96 10.26
CA TYR F 34 34.42 -42.03 10.46
C TYR F 34 33.10 -42.75 10.15
N ALA F 35 32.05 -42.46 10.91
CA ALA F 35 30.67 -42.97 10.66
C ALA F 35 29.65 -41.88 11.04
N ALA F 36 28.65 -41.64 10.17
CA ALA F 36 27.62 -40.60 10.32
C ALA F 36 26.47 -41.11 11.20
N ASP F 37 25.91 -40.26 12.07
CA ASP F 37 24.66 -40.56 12.82
C ASP F 37 23.47 -40.33 11.87
N LYS F 38 22.86 -41.41 11.40
CA LYS F 38 21.78 -41.37 10.38
C LYS F 38 20.55 -40.67 10.98
N GLU F 39 20.19 -41.01 12.22
CA GLU F 39 18.95 -40.56 12.90
C GLU F 39 18.91 -39.02 13.03
N SER F 40 19.96 -38.40 13.55
CA SER F 40 20.01 -36.93 13.82
C SER F 40 20.25 -36.16 12.51
N THR F 41 21.00 -36.74 11.56
CA THR F 41 21.22 -36.16 10.21
C THR F 41 19.87 -36.11 9.45
N GLN F 42 19.08 -37.18 9.49
CA GLN F 42 17.77 -37.24 8.80
C GLN F 42 16.80 -36.24 9.45
N LYS F 43 16.79 -36.14 10.77
CA LYS F 43 15.89 -35.21 11.50
C LYS F 43 16.21 -33.77 11.07
N ALA F 44 17.49 -33.45 10.91
CA ALA F 44 17.99 -32.12 10.48
C ALA F 44 17.59 -31.85 9.03
N ILE F 45 17.68 -32.86 8.16
CA ILE F 45 17.29 -32.76 6.73
C ILE F 45 15.78 -32.47 6.64
N ASP F 46 14.94 -33.23 7.35
CA ASP F 46 13.47 -33.05 7.40
C ASP F 46 13.15 -31.59 7.75
N GLY F 47 13.83 -31.05 8.79
CA GLY F 47 13.59 -29.70 9.31
C GLY F 47 13.94 -28.62 8.30
N VAL F 48 15.11 -28.74 7.65
CA VAL F 48 15.65 -27.72 6.71
C VAL F 48 14.80 -27.74 5.44
N THR F 49 14.45 -28.93 4.92
CA THR F 49 13.62 -29.12 3.71
C THR F 49 12.25 -28.46 3.94
N ASN F 50 11.62 -28.73 5.08
CA ASN F 50 10.36 -28.06 5.50
C ASN F 50 10.56 -26.54 5.55
N LYS F 51 11.69 -26.05 6.08
CA LYS F 51 11.93 -24.59 6.23
C LYS F 51 11.97 -23.94 4.83
N VAL F 52 12.73 -24.52 3.90
CA VAL F 52 12.89 -24.00 2.51
C VAL F 52 11.49 -23.93 1.86
N ASN F 53 10.74 -25.03 1.93
CA ASN F 53 9.38 -25.14 1.34
C ASN F 53 8.45 -24.12 2.00
N SER F 54 8.58 -23.89 3.31
CA SER F 54 7.73 -22.95 4.09
C SER F 54 8.00 -21.52 3.64
N ILE F 55 9.27 -21.16 3.38
CA ILE F 55 9.68 -19.79 2.99
C ILE F 55 9.14 -19.50 1.58
N ILE F 56 9.37 -20.43 0.64
CA ILE F 56 8.85 -20.33 -0.75
C ILE F 56 7.33 -20.14 -0.72
N ASP F 57 6.57 -21.06 -0.12
CA ASP F 57 5.08 -21.07 -0.15
C ASP F 57 4.51 -19.84 0.57
N LYS F 58 5.16 -19.29 1.59
CA LYS F 58 4.69 -18.04 2.26
C LYS F 58 4.75 -16.86 1.29
N MET F 59 5.47 -16.98 0.17
CA MET F 59 5.63 -15.91 -0.84
C MET F 59 4.80 -16.21 -2.10
N ASN F 60 3.87 -17.17 -2.01
CA ASN F 60 2.87 -17.47 -3.06
C ASN F 60 1.92 -16.28 -3.25
N THR F 61 1.63 -15.52 -2.18
CA THR F 61 0.58 -14.48 -2.12
C THR F 61 1.20 -13.08 -2.31
N GLN F 62 2.38 -13.00 -2.92
CA GLN F 62 3.14 -11.75 -3.12
C GLN F 62 2.47 -10.89 -4.20
N PHE F 63 2.62 -9.56 -4.11
CA PHE F 63 2.04 -8.52 -5.01
C PHE F 63 2.54 -8.71 -6.45
N GLU F 64 1.63 -8.61 -7.43
CA GLU F 64 1.89 -8.66 -8.90
C GLU F 64 1.61 -7.29 -9.53
N ALA F 65 2.63 -6.64 -10.10
CA ALA F 65 2.52 -5.32 -10.75
C ALA F 65 1.74 -5.44 -12.08
N VAL F 66 0.95 -4.41 -12.42
CA VAL F 66 0.11 -4.32 -13.66
C VAL F 66 0.43 -3.00 -14.35
N GLY F 67 0.52 -3.00 -15.68
CA GLY F 67 0.59 -1.78 -16.51
C GLY F 67 -0.74 -1.04 -16.53
N ARG F 68 -0.73 0.22 -16.07
CA ARG F 68 -1.85 1.18 -16.27
C ARG F 68 -1.27 2.43 -16.95
N GLU F 69 -2.04 3.08 -17.81
CA GLU F 69 -1.56 4.27 -18.58
C GLU F 69 -2.42 5.47 -18.25
N PHE F 70 -1.82 6.66 -18.30
CA PHE F 70 -2.48 7.93 -17.92
C PHE F 70 -2.10 9.01 -18.95
N ASN F 71 -3.00 9.93 -19.22
CA ASN F 71 -2.74 11.07 -20.13
C ASN F 71 -2.04 12.19 -19.34
N ASN F 72 -1.70 13.27 -20.04
CA ASN F 72 -0.87 14.40 -19.56
C ASN F 72 -1.64 15.28 -18.54
N LEU F 73 -2.95 15.11 -18.39
CA LEU F 73 -3.72 15.82 -17.33
C LEU F 73 -4.18 14.84 -16.25
N GLU F 74 -3.50 13.69 -16.10
CA GLU F 74 -3.79 12.69 -15.04
C GLU F 74 -2.49 12.40 -14.28
N ARG F 75 -1.64 13.42 -14.12
CA ARG F 75 -0.30 13.26 -13.52
C ARG F 75 -0.45 12.85 -12.04
N ARG F 76 -1.47 13.34 -11.32
CA ARG F 76 -1.63 13.00 -9.88
C ARG F 76 -1.85 11.49 -9.74
N ILE F 77 -2.81 10.92 -10.48
CA ILE F 77 -3.12 9.48 -10.37
C ILE F 77 -1.99 8.66 -11.01
N GLU F 78 -1.34 9.14 -12.07
CA GLU F 78 -0.13 8.47 -12.63
C GLU F 78 0.89 8.29 -11.51
N ASN F 79 1.17 9.37 -10.76
CA ASN F 79 2.17 9.36 -9.65
C ASN F 79 1.66 8.47 -8.51
N LEU F 80 0.37 8.55 -8.16
CA LEU F 80 -0.23 7.67 -7.10
C LEU F 80 -0.01 6.20 -7.49
N ASN F 81 -0.33 5.85 -8.74
CA ASN F 81 -0.14 4.49 -9.30
C ASN F 81 1.32 4.06 -9.15
N LYS F 82 2.27 4.90 -9.56
CA LYS F 82 3.71 4.51 -9.57
C LYS F 82 4.14 4.29 -8.11
N LYS F 83 3.74 5.15 -7.19
CA LYS F 83 4.15 5.03 -5.76
C LYS F 83 3.49 3.80 -5.14
N MET F 84 2.24 3.52 -5.46
CA MET F 84 1.57 2.33 -4.90
C MET F 84 2.34 1.08 -5.37
N GLU F 85 2.67 0.97 -6.66
CA GLU F 85 3.34 -0.25 -7.20
C GLU F 85 4.75 -0.38 -6.60
N ASP F 86 5.56 0.69 -6.60
CA ASP F 86 6.91 0.69 -6.00
C ASP F 86 6.80 0.34 -4.50
N GLY F 87 5.78 0.90 -3.83
CA GLY F 87 5.52 0.67 -2.40
C GLY F 87 5.46 -0.81 -2.09
N PHE F 88 4.61 -1.55 -2.80
CA PHE F 88 4.41 -3.01 -2.59
C PHE F 88 5.68 -3.79 -2.96
N LEU F 89 6.37 -3.40 -4.05
CA LEU F 89 7.63 -4.07 -4.46
C LEU F 89 8.66 -3.95 -3.32
N ASP F 90 8.78 -2.78 -2.69
CA ASP F 90 9.72 -2.53 -1.57
C ASP F 90 9.29 -3.33 -0.34
N VAL F 91 7.99 -3.40 -0.05
CA VAL F 91 7.47 -4.20 1.10
C VAL F 91 7.85 -5.67 0.90
N TRP F 92 7.58 -6.27 -0.27
CA TRP F 92 7.83 -7.71 -0.53
C TRP F 92 9.34 -8.01 -0.62
N THR F 93 10.15 -7.08 -1.13
CA THR F 93 11.64 -7.22 -1.13
C THR F 93 12.14 -7.27 0.33
N TYR F 94 11.77 -6.30 1.17
CA TYR F 94 12.09 -6.30 2.62
C TYR F 94 11.63 -7.65 3.23
N ASN F 95 10.38 -8.09 2.98
CA ASN F 95 9.88 -9.34 3.59
C ASN F 95 10.81 -10.51 3.21
N ALA F 96 11.15 -10.65 1.92
CA ALA F 96 11.97 -11.77 1.42
C ALA F 96 13.37 -11.73 2.08
N GLU F 97 14.00 -10.56 2.07
CA GLU F 97 15.41 -10.42 2.52
C GLU F 97 15.45 -10.66 4.02
N LEU F 98 14.47 -10.15 4.77
CA LEU F 98 14.51 -10.26 6.25
C LEU F 98 14.26 -11.71 6.63
N LEU F 99 13.26 -12.35 6.02
CA LEU F 99 12.93 -13.77 6.35
C LEU F 99 14.20 -14.62 6.12
N VAL F 100 14.91 -14.40 5.01
CA VAL F 100 16.14 -15.16 4.68
C VAL F 100 17.24 -14.88 5.72
N LEU F 101 17.50 -13.62 6.06
CA LEU F 101 18.51 -13.27 7.10
C LEU F 101 18.17 -13.99 8.41
N MET F 102 16.93 -13.87 8.87
CA MET F 102 16.50 -14.37 10.20
C MET F 102 16.56 -15.90 10.24
N GLU F 103 16.13 -16.57 9.16
CA GLU F 103 16.07 -18.05 9.12
C GLU F 103 17.48 -18.64 8.89
N ASN F 104 18.37 -17.92 8.21
CA ASN F 104 19.79 -18.31 8.07
C ASN F 104 20.42 -18.40 9.48
N GLU F 105 20.24 -17.39 10.32
CA GLU F 105 20.76 -17.35 11.71
C GLU F 105 20.20 -18.54 12.51
N ARG F 106 18.90 -18.83 12.37
CA ARG F 106 18.27 -19.94 13.13
C ARG F 106 18.82 -21.27 12.61
N THR F 107 19.08 -21.41 11.31
CA THR F 107 19.58 -22.66 10.71
C THR F 107 20.98 -23.00 11.29
N LEU F 108 21.89 -22.03 11.35
CA LEU F 108 23.28 -22.26 11.82
C LEU F 108 23.23 -22.65 13.30
N ASP F 109 22.41 -21.95 14.10
CA ASP F 109 22.17 -22.26 15.53
C ASP F 109 21.48 -23.64 15.68
N PHE F 110 20.58 -24.01 14.77
CA PHE F 110 19.92 -25.35 14.76
C PHE F 110 20.99 -26.46 14.69
N HIS F 111 21.97 -26.31 13.79
CA HIS F 111 23.09 -27.26 13.61
C HIS F 111 23.92 -27.32 14.91
N ASP F 112 24.31 -26.16 15.44
CA ASP F 112 25.05 -25.99 16.72
C ASP F 112 24.34 -26.79 17.81
N SER F 113 23.02 -26.64 17.94
CA SER F 113 22.18 -27.35 18.95
C SER F 113 22.15 -28.86 18.68
N ASN F 114 22.08 -29.31 17.41
CA ASN F 114 21.99 -30.75 17.08
C ASN F 114 23.28 -31.47 17.52
N VAL F 115 24.43 -30.83 17.30
CA VAL F 115 25.79 -31.34 17.67
C VAL F 115 25.88 -31.42 19.20
N LYS F 116 25.63 -30.32 19.92
CA LYS F 116 25.60 -30.30 21.42
C LYS F 116 24.73 -31.46 21.95
N ASN F 117 23.55 -31.68 21.36
CA ASN F 117 22.59 -32.73 21.83
C ASN F 117 23.12 -34.14 21.50
N LEU F 118 23.84 -34.31 20.40
CA LEU F 118 24.46 -35.60 20.02
C LEU F 118 25.53 -35.96 21.07
N TYR F 119 26.39 -34.99 21.40
CA TYR F 119 27.45 -35.11 22.43
C TYR F 119 26.84 -35.49 23.78
N ASP F 120 25.76 -34.83 24.18
CA ASP F 120 25.08 -35.07 25.49
C ASP F 120 24.39 -36.44 25.50
N LYS F 121 23.85 -36.89 24.36
CA LYS F 121 23.23 -38.24 24.19
C LYS F 121 24.25 -39.31 24.63
N VAL F 122 25.49 -39.16 24.16
CA VAL F 122 26.62 -40.09 24.36
C VAL F 122 27.15 -39.98 25.80
N ARG F 123 27.34 -38.76 26.32
CA ARG F 123 27.82 -38.51 27.70
C ARG F 123 26.90 -39.22 28.69
N LEU F 124 25.57 -39.06 28.55
CA LEU F 124 24.55 -39.63 29.47
C LEU F 124 24.45 -41.16 29.31
N GLN F 125 24.96 -41.72 28.22
CA GLN F 125 25.09 -43.19 28.02
C GLN F 125 26.32 -43.70 28.81
N LEU F 126 27.48 -43.06 28.60
CA LEU F 126 28.82 -43.53 29.05
C LEU F 126 29.03 -43.25 30.55
N ARG F 127 28.48 -42.17 31.10
CA ARG F 127 28.63 -41.78 32.54
C ARG F 127 30.10 -41.93 32.95
N ASP F 128 30.41 -42.59 34.08
CA ASP F 128 31.82 -42.75 34.57
C ASP F 128 32.55 -43.91 33.85
N ASN F 129 31.87 -44.67 33.00
CA ASN F 129 32.43 -45.73 32.09
C ASN F 129 33.48 -45.15 31.13
N ALA F 130 33.58 -43.82 31.00
CA ALA F 130 34.59 -43.14 30.14
C ALA F 130 34.96 -41.76 30.70
N LYS F 131 36.06 -41.21 30.20
CA LYS F 131 36.64 -39.91 30.60
C LYS F 131 36.34 -38.85 29.52
N GLU F 132 35.80 -37.70 29.92
CA GLU F 132 35.46 -36.55 29.05
C GLU F 132 36.73 -35.71 28.81
N LEU F 133 37.31 -35.76 27.61
CA LEU F 133 38.57 -35.04 27.26
C LEU F 133 38.32 -33.55 27.10
N GLY F 134 37.09 -33.14 26.75
CA GLY F 134 36.67 -31.73 26.63
C GLY F 134 36.90 -31.14 25.24
N ASN F 135 37.15 -32.01 24.25
CA ASN F 135 37.40 -31.62 22.83
C ASN F 135 36.36 -32.32 21.94
N GLY F 136 35.32 -32.92 22.53
CA GLY F 136 34.31 -33.70 21.81
C GLY F 136 34.56 -35.20 21.91
N CYS F 137 35.69 -35.61 22.50
CA CYS F 137 36.12 -37.03 22.56
C CYS F 137 35.97 -37.59 23.98
N PHE F 138 35.57 -38.86 24.07
CA PHE F 138 35.47 -39.68 25.31
C PHE F 138 36.50 -40.82 25.26
N GLU F 139 37.50 -40.80 26.15
CA GLU F 139 38.44 -41.94 26.35
C GLU F 139 37.74 -42.99 27.23
N PHE F 140 37.52 -44.19 26.68
CA PHE F 140 36.87 -45.33 27.37
C PHE F 140 37.82 -45.86 28.46
N TYR F 141 37.22 -46.27 29.59
CA TYR F 141 37.92 -46.98 30.69
C TYR F 141 37.94 -48.49 30.37
N HIS F 142 37.41 -48.87 29.19
CA HIS F 142 37.66 -50.16 28.49
C HIS F 142 37.55 -49.94 26.96
#